data_1WRK
# 
_entry.id   1WRK 
# 
_audit_conform.dict_name       mmcif_pdbx.dic 
_audit_conform.dict_version    5.380 
_audit_conform.dict_location   http://mmcif.pdb.org/dictionaries/ascii/mmcif_pdbx.dic 
# 
loop_
_database_2.database_id 
_database_2.database_code 
_database_2.pdbx_database_accession 
_database_2.pdbx_DOI 
PDB   1WRK         pdb_00001wrk 10.2210/pdb1wrk/pdb 
RCSB  RCSB023917   ?            ?                   
WWPDB D_1000023917 ?            ?                   
# 
_pdbx_database_related.db_name        PDB 
_pdbx_database_related.db_id          1WRL 
_pdbx_database_related.details        'the same protein in monoclinic crystal form' 
_pdbx_database_related.content_type   unspecified 
# 
_pdbx_database_status.status_code                     REL 
_pdbx_database_status.entry_id                        1WRK 
_pdbx_database_status.recvd_initial_deposition_date   2004-10-20 
_pdbx_database_status.deposit_site                    PDBJ 
_pdbx_database_status.process_site                    PDBJ 
_pdbx_database_status.status_code_sf                  REL 
_pdbx_database_status.status_code_mr                  ? 
_pdbx_database_status.SG_entry                        ? 
_pdbx_database_status.pdb_format_compatible           Y 
_pdbx_database_status.status_code_cs                  ? 
_pdbx_database_status.status_code_nmr_data            ? 
_pdbx_database_status.methods_development_category    ? 
# 
loop_
_audit_author.name 
_audit_author.pdbx_ordinal 
'Takeda, S.'   1 
'Igarashi, T.' 2 
'Oishi, Y.'    3 
'Mori, H.'     4 
# 
_citation.id                        primary 
_citation.title                     
'Crystal structure of the N-terminal domain of human cardiac troponin C in complex with trifluoperazine' 
_citation.journal_abbrev            'To be Published' 
_citation.journal_volume            ? 
_citation.page_first                ? 
_citation.page_last                 ? 
_citation.year                      ? 
_citation.journal_id_ASTM           ? 
_citation.country                   ? 
_citation.journal_id_ISSN           ? 
_citation.journal_id_CSD            0353 
_citation.book_publisher            ? 
_citation.pdbx_database_id_PubMed   ? 
_citation.pdbx_database_id_DOI      ? 
# 
loop_
_citation_author.citation_id 
_citation_author.name 
_citation_author.ordinal 
_citation_author.identifier_ORCID 
primary 'Takeda, S.'   1 ? 
primary 'Igarashi, T.' 2 ? 
primary 'Oishi, Y.'    3 ? 
primary 'Mori, H.'     4 ? 
# 
_cell.entry_id           1WRK 
_cell.length_a           40.330 
_cell.length_b           47.900 
_cell.length_c           98.640 
_cell.angle_alpha        90.00 
_cell.angle_beta         90.00 
_cell.angle_gamma        90.00 
_cell.Z_PDB              8 
_cell.pdbx_unique_axis   ? 
_cell.length_a_esd       ? 
_cell.length_b_esd       ? 
_cell.length_c_esd       ? 
_cell.angle_alpha_esd    ? 
_cell.angle_beta_esd     ? 
_cell.angle_gamma_esd    ? 
# 
_symmetry.entry_id                         1WRK 
_symmetry.space_group_name_H-M             'P 21 21 21' 
_symmetry.pdbx_full_space_group_name_H-M   ? 
_symmetry.cell_setting                     ? 
_symmetry.Int_Tables_number                19 
_symmetry.space_group_name_Hall            ? 
# 
loop_
_entity.id 
_entity.type 
_entity.src_method 
_entity.pdbx_description 
_entity.formula_weight 
_entity.pdbx_number_of_molecules 
_entity.pdbx_ec 
_entity.pdbx_mutation 
_entity.pdbx_fragment 
_entity.details 
1 polymer     man 'Troponin C, slow skeletal and cardiac muscles'                               9951.096 2   ? 'C35S, C84S' 
'N-terminal domain' ? 
2 non-polymer syn 'CALCIUM ION'                                                                 40.078   2   ? ?            ? ? 
3 non-polymer syn '10-[3-(4-METHYL-PIPERAZIN-1-YL)-PROPYL]-2-TRIFLUOROMETHYL-10H-PHENOTHIAZINE' 407.496  4   ? ?            ? ? 
4 water       nat water                                                                         18.015   100 ? ?            ? ? 
# 
_entity_name_com.entity_id   1 
_entity_name_com.name        TN-C 
# 
_entity_poly.entity_id                      1 
_entity_poly.type                           'polypeptide(L)' 
_entity_poly.nstd_linkage                   no 
_entity_poly.nstd_monomer                   no 
_entity_poly.pdbx_seq_one_letter_code       
;MDDIYKAAVEQLTEEQKNEFKAAFDIFVLGAEDGSISTKELGKVMRMLGQNPTPEELQEMIDEVDEDGSGTVDFDEFLVM
MVRSMKDD
;
_entity_poly.pdbx_seq_one_letter_code_can   
;MDDIYKAAVEQLTEEQKNEFKAAFDIFVLGAEDGSISTKELGKVMRMLGQNPTPEELQEMIDEVDEDGSGTVDFDEFLVM
MVRSMKDD
;
_entity_poly.pdbx_strand_id                 A,B 
_entity_poly.pdbx_target_identifier         ? 
# 
loop_
_entity_poly_seq.entity_id 
_entity_poly_seq.num 
_entity_poly_seq.mon_id 
_entity_poly_seq.hetero 
1 1  MET n 
1 2  ASP n 
1 3  ASP n 
1 4  ILE n 
1 5  TYR n 
1 6  LYS n 
1 7  ALA n 
1 8  ALA n 
1 9  VAL n 
1 10 GLU n 
1 11 GLN n 
1 12 LEU n 
1 13 THR n 
1 14 GLU n 
1 15 GLU n 
1 16 GLN n 
1 17 LYS n 
1 18 ASN n 
1 19 GLU n 
1 20 PHE n 
1 21 LYS n 
1 22 ALA n 
1 23 ALA n 
1 24 PHE n 
1 25 ASP n 
1 26 ILE n 
1 27 PHE n 
1 28 VAL n 
1 29 LEU n 
1 30 GLY n 
1 31 ALA n 
1 32 GLU n 
1 33 ASP n 
1 34 GLY n 
1 35 SER n 
1 36 ILE n 
1 37 SER n 
1 38 THR n 
1 39 LYS n 
1 40 GLU n 
1 41 LEU n 
1 42 GLY n 
1 43 LYS n 
1 44 VAL n 
1 45 MET n 
1 46 ARG n 
1 47 MET n 
1 48 LEU n 
1 49 GLY n 
1 50 GLN n 
1 51 ASN n 
1 52 PRO n 
1 53 THR n 
1 54 PRO n 
1 55 GLU n 
1 56 GLU n 
1 57 LEU n 
1 58 GLN n 
1 59 GLU n 
1 60 MET n 
1 61 ILE n 
1 62 ASP n 
1 63 GLU n 
1 64 VAL n 
1 65 ASP n 
1 66 GLU n 
1 67 ASP n 
1 68 GLY n 
1 69 SER n 
1 70 GLY n 
1 71 THR n 
1 72 VAL n 
1 73 ASP n 
1 74 PHE n 
1 75 ASP n 
1 76 GLU n 
1 77 PHE n 
1 78 LEU n 
1 79 VAL n 
1 80 MET n 
1 81 MET n 
1 82 VAL n 
1 83 ARG n 
1 84 SER n 
1 85 MET n 
1 86 LYS n 
1 87 ASP n 
1 88 ASP n 
# 
_entity_src_gen.entity_id                          1 
_entity_src_gen.pdbx_src_id                        1 
_entity_src_gen.pdbx_alt_source_flag               sample 
_entity_src_gen.pdbx_seq_type                      ? 
_entity_src_gen.pdbx_beg_seq_num                   ? 
_entity_src_gen.pdbx_end_seq_num                   ? 
_entity_src_gen.gene_src_common_name               human 
_entity_src_gen.gene_src_genus                     Homo 
_entity_src_gen.pdbx_gene_src_gene                 ? 
_entity_src_gen.gene_src_species                   ? 
_entity_src_gen.gene_src_strain                    ? 
_entity_src_gen.gene_src_tissue                    ? 
_entity_src_gen.gene_src_tissue_fraction           ? 
_entity_src_gen.gene_src_details                   ? 
_entity_src_gen.pdbx_gene_src_fragment             ? 
_entity_src_gen.pdbx_gene_src_scientific_name      'Homo sapiens' 
_entity_src_gen.pdbx_gene_src_ncbi_taxonomy_id     9606 
_entity_src_gen.pdbx_gene_src_variant              ? 
_entity_src_gen.pdbx_gene_src_cell_line            ? 
_entity_src_gen.pdbx_gene_src_atcc                 ? 
_entity_src_gen.pdbx_gene_src_organ                ? 
_entity_src_gen.pdbx_gene_src_organelle            ? 
_entity_src_gen.pdbx_gene_src_cell                 ? 
_entity_src_gen.pdbx_gene_src_cellular_location    ? 
_entity_src_gen.host_org_common_name               ? 
_entity_src_gen.pdbx_host_org_scientific_name      'Escherichia coli' 
_entity_src_gen.pdbx_host_org_ncbi_taxonomy_id     562 
_entity_src_gen.host_org_genus                     Escherichia 
_entity_src_gen.pdbx_host_org_gene                 ? 
_entity_src_gen.pdbx_host_org_organ                ? 
_entity_src_gen.host_org_species                   ? 
_entity_src_gen.pdbx_host_org_tissue               ? 
_entity_src_gen.pdbx_host_org_tissue_fraction      ? 
_entity_src_gen.pdbx_host_org_strain               'BL21(DE3)pLys-S' 
_entity_src_gen.pdbx_host_org_variant              ? 
_entity_src_gen.pdbx_host_org_cell_line            ? 
_entity_src_gen.pdbx_host_org_atcc                 ? 
_entity_src_gen.pdbx_host_org_culture_collection   ? 
_entity_src_gen.pdbx_host_org_cell                 ? 
_entity_src_gen.pdbx_host_org_organelle            ? 
_entity_src_gen.pdbx_host_org_cellular_location    ? 
_entity_src_gen.pdbx_host_org_vector_type          plasmid 
_entity_src_gen.pdbx_host_org_vector               ? 
_entity_src_gen.host_org_details                   ? 
_entity_src_gen.expression_system_id               ? 
_entity_src_gen.plasmid_name                       pET-3d 
_entity_src_gen.plasmid_details                    ? 
_entity_src_gen.pdbx_description                   ? 
# 
_struct_ref.id                         1 
_struct_ref.db_name                    UNP 
_struct_ref.db_code                    TPCC_HUMAN 
_struct_ref.pdbx_db_accession          P63316 
_struct_ref.entity_id                  1 
_struct_ref.pdbx_seq_one_letter_code   
;MDDIYKAAVEQLTEEQKNEFKAAFDIFVLGAEDGCISTKELGKVMRMLGQNPTPEELQEMIDEVDEDGSGTVDFDEFLVM
MVRCMKDD
;
_struct_ref.pdbx_align_begin           1 
_struct_ref.pdbx_db_isoform            ? 
# 
loop_
_struct_ref_seq.align_id 
_struct_ref_seq.ref_id 
_struct_ref_seq.pdbx_PDB_id_code 
_struct_ref_seq.pdbx_strand_id 
_struct_ref_seq.seq_align_beg 
_struct_ref_seq.pdbx_seq_align_beg_ins_code 
_struct_ref_seq.seq_align_end 
_struct_ref_seq.pdbx_seq_align_end_ins_code 
_struct_ref_seq.pdbx_db_accession 
_struct_ref_seq.db_align_beg 
_struct_ref_seq.pdbx_db_align_beg_ins_code 
_struct_ref_seq.db_align_end 
_struct_ref_seq.pdbx_db_align_end_ins_code 
_struct_ref_seq.pdbx_auth_seq_align_beg 
_struct_ref_seq.pdbx_auth_seq_align_end 
1 1 1WRK A 1 ? 88 ? P63316 1 ? 88 ? 1 88 
2 1 1WRK B 1 ? 88 ? P63316 1 ? 88 ? 1 88 
# 
loop_
_struct_ref_seq_dif.align_id 
_struct_ref_seq_dif.pdbx_pdb_id_code 
_struct_ref_seq_dif.mon_id 
_struct_ref_seq_dif.pdbx_pdb_strand_id 
_struct_ref_seq_dif.seq_num 
_struct_ref_seq_dif.pdbx_pdb_ins_code 
_struct_ref_seq_dif.pdbx_seq_db_name 
_struct_ref_seq_dif.pdbx_seq_db_accession_code 
_struct_ref_seq_dif.db_mon_id 
_struct_ref_seq_dif.pdbx_seq_db_seq_num 
_struct_ref_seq_dif.details 
_struct_ref_seq_dif.pdbx_auth_seq_num 
_struct_ref_seq_dif.pdbx_ordinal 
1 1WRK SER A 35 ? UNP P63316 CYS 35 'engineered mutation' 35 1 
1 1WRK SER A 84 ? UNP P63316 CYS 84 'engineered mutation' 84 2 
2 1WRK SER B 35 ? UNP P63316 CYS 35 'engineered mutation' 35 3 
2 1WRK SER B 84 ? UNP P63316 CYS 84 'engineered mutation' 84 4 
# 
loop_
_chem_comp.id 
_chem_comp.type 
_chem_comp.mon_nstd_flag 
_chem_comp.name 
_chem_comp.pdbx_synonyms 
_chem_comp.formula 
_chem_comp.formula_weight 
ALA 'L-peptide linking' y ALANINE                                                                       ? 'C3 H7 N O2'      89.093 
ARG 'L-peptide linking' y ARGININE                                                                      ? 'C6 H15 N4 O2 1'  
175.209 
ASN 'L-peptide linking' y ASPARAGINE                                                                    ? 'C4 H8 N2 O3'     
132.118 
ASP 'L-peptide linking' y 'ASPARTIC ACID'                                                               ? 'C4 H7 N O4'      
133.103 
CA  non-polymer         . 'CALCIUM ION'                                                                 ? 'Ca 2'            40.078 
CYS 'L-peptide linking' y CYSTEINE                                                                      ? 'C3 H7 N O2 S'    
121.158 
GLN 'L-peptide linking' y GLUTAMINE                                                                     ? 'C5 H10 N2 O3'    
146.144 
GLU 'L-peptide linking' y 'GLUTAMIC ACID'                                                               ? 'C5 H9 N O4'      
147.129 
GLY 'peptide linking'   y GLYCINE                                                                       ? 'C2 H5 N O2'      75.067 
HOH non-polymer         . WATER                                                                         ? 'H2 O'            18.015 
ILE 'L-peptide linking' y ISOLEUCINE                                                                    ? 'C6 H13 N O2'     
131.173 
LEU 'L-peptide linking' y LEUCINE                                                                       ? 'C6 H13 N O2'     
131.173 
LYS 'L-peptide linking' y LYSINE                                                                        ? 'C6 H15 N2 O2 1'  
147.195 
MET 'L-peptide linking' y METHIONINE                                                                    ? 'C5 H11 N O2 S'   
149.211 
PHE 'L-peptide linking' y PHENYLALANINE                                                                 ? 'C9 H11 N O2'     
165.189 
PRO 'L-peptide linking' y PROLINE                                                                       ? 'C5 H9 N O2'      
115.130 
SER 'L-peptide linking' y SERINE                                                                        ? 'C3 H7 N O3'      
105.093 
TFP non-polymer         . '10-[3-(4-METHYL-PIPERAZIN-1-YL)-PROPYL]-2-TRIFLUOROMETHYL-10H-PHENOTHIAZINE' ? 'C21 H24 F3 N3 S' 
407.496 
THR 'L-peptide linking' y THREONINE                                                                     ? 'C4 H9 N O3'      
119.119 
TYR 'L-peptide linking' y TYROSINE                                                                      ? 'C9 H11 N O3'     
181.189 
VAL 'L-peptide linking' y VALINE                                                                        ? 'C5 H11 N O2'     
117.146 
# 
_exptl.entry_id          1WRK 
_exptl.method            'X-RAY DIFFRACTION' 
_exptl.crystals_number   ? 
# 
_exptl_crystal.id                    1 
_exptl_crystal.density_meas          ? 
_exptl_crystal.density_Matthews      2.39 
_exptl_crystal.density_percent_sol   48.60 
_exptl_crystal.description           ? 
_exptl_crystal.F_000                 ? 
_exptl_crystal.preparation           ? 
# 
_exptl_crystal_grow.crystal_id      1 
_exptl_crystal_grow.method          'VAPOR DIFFUSION, SITTING DROP' 
_exptl_crystal_grow.temp            277 
_exptl_crystal_grow.temp_details    ? 
_exptl_crystal_grow.pH              7.2 
_exptl_crystal_grow.pdbx_details    
'PEG3350, magnesium chloride, calcium chloride, MES, pH 7.2, VAPOR DIFFUSION, SITTING DROP, temperature 277K' 
_exptl_crystal_grow.pdbx_pH_range   . 
# 
_diffrn.id                     1 
_diffrn.ambient_temp           90 
_diffrn.ambient_temp_details   ? 
_diffrn.crystal_id             1 
# 
_diffrn_detector.diffrn_id              1 
_diffrn_detector.detector               'IMAGE PLATE' 
_diffrn_detector.type                   'RIGAKU RAXIS V' 
_diffrn_detector.pdbx_collection_date   2004-03-11 
_diffrn_detector.details                ? 
# 
_diffrn_radiation.diffrn_id                        1 
_diffrn_radiation.wavelength_id                    1 
_diffrn_radiation.pdbx_monochromatic_or_laue_m_l   M 
_diffrn_radiation.monochromator                    diamond 
_diffrn_radiation.pdbx_diffrn_protocol             'SINGLE WAVELENGTH' 
_diffrn_radiation.pdbx_scattering_type             x-ray 
# 
_diffrn_radiation_wavelength.id           1 
_diffrn_radiation_wavelength.wavelength   1.0 
_diffrn_radiation_wavelength.wt           1.0 
# 
_diffrn_source.diffrn_id                   1 
_diffrn_source.source                      SYNCHROTRON 
_diffrn_source.type                        'SPRING-8 BEAMLINE BL45PX' 
_diffrn_source.pdbx_synchrotron_site       SPring-8 
_diffrn_source.pdbx_synchrotron_beamline   BL45PX 
_diffrn_source.pdbx_wavelength             ? 
_diffrn_source.pdbx_wavelength_list        1.0 
# 
_reflns.entry_id                     1WRK 
_reflns.observed_criterion_sigma_F   0 
_reflns.observed_criterion_sigma_I   0 
_reflns.d_resolution_high            2.15 
_reflns.d_resolution_low             50.0 
_reflns.number_all                   10924 
_reflns.number_obs                   10627 
_reflns.percent_possible_obs         95.9 
_reflns.pdbx_Rmerge_I_obs            0.066 
_reflns.pdbx_Rsym_value              ? 
_reflns.pdbx_netI_over_sigmaI        18.7 
_reflns.B_iso_Wilson_estimate        ? 
_reflns.pdbx_redundancy              6.6 
_reflns.R_free_details               ? 
_reflns.limit_h_max                  ? 
_reflns.limit_h_min                  ? 
_reflns.limit_k_max                  ? 
_reflns.limit_k_min                  ? 
_reflns.limit_l_max                  ? 
_reflns.limit_l_min                  ? 
_reflns.observed_criterion_F_max     ? 
_reflns.observed_criterion_F_min     ? 
_reflns.pdbx_chi_squared             ? 
_reflns.pdbx_scaling_rejects         ? 
_reflns.pdbx_diffrn_id               1 
_reflns.pdbx_ordinal                 1 
# 
_reflns_shell.d_res_high             2.15 
_reflns_shell.d_res_low              2.23 
_reflns_shell.percent_possible_all   89.1 
_reflns_shell.Rmerge_I_obs           0.357 
_reflns_shell.pdbx_Rsym_value        ? 
_reflns_shell.meanI_over_sigI_obs    ? 
_reflns_shell.pdbx_redundancy        ? 
_reflns_shell.percent_possible_obs   ? 
_reflns_shell.number_unique_all      ? 
_reflns_shell.number_measured_all    ? 
_reflns_shell.number_measured_obs    ? 
_reflns_shell.number_unique_obs      ? 
_reflns_shell.pdbx_chi_squared       ? 
_reflns_shell.pdbx_diffrn_id         ? 
_reflns_shell.pdbx_ordinal           1 
# 
_refine.entry_id                                 1WRK 
_refine.ls_d_res_high                            2.15 
_refine.ls_d_res_low                             50.0 
_refine.pdbx_ls_sigma_F                          0 
_refine.pdbx_ls_sigma_I                          ? 
_refine.ls_number_reflns_all                     10924 
_refine.ls_number_reflns_obs                     10490 
_refine.ls_number_reflns_R_free                  551 
_refine.ls_percent_reflns_obs                    96.0 
_refine.ls_R_factor_all                          0.231 
_refine.ls_R_factor_obs                          0.231 
_refine.ls_R_factor_R_work                       0.23 
_refine.ls_R_factor_R_free                       0.251 
_refine.ls_redundancy_reflns_obs                 ? 
_refine.pdbx_data_cutoff_high_absF               ? 
_refine.pdbx_data_cutoff_low_absF                ? 
_refine.ls_number_parameters                     ? 
_refine.ls_number_restraints                     ? 
_refine.ls_percent_reflns_R_free                 ? 
_refine.ls_R_factor_R_free_error                 ? 
_refine.ls_R_factor_R_free_error_details         ? 
_refine.pdbx_method_to_determine_struct          'MOLECULAR REPLACEMENT' 
_refine.pdbx_starting_model                      'PDB ENTRY 1DTL' 
_refine.pdbx_ls_cross_valid_method               THROUGHOUT 
_refine.pdbx_R_Free_selection_details            RANDOM 
_refine.pdbx_stereochem_target_val_spec_case     ? 
_refine.pdbx_stereochemistry_target_values       'Engh & Huber' 
_refine.solvent_model_details                    ? 
_refine.solvent_model_param_bsol                 ? 
_refine.solvent_model_param_ksol                 ? 
_refine.occupancy_max                            ? 
_refine.occupancy_min                            ? 
_refine.pdbx_isotropic_thermal_model             ? 
_refine.B_iso_mean                               50.0 
_refine.aniso_B[1][1]                            ? 
_refine.aniso_B[1][2]                            ? 
_refine.aniso_B[1][3]                            ? 
_refine.aniso_B[2][2]                            ? 
_refine.aniso_B[2][3]                            ? 
_refine.aniso_B[3][3]                            ? 
_refine.details                                  ? 
_refine.B_iso_min                                ? 
_refine.B_iso_max                                ? 
_refine.correlation_coeff_Fo_to_Fc               ? 
_refine.correlation_coeff_Fo_to_Fc_free          ? 
_refine.pdbx_solvent_vdw_probe_radii             ? 
_refine.pdbx_solvent_ion_probe_radii             ? 
_refine.pdbx_solvent_shrinkage_radii             ? 
_refine.overall_SU_R_Cruickshank_DPI             ? 
_refine.overall_SU_R_free                        ? 
_refine.overall_SU_B                             ? 
_refine.overall_SU_ML                            ? 
_refine.pdbx_overall_ESU_R                       ? 
_refine.pdbx_overall_ESU_R_Free                  ? 
_refine.pdbx_data_cutoff_high_rms_absF           ? 
_refine.ls_wR_factor_R_free                      ? 
_refine.ls_wR_factor_R_work                      ? 
_refine.overall_FOM_free_R_set                   ? 
_refine.overall_FOM_work_R_set                   ? 
_refine.pdbx_refine_id                           'X-RAY DIFFRACTION' 
_refine.pdbx_diffrn_id                           1 
_refine.pdbx_TLS_residual_ADP_flag               ? 
_refine.pdbx_overall_phase_error                 ? 
_refine.pdbx_overall_SU_R_free_Cruickshank_DPI   ? 
_refine.pdbx_overall_SU_R_Blow_DPI               ? 
_refine.pdbx_overall_SU_R_free_Blow_DPI          ? 
# 
_refine_hist.pdbx_refine_id                   'X-RAY DIFFRACTION' 
_refine_hist.cycle_id                         LAST 
_refine_hist.pdbx_number_atoms_protein        1276 
_refine_hist.pdbx_number_atoms_nucleic_acid   0 
_refine_hist.pdbx_number_atoms_ligand         114 
_refine_hist.number_atoms_solvent             100 
_refine_hist.number_atoms_total               1490 
_refine_hist.d_res_high                       2.15 
_refine_hist.d_res_low                        50.0 
# 
loop_
_refine_ls_restr.type 
_refine_ls_restr.dev_ideal 
_refine_ls_restr.dev_ideal_target 
_refine_ls_restr.weight 
_refine_ls_restr.number 
_refine_ls_restr.pdbx_refine_id 
_refine_ls_restr.pdbx_restraint_function 
c_bond_d           0.011 ? ? ? 'X-RAY DIFFRACTION' ? 
c_angle_deg        1.37  ? ? ? 'X-RAY DIFFRACTION' ? 
c_improper_angle_d 0.91  ? ? ? 'X-RAY DIFFRACTION' ? 
c_dihedral_angle_d 17.0  ? ? ? 'X-RAY DIFFRACTION' ? 
# 
_refine_ls_shell.pdbx_total_number_of_bins_used   ? 
_refine_ls_shell.d_res_high                       2.15 
_refine_ls_shell.d_res_low                        2.23 
_refine_ls_shell.number_reflns_R_work             ? 
_refine_ls_shell.R_factor_R_work                  0.257 
_refine_ls_shell.percent_reflns_obs               88.9 
_refine_ls_shell.R_factor_R_free                  0.279 
_refine_ls_shell.R_factor_R_free_error            ? 
_refine_ls_shell.percent_reflns_R_free            ? 
_refine_ls_shell.number_reflns_R_free             56 
_refine_ls_shell.number_reflns_obs                946 
_refine_ls_shell.redundancy_reflns_obs            ? 
_refine_ls_shell.number_reflns_all                ? 
_refine_ls_shell.R_factor_all                     ? 
_refine_ls_shell.pdbx_refine_id                   'X-RAY DIFFRACTION' 
# 
_struct.entry_id                  1WRK 
_struct.title                     
'Crystal structure of the N-terminal domain of human cardiac troponin C in complex with trifluoperazine (orthrombic crystal form)' 
_struct.pdbx_model_details        ? 
_struct.pdbx_CASP_flag            ? 
_struct.pdbx_model_type_details   ? 
# 
_struct_keywords.entry_id        1WRK 
_struct_keywords.pdbx_keywords   'CONTRACTILE PROTEIN' 
_struct_keywords.text            'EF-hand, CONTRACTILE PROTEIN' 
# 
loop_
_struct_asym.id 
_struct_asym.pdbx_blank_PDB_chainid_flag 
_struct_asym.pdbx_modified 
_struct_asym.entity_id 
_struct_asym.details 
A N N 1 ? 
B N N 1 ? 
C N N 2 ? 
D N N 3 ? 
E N N 3 ? 
F N N 2 ? 
G N N 3 ? 
H N N 3 ? 
I N N 4 ? 
J N N 4 ? 
# 
_struct_biol.id                    1 
_struct_biol.pdbx_parent_biol_id   ? 
_struct_biol.details               ? 
# 
loop_
_struct_conf.conf_type_id 
_struct_conf.id 
_struct_conf.pdbx_PDB_helix_id 
_struct_conf.beg_label_comp_id 
_struct_conf.beg_label_asym_id 
_struct_conf.beg_label_seq_id 
_struct_conf.pdbx_beg_PDB_ins_code 
_struct_conf.end_label_comp_id 
_struct_conf.end_label_asym_id 
_struct_conf.end_label_seq_id 
_struct_conf.pdbx_end_PDB_ins_code 
_struct_conf.beg_auth_comp_id 
_struct_conf.beg_auth_asym_id 
_struct_conf.beg_auth_seq_id 
_struct_conf.end_auth_comp_id 
_struct_conf.end_auth_asym_id 
_struct_conf.end_auth_seq_id 
_struct_conf.pdbx_PDB_helix_class 
_struct_conf.details 
_struct_conf.pdbx_PDB_helix_length 
HELX_P HELX_P1  1  ILE A 4  ? LEU A 12 ? ILE A 4  LEU A 12 1 ? 9  
HELX_P HELX_P2  2  THR A 13 ? VAL A 28 ? THR A 13 VAL A 28 1 ? 16 
HELX_P HELX_P3  3  SER A 37 ? LEU A 48 ? SER A 37 LEU A 48 1 ? 12 
HELX_P HELX_P4  4  THR A 53 ? GLU A 63 ? THR A 53 GLU A 63 1 ? 11 
HELX_P HELX_P5  5  ASP A 73 ? SER A 84 ? ASP A 73 SER A 84 1 ? 12 
HELX_P HELX_P6  6  ILE B 4  ? GLN B 11 ? ILE B 4  GLN B 11 1 ? 8  
HELX_P HELX_P7  7  THR B 13 ? VAL B 28 ? THR B 13 VAL B 28 1 ? 16 
HELX_P HELX_P8  8  SER B 37 ? LEU B 48 ? SER B 37 LEU B 48 1 ? 12 
HELX_P HELX_P9  9  THR B 53 ? ASP B 65 ? THR B 53 ASP B 65 1 ? 13 
HELX_P HELX_P10 10 ASP B 73 ? SER B 84 ? ASP B 73 SER B 84 1 ? 12 
# 
_struct_conf_type.id          HELX_P 
_struct_conf_type.criteria    ? 
_struct_conf_type.reference   ? 
# 
loop_
_struct_conn.id 
_struct_conn.conn_type_id 
_struct_conn.pdbx_leaving_atom_flag 
_struct_conn.pdbx_PDB_id 
_struct_conn.ptnr1_label_asym_id 
_struct_conn.ptnr1_label_comp_id 
_struct_conn.ptnr1_label_seq_id 
_struct_conn.ptnr1_label_atom_id 
_struct_conn.pdbx_ptnr1_label_alt_id 
_struct_conn.pdbx_ptnr1_PDB_ins_code 
_struct_conn.pdbx_ptnr1_standard_comp_id 
_struct_conn.ptnr1_symmetry 
_struct_conn.ptnr2_label_asym_id 
_struct_conn.ptnr2_label_comp_id 
_struct_conn.ptnr2_label_seq_id 
_struct_conn.ptnr2_label_atom_id 
_struct_conn.pdbx_ptnr2_label_alt_id 
_struct_conn.pdbx_ptnr2_PDB_ins_code 
_struct_conn.ptnr1_auth_asym_id 
_struct_conn.ptnr1_auth_comp_id 
_struct_conn.ptnr1_auth_seq_id 
_struct_conn.ptnr2_auth_asym_id 
_struct_conn.ptnr2_auth_comp_id 
_struct_conn.ptnr2_auth_seq_id 
_struct_conn.ptnr2_symmetry 
_struct_conn.pdbx_ptnr3_label_atom_id 
_struct_conn.pdbx_ptnr3_label_seq_id 
_struct_conn.pdbx_ptnr3_label_comp_id 
_struct_conn.pdbx_ptnr3_label_asym_id 
_struct_conn.pdbx_ptnr3_label_alt_id 
_struct_conn.pdbx_ptnr3_PDB_ins_code 
_struct_conn.details 
_struct_conn.pdbx_dist_value 
_struct_conn.pdbx_value_order 
_struct_conn.pdbx_role 
metalc1  metalc ? ? A ASP 65 OD2 ? ? ? 1_555 C CA  . CA ? ? A ASP 65  A CA  102 1_555 ? ? ? ? ? ? ? 2.147 ? ? 
metalc2  metalc ? ? A ASP 67 OD1 ? ? ? 1_555 C CA  . CA ? ? A ASP 67  A CA  102 1_555 ? ? ? ? ? ? ? 2.407 ? ? 
metalc3  metalc ? ? A SER 69 OG  ? ? ? 1_555 C CA  . CA ? ? A SER 69  A CA  102 1_555 ? ? ? ? ? ? ? 2.371 ? ? 
metalc4  metalc ? ? A THR 71 O   ? ? ? 1_555 C CA  . CA ? ? A THR 71  A CA  102 1_555 ? ? ? ? ? ? ? 2.359 ? ? 
metalc5  metalc ? ? A GLU 76 OE1 ? ? ? 1_555 C CA  . CA ? ? A GLU 76  A CA  102 1_555 ? ? ? ? ? ? ? 2.432 ? ? 
metalc6  metalc ? ? A GLU 76 OE2 ? ? ? 1_555 C CA  . CA ? ? A GLU 76  A CA  102 1_555 ? ? ? ? ? ? ? 2.565 ? ? 
metalc7  metalc ? ? C CA  .  CA  ? ? ? 1_555 I HOH . O  ? ? A CA  102 A HOH 223 1_555 ? ? ? ? ? ? ? 2.181 ? ? 
metalc8  metalc ? ? B ASP 65 OD2 ? ? ? 1_555 F CA  . CA ? ? B ASP 65  B CA  101 1_555 ? ? ? ? ? ? ? 2.148 ? ? 
metalc9  metalc ? ? B ASP 67 OD1 ? ? ? 1_555 F CA  . CA ? ? B ASP 67  B CA  101 1_555 ? ? ? ? ? ? ? 2.381 ? ? 
metalc10 metalc ? ? B SER 69 OG  ? ? ? 1_555 F CA  . CA ? ? B SER 69  B CA  101 1_555 ? ? ? ? ? ? ? 2.418 ? ? 
metalc11 metalc ? ? B THR 71 O   ? ? ? 1_555 F CA  . CA ? ? B THR 71  B CA  101 1_555 ? ? ? ? ? ? ? 2.430 ? ? 
metalc12 metalc ? ? B GLU 76 OE1 ? ? ? 1_555 F CA  . CA ? ? B GLU 76  B CA  101 1_555 ? ? ? ? ? ? ? 2.397 ? ? 
metalc13 metalc ? ? B GLU 76 OE2 ? ? ? 1_555 F CA  . CA ? ? B GLU 76  B CA  101 1_555 ? ? ? ? ? ? ? 2.644 ? ? 
metalc14 metalc ? ? F CA  .  CA  ? ? ? 1_555 J HOH . O  ? ? B CA  101 B HOH 228 1_555 ? ? ? ? ? ? ? 2.137 ? ? 
# 
_struct_conn_type.id          metalc 
_struct_conn_type.criteria    ? 
_struct_conn_type.reference   ? 
# 
loop_
_struct_site.id 
_struct_site.pdbx_evidence_code 
_struct_site.pdbx_auth_asym_id 
_struct_site.pdbx_auth_comp_id 
_struct_site.pdbx_auth_seq_id 
_struct_site.pdbx_auth_ins_code 
_struct_site.pdbx_num_residues 
_struct_site.details 
AC1 Software B CA  101 ? 6  'BINDING SITE FOR RESIDUE CA B 101'  
AC2 Software A CA  102 ? 6  'BINDING SITE FOR RESIDUE CA A 102'  
AC3 Software A TFP 202 ? 7  'BINDING SITE FOR RESIDUE TFP A 202' 
AC4 Software A TFP 204 ? 7  'BINDING SITE FOR RESIDUE TFP A 204' 
AC5 Software B TFP 203 ? 7  'BINDING SITE FOR RESIDUE TFP B 203' 
AC6 Software B TFP 201 ? 11 'BINDING SITE FOR RESIDUE TFP B 201' 
# 
loop_
_struct_site_gen.id 
_struct_site_gen.site_id 
_struct_site_gen.pdbx_num_res 
_struct_site_gen.label_comp_id 
_struct_site_gen.label_asym_id 
_struct_site_gen.label_seq_id 
_struct_site_gen.pdbx_auth_ins_code 
_struct_site_gen.auth_comp_id 
_struct_site_gen.auth_asym_id 
_struct_site_gen.auth_seq_id 
_struct_site_gen.label_atom_id 
_struct_site_gen.label_alt_id 
_struct_site_gen.symmetry 
_struct_site_gen.details 
1  AC1 6  ASP B 65 ? ASP B 65  . ? 1_555 ? 
2  AC1 6  ASP B 67 ? ASP B 67  . ? 1_555 ? 
3  AC1 6  SER B 69 ? SER B 69  . ? 1_555 ? 
4  AC1 6  THR B 71 ? THR B 71  . ? 1_555 ? 
5  AC1 6  GLU B 76 ? GLU B 76  . ? 1_555 ? 
6  AC1 6  HOH J .  ? HOH B 228 . ? 1_555 ? 
7  AC2 6  ASP A 65 ? ASP A 65  . ? 1_555 ? 
8  AC2 6  ASP A 67 ? ASP A 67  . ? 1_555 ? 
9  AC2 6  SER A 69 ? SER A 69  . ? 1_555 ? 
10 AC2 6  THR A 71 ? THR A 71  . ? 1_555 ? 
11 AC2 6  GLU A 76 ? GLU A 76  . ? 1_555 ? 
12 AC2 6  HOH I .  ? HOH A 223 . ? 1_555 ? 
13 AC3 7  MET A 45 ? MET A 45  . ? 1_555 ? 
14 AC3 7  GLN A 50 ? GLN A 50  . ? 1_555 ? 
15 AC3 7  MET A 80 ? MET A 80  . ? 1_555 ? 
16 AC3 7  MET A 81 ? MET A 81  . ? 1_555 ? 
17 AC3 7  TFP E .  ? TFP A 204 . ? 1_555 ? 
18 AC3 7  GLU B 19 ? GLU B 19  . ? 1_555 ? 
19 AC3 7  PHE B 20 ? PHE B 20  . ? 1_555 ? 
20 AC4 7  PHE A 20 ? PHE A 20  . ? 1_555 ? 
21 AC4 7  PHE A 27 ? PHE A 27  . ? 1_555 ? 
22 AC4 7  LEU A 48 ? LEU A 48  . ? 1_555 ? 
23 AC4 7  MET A 81 ? MET A 81  . ? 1_555 ? 
24 AC4 7  SER A 84 ? SER A 84  . ? 1_555 ? 
25 AC4 7  TFP D .  ? TFP A 202 . ? 1_555 ? 
26 AC4 7  TFP G .  ? TFP B 203 . ? 1_555 ? 
27 AC5 7  TFP E .  ? TFP A 204 . ? 1_555 ? 
28 AC5 7  PHE B 27 ? PHE B 27  . ? 1_555 ? 
29 AC5 7  LEU B 48 ? LEU B 48  . ? 1_555 ? 
30 AC5 7  PHE B 77 ? PHE B 77  . ? 1_555 ? 
31 AC5 7  MET B 81 ? MET B 81  . ? 1_555 ? 
32 AC5 7  SER B 84 ? SER B 84  . ? 1_555 ? 
33 AC5 7  TFP H .  ? TFP B 201 . ? 1_555 ? 
34 AC6 11 GLU A 15 ? GLU A 15  . ? 1_555 ? 
35 AC6 11 GLU A 19 ? GLU A 19  . ? 1_555 ? 
36 AC6 11 PHE A 20 ? PHE A 20  . ? 1_555 ? 
37 AC6 11 MET B 45 ? MET B 45  . ? 1_555 ? 
38 AC6 11 GLN B 50 ? GLN B 50  . ? 1_555 ? 
39 AC6 11 MET B 60 ? MET B 60  . ? 1_555 ? 
40 AC6 11 MET B 80 ? MET B 80  . ? 1_555 ? 
41 AC6 11 MET B 81 ? MET B 81  . ? 1_555 ? 
42 AC6 11 SER B 84 ? SER B 84  . ? 1_555 ? 
43 AC6 11 TFP G .  ? TFP B 203 . ? 1_555 ? 
44 AC6 11 HOH J .  ? HOH B 245 . ? 1_555 ? 
# 
_atom_sites.entry_id                    1WRK 
_atom_sites.fract_transf_matrix[1][1]   0.00921339 
_atom_sites.fract_transf_matrix[1][2]   0.01706776 
_atom_sites.fract_transf_matrix[1][3]   0.01544659 
_atom_sites.fract_transf_matrix[2][1]   -0.00732717 
_atom_sites.fract_transf_matrix[2][2]   0.01514361 
_atom_sites.fract_transf_matrix[2][3]   -0.01236256 
_atom_sites.fract_transf_matrix[3][1]   -0.00871365 
_atom_sites.fract_transf_matrix[3][2]   0.00001412 
_atom_sites.fract_transf_matrix[3][3]   0.00518180 
_atom_sites.fract_transf_vector[1]      0.242688 
_atom_sites.fract_transf_vector[2]      -0.046765 
_atom_sites.fract_transf_vector[3]      0.114099 
# 
loop_
_atom_type.symbol 
C  
CA 
F  
N  
O  
S  
# 
loop_
_atom_site.group_PDB 
_atom_site.id 
_atom_site.type_symbol 
_atom_site.label_atom_id 
_atom_site.label_alt_id 
_atom_site.label_comp_id 
_atom_site.label_asym_id 
_atom_site.label_entity_id 
_atom_site.label_seq_id 
_atom_site.pdbx_PDB_ins_code 
_atom_site.Cartn_x 
_atom_site.Cartn_y 
_atom_site.Cartn_z 
_atom_site.occupancy 
_atom_site.B_iso_or_equiv 
_atom_site.pdbx_formal_charge 
_atom_site.auth_seq_id 
_atom_site.auth_comp_id 
_atom_site.auth_asym_id 
_atom_site.auth_atom_id 
_atom_site.pdbx_PDB_model_num 
ATOM   1    N  N   . ILE A 1 4  ? -3.351  -12.666 -17.270 1.00 78.91  ? 4   ILE A N   1 
ATOM   2    C  CA  . ILE A 1 4  ? -3.878  -13.643 -16.278 1.00 79.02  ? 4   ILE A CA  1 
ATOM   3    C  C   . ILE A 1 4  ? -4.316  -12.905 -15.015 1.00 79.99  ? 4   ILE A C   1 
ATOM   4    O  O   . ILE A 1 4  ? -5.129  -13.407 -14.239 1.00 82.96  ? 4   ILE A O   1 
ATOM   5    C  CB  . ILE A 1 4  ? -2.802  -14.682 -15.876 1.00 80.31  ? 4   ILE A CB  1 
ATOM   6    C  CG1 . ILE A 1 4  ? -2.330  -15.457 -17.104 1.00 79.24  ? 4   ILE A CG1 1 
ATOM   7    C  CG2 . ILE A 1 4  ? -3.369  -15.634 -14.834 1.00 82.18  ? 4   ILE A CG2 1 
ATOM   8    C  CD1 . ILE A 1 4  ? -3.392  -16.273 -17.893 1.00 85.09  ? 4   ILE A CD1 1 
ATOM   9    N  N   . TYR A 1 5  ? -3.763  -11.713 -14.817 1.00 77.39  ? 5   TYR A N   1 
ATOM   10   C  CA  . TYR A 1 5  ? -4.089  -10.883 -13.665 1.00 71.56  ? 5   TYR A CA  1 
ATOM   11   C  C   . TYR A 1 5  ? -5.501  -10.378 -13.867 1.00 65.91  ? 5   TYR A C   1 
ATOM   12   O  O   . TYR A 1 5  ? -6.122  -9.818  -12.966 1.00 62.41  ? 5   TYR A O   1 
ATOM   13   C  CB  . TYR A 1 5  ? -3.118  -9.707  -13.572 1.00 72.79  ? 5   TYR A CB  1 
ATOM   14   C  CG  . TYR A 1 5  ? -1.685  -10.136 -13.382 1.00 74.63  ? 5   TYR A CG  1 
ATOM   15   C  CD1 . TYR A 1 5  ? -1.292  -10.823 -12.232 1.00 75.92  ? 5   TYR A CD1 1 
ATOM   16   C  CD2 . TYR A 1 5  ? -0.728  -9.886  -14.361 1.00 75.56  ? 5   TYR A CD2 1 
ATOM   17   C  CE1 . TYR A 1 5  ? 0.018   -11.250 -12.064 1.00 75.86  ? 5   TYR A CE1 1 
ATOM   18   C  CE2 . TYR A 1 5  ? 0.589   -10.310 -14.204 1.00 76.24  ? 5   TYR A CE2 1 
ATOM   19   C  CZ  . TYR A 1 5  ? 0.954   -10.992 -13.054 1.00 75.50  ? 5   TYR A CZ  1 
ATOM   20   O  OH  . TYR A 1 5  ? 2.248   -11.419 -12.894 1.00 73.28  ? 5   TYR A OH  1 
ATOM   21   N  N   . LYS A 1 6  ? -6.003  -10.599 -15.075 1.00 64.31  ? 6   LYS A N   1 
ATOM   22   C  CA  . LYS A 1 6  ? -7.345  -10.201 -15.445 1.00 64.05  ? 6   LYS A CA  1 
ATOM   23   C  C   . LYS A 1 6  ? -8.327  -11.046 -14.641 1.00 60.86  ? 6   LYS A C   1 
ATOM   24   O  O   . LYS A 1 6  ? -9.488  -10.681 -14.466 1.00 60.90  ? 6   LYS A O   1 
ATOM   25   C  CB  . LYS A 1 6  ? -7.531  -10.429 -16.943 1.00 66.33  ? 6   LYS A CB  1 
ATOM   26   C  CG  . LYS A 1 6  ? -8.922  -10.175 -17.479 1.00 72.42  ? 6   LYS A CG  1 
ATOM   27   C  CD  . LYS A 1 6  ? -8.934  -10.361 -18.990 1.00 74.56  ? 6   LYS A CD  1 
ATOM   28   C  CE  . LYS A 1 6  ? -8.394  -11.733 -19.385 1.00 76.18  ? 6   LYS A CE  1 
ATOM   29   N  NZ  . LYS A 1 6  ? -8.299  -11.895 -20.861 1.00 76.23  ? 6   LYS A NZ  1 
ATOM   30   N  N   . ALA A 1 7  ? -7.838  -12.175 -14.142 1.00 58.67  ? 7   ALA A N   1 
ATOM   31   C  CA  . ALA A 1 7  ? -8.659  -13.087 -13.356 1.00 58.93  ? 7   ALA A CA  1 
ATOM   32   C  C   . ALA A 1 7  ? -8.865  -12.569 -11.932 1.00 54.99  ? 7   ALA A C   1 
ATOM   33   O  O   . ALA A 1 7  ? -9.992  -12.515 -11.431 1.00 51.75  ? 7   ALA A O   1 
ATOM   34   C  CB  . ALA A 1 7  ? -8.005  -14.473 -13.323 1.00 57.79  ? 7   ALA A CB  1 
ATOM   35   N  N   . ALA A 1 8  ? -7.769  -12.189 -11.285 1.00 55.31  ? 8   ALA A N   1 
ATOM   36   C  CA  . ALA A 1 8  ? -7.816  -11.687 -9.918  1.00 55.56  ? 8   ALA A CA  1 
ATOM   37   C  C   . ALA A 1 8  ? -8.651  -10.419 -9.775  1.00 56.90  ? 8   ALA A C   1 
ATOM   38   O  O   . ALA A 1 8  ? -9.324  -10.232 -8.760  1.00 57.09  ? 8   ALA A O   1 
ATOM   39   C  CB  . ALA A 1 8  ? -6.408  -11.443 -9.414  1.00 57.72  ? 8   ALA A CB  1 
ATOM   40   N  N   . VAL A 1 9  ? -8.608  -9.547  -10.780 1.00 57.79  ? 9   VAL A N   1 
ATOM   41   C  CA  . VAL A 1 9  ? -9.381  -8.309  -10.730 1.00 58.38  ? 9   VAL A CA  1 
ATOM   42   C  C   . VAL A 1 9  ? -10.854 -8.673  -10.650 1.00 60.97  ? 9   VAL A C   1 
ATOM   43   O  O   . VAL A 1 9  ? -11.633 -8.045  -9.931  1.00 60.87  ? 9   VAL A O   1 
ATOM   44   C  CB  . VAL A 1 9  ? -9.135  -7.431  -11.980 1.00 57.88  ? 9   VAL A CB  1 
ATOM   45   C  CG1 . VAL A 1 9  ? -10.071 -6.224  -11.970 1.00 53.90  ? 9   VAL A CG1 1 
ATOM   46   C  CG2 . VAL A 1 9  ? -7.680  -6.974  -12.008 1.00 57.14  ? 9   VAL A CG2 1 
ATOM   47   N  N   . GLU A 1 10 ? -11.228 -9.704  -11.392 1.00 64.84  ? 10  GLU A N   1 
ATOM   48   C  CA  . GLU A 1 10 ? -12.600 -10.177 -11.394 1.00 70.38  ? 10  GLU A CA  1 
ATOM   49   C  C   . GLU A 1 10 ? -12.970 -10.663 -9.990  1.00 70.31  ? 10  GLU A C   1 
ATOM   50   O  O   . GLU A 1 10 ? -14.091 -10.460 -9.526  1.00 71.45  ? 10  GLU A O   1 
ATOM   51   C  CB  . GLU A 1 10 ? -12.748 -11.318 -12.397 1.00 76.08  ? 10  GLU A CB  1 
ATOM   52   C  CG  . GLU A 1 10 ? -12.383 -10.936 -13.820 1.00 82.34  ? 10  GLU A CG  1 
ATOM   53   C  CD  . GLU A 1 10 ? -12.348 -12.136 -14.753 1.00 87.12  ? 10  GLU A CD  1 
ATOM   54   O  OE1 . GLU A 1 10 ? -13.374 -12.839 -14.866 1.00 86.51  ? 10  GLU A OE1 1 
ATOM   55   O  OE2 . GLU A 1 10 ? -11.287 -12.376 -15.374 1.00 90.31  ? 10  GLU A OE2 1 
ATOM   56   N  N   . GLN A 1 11 ? -12.009 -11.292 -9.316  1.00 70.33  ? 11  GLN A N   1 
ATOM   57   C  CA  . GLN A 1 11 ? -12.218 -11.820 -7.969  1.00 69.87  ? 11  GLN A CA  1 
ATOM   58   C  C   . GLN A 1 11 ? -12.446 -10.755 -6.900  1.00 68.51  ? 11  GLN A C   1 
ATOM   59   O  O   . GLN A 1 11 ? -13.113 -11.014 -5.899  1.00 70.11  ? 11  GLN A O   1 
ATOM   60   C  CB  . GLN A 1 11 ? -11.027 -12.688 -7.552  1.00 71.45  ? 11  GLN A CB  1 
ATOM   61   C  CG  . GLN A 1 11 ? -10.788 -13.895 -8.440  1.00 75.14  ? 11  GLN A CG  1 
ATOM   62   C  CD  . GLN A 1 11 ? -12.023 -14.766 -8.562  1.00 77.04  ? 11  GLN A CD  1 
ATOM   63   O  OE1 . GLN A 1 11 ? -13.043 -14.340 -9.108  1.00 75.15  ? 11  GLN A OE1 1 
ATOM   64   N  NE2 . GLN A 1 11 ? -11.938 -15.990 -8.050  1.00 77.06  ? 11  GLN A NE2 1 
ATOM   65   N  N   . LEU A 1 12 ? -11.886 -9.564  -7.103  1.00 65.39  ? 12  LEU A N   1 
ATOM   66   C  CA  . LEU A 1 12 ? -12.039 -8.478  -6.134  1.00 61.06  ? 12  LEU A CA  1 
ATOM   67   C  C   . LEU A 1 12 ? -13.503 -8.178  -5.826  1.00 60.68  ? 12  LEU A C   1 
ATOM   68   O  O   . LEU A 1 12 ? -14.354 -8.224  -6.713  1.00 57.53  ? 12  LEU A O   1 
ATOM   69   C  CB  . LEU A 1 12 ? -11.370 -7.202  -6.651  1.00 55.64  ? 12  LEU A CB  1 
ATOM   70   C  CG  . LEU A 1 12 ? -9.848  -7.225  -6.816  1.00 50.24  ? 12  LEU A CG  1 
ATOM   71   C  CD1 . LEU A 1 12 ? -9.373  -5.880  -7.335  1.00 57.73  ? 12  LEU A CD1 1 
ATOM   72   C  CD2 . LEU A 1 12 ? -9.189  -7.540  -5.482  1.00 49.91  ? 12  LEU A CD2 1 
ATOM   73   N  N   . THR A 1 13 ? -13.784 -7.864  -4.567  1.00 63.76  ? 13  THR A N   1 
ATOM   74   C  CA  . THR A 1 13 ? -15.141 -7.543  -4.137  1.00 63.97  ? 13  THR A CA  1 
ATOM   75   C  C   . THR A 1 13 ? -15.352 -6.048  -4.338  1.00 66.58  ? 13  THR A C   1 
ATOM   76   O  O   . THR A 1 13 ? -14.392 -5.312  -4.583  1.00 65.53  ? 13  THR A O   1 
ATOM   77   C  CB  . THR A 1 13 ? -15.358 -7.882  -2.641  1.00 63.15  ? 13  THR A CB  1 
ATOM   78   O  OG1 . THR A 1 13 ? -14.799 -6.848  -1.822  1.00 61.71  ? 13  THR A OG1 1 
ATOM   79   C  CG2 . THR A 1 13 ? -14.683 -9.202  -2.291  1.00 60.07  ? 13  THR A CG2 1 
ATOM   80   N  N   . GLU A 1 14 ? -16.597 -5.598  -4.235  1.00 64.53  ? 14  GLU A N   1 
ATOM   81   C  CA  . GLU A 1 14 ? -16.898 -4.183  -4.412  1.00 66.10  ? 14  GLU A CA  1 
ATOM   82   C  C   . GLU A 1 14 ? -16.196 -3.339  -3.377  1.00 64.09  ? 14  GLU A C   1 
ATOM   83   O  O   . GLU A 1 14 ? -15.565 -2.343  -3.712  1.00 64.39  ? 14  GLU A O   1 
ATOM   84   C  CB  . GLU A 1 14 ? -18.397 -3.920  -4.307  1.00 69.70  ? 14  GLU A CB  1 
ATOM   85   C  CG  . GLU A 1 14 ? -19.197 -4.395  -5.492  1.00 80.85  ? 14  GLU A CG  1 
ATOM   86   C  CD  . GLU A 1 14 ? -20.625 -3.896  -5.445  1.00 87.10  ? 14  GLU A CD  1 
ATOM   87   O  OE1 . GLU A 1 14 ? -21.328 -4.194  -4.458  1.00 89.75  ? 14  GLU A OE1 1 
ATOM   88   O  OE2 . GLU A 1 14 ? -21.040 -3.199  -6.395  1.00 91.19  ? 14  GLU A OE2 1 
ATOM   89   N  N   . GLU A 1 15 ? -16.325 -3.731  -2.113  1.00 60.04  ? 15  GLU A N   1 
ATOM   90   C  CA  . GLU A 1 15 ? -15.693 -2.985  -1.040  1.00 59.30  ? 15  GLU A CA  1 
ATOM   91   C  C   . GLU A 1 15 ? -14.226 -2.814  -1.384  1.00 50.70  ? 15  GLU A C   1 
ATOM   92   O  O   . GLU A 1 15 ? -13.674 -1.729  -1.228  1.00 53.08  ? 15  GLU A O   1 
ATOM   93   C  CB  . GLU A 1 15 ? -15.814 -3.724  0.290   1.00 61.89  ? 15  GLU A CB  1 
ATOM   94   C  CG  . GLU A 1 15 ? -15.594 -2.825  1.499   1.00 63.24  ? 15  GLU A CG  1 
ATOM   95   C  CD  . GLU A 1 15 ? -15.321 -3.611  2.771   1.00 69.96  ? 15  GLU A CD  1 
ATOM   96   O  OE1 . GLU A 1 15 ? -15.492 -3.044  3.872   1.00 66.64  ? 15  GLU A OE1 1 
ATOM   97   O  OE2 . GLU A 1 15 ? -14.920 -4.789  2.671   1.00 73.36  ? 15  GLU A OE2 1 
ATOM   98   N  N   . GLN A 1 16 ? -13.607 -3.891  -1.857  1.00 45.37  ? 16  GLN A N   1 
ATOM   99   C  CA  . GLN A 1 16 ? -12.202 -3.862  -2.236  1.00 45.37  ? 16  GLN A CA  1 
ATOM   100  C  C   . GLN A 1 16 ? -12.005 -2.850  -3.357  1.00 43.93  ? 16  GLN A C   1 
ATOM   101  O  O   . GLN A 1 16 ? -11.201 -1.934  -3.235  1.00 42.13  ? 16  GLN A O   1 
ATOM   102  C  CB  . GLN A 1 16 ? -11.738 -5.239  -2.704  1.00 42.76  ? 16  GLN A CB  1 
ATOM   103  C  CG  . GLN A 1 16 ? -11.945 -6.341  -1.682  1.00 57.12  ? 16  GLN A CG  1 
ATOM   104  C  CD  . GLN A 1 16 ? -11.150 -7.593  -1.998  1.00 55.91  ? 16  GLN A CD  1 
ATOM   105  O  OE1 . GLN A 1 16 ? -9.954  -7.665  -1.723  1.00 64.64  ? 16  GLN A OE1 1 
ATOM   106  N  NE2 . GLN A 1 16 ? -11.808 -8.581  -2.588  1.00 63.79  ? 16  GLN A NE2 1 
ATOM   107  N  N   . LYS A 1 17 ? -12.747 -3.023  -4.446  1.00 42.66  ? 17  LYS A N   1 
ATOM   108  C  CA  . LYS A 1 17 ? -12.653 -2.115  -5.574  1.00 47.88  ? 17  LYS A CA  1 
ATOM   109  C  C   . LYS A 1 17 ? -12.962 -0.687  -5.139  1.00 43.96  ? 17  LYS A C   1 
ATOM   110  O  O   . LYS A 1 17 ? -12.345 0.253   -5.621  1.00 41.23  ? 17  LYS A O   1 
ATOM   111  C  CB  . LYS A 1 17 ? -13.607 -2.550  -6.688  1.00 49.71  ? 17  LYS A CB  1 
ATOM   112  C  CG  . LYS A 1 17 ? -13.252 -3.893  -7.307  1.00 56.86  ? 17  LYS A CG  1 
ATOM   113  C  CD  . LYS A 1 17 ? -14.153 -4.239  -8.488  1.00 62.88  ? 17  LYS A CD  1 
ATOM   114  C  CE  . LYS A 1 17 ? -13.778 -5.597  -9.076  1.00 69.14  ? 17  LYS A CE  1 
ATOM   115  N  NZ  . LYS A 1 17 ? -14.592 -5.968  -10.266 1.00 66.32  ? 17  LYS A NZ  1 
ATOM   116  N  N   . ASN A 1 18 ? -13.906 -0.527  -4.216  1.00 40.24  ? 18  ASN A N   1 
ATOM   117  C  CA  . ASN A 1 18 ? -14.276 0.796   -3.726  1.00 40.42  ? 18  ASN A CA  1 
ATOM   118  C  C   . ASN A 1 18 ? -13.137 1.441   -2.942  1.00 42.81  ? 18  ASN A C   1 
ATOM   119  O  O   . ASN A 1 18 ? -12.901 2.650   -3.042  1.00 40.56  ? 18  ASN A O   1 
ATOM   120  C  CB  . ASN A 1 18 ? -15.524 0.702   -2.847  1.00 47.94  ? 18  ASN A CB  1 
ATOM   121  C  CG  . ASN A 1 18 ? -16.788 0.438   -3.650  1.00 56.21  ? 18  ASN A CG  1 
ATOM   122  O  OD1 . ASN A 1 18 ? -17.860 0.228   -3.081  1.00 59.28  ? 18  ASN A OD1 1 
ATOM   123  N  ND2 . ASN A 1 18 ? -16.672 0.456   -4.977  1.00 56.25  ? 18  ASN A ND2 1 
ATOM   124  N  N   . GLU A 1 19 ? -12.428 0.641   -2.154  1.00 32.61  ? 19  GLU A N   1 
ATOM   125  C  CA  . GLU A 1 19 ? -11.303 1.151   -1.383  1.00 36.60  ? 19  GLU A CA  1 
ATOM   126  C  C   . GLU A 1 19 ? -10.202 1.597   -2.333  1.00 26.79  ? 19  GLU A C   1 
ATOM   127  O  O   . GLU A 1 19 ? -9.578  2.627   -2.130  1.00 31.11  ? 19  GLU A O   1 
ATOM   128  C  CB  . GLU A 1 19 ? -10.780 0.071   -0.448  1.00 35.61  ? 19  GLU A CB  1 
ATOM   129  C  CG  . GLU A 1 19 ? -11.818 -0.365  0.538   1.00 45.40  ? 19  GLU A CG  1 
ATOM   130  C  CD  . GLU A 1 19 ? -11.306 -1.419  1.471   1.00 50.77  ? 19  GLU A CD  1 
ATOM   131  O  OE1 . GLU A 1 19 ? -10.719 -2.414  0.986   1.00 54.58  ? 19  GLU A OE1 1 
ATOM   132  O  OE2 . GLU A 1 19 ? -11.499 -1.251  2.687   1.00 58.81  ? 19  GLU A OE2 1 
ATOM   133  N  N   . PHE A 1 20 ? -9.975  0.808   -3.375  1.00 32.94  ? 20  PHE A N   1 
ATOM   134  C  CA  . PHE A 1 20 ? -8.966  1.153   -4.366  1.00 35.00  ? 20  PHE A CA  1 
ATOM   135  C  C   . PHE A 1 20 ? -9.315  2.437   -5.117  1.00 34.07  ? 20  PHE A C   1 
ATOM   136  O  O   . PHE A 1 20 ? -8.429  3.200   -5.484  1.00 32.31  ? 20  PHE A O   1 
ATOM   137  C  CB  . PHE A 1 20 ? -8.798  0.021   -5.370  1.00 34.12  ? 20  PHE A CB  1 
ATOM   138  C  CG  . PHE A 1 20 ? -8.117  -1.184  -4.805  1.00 37.96  ? 20  PHE A CG  1 
ATOM   139  C  CD1 . PHE A 1 20 ? -7.010  -1.048  -3.977  1.00 40.74  ? 20  PHE A CD1 1 
ATOM   140  C  CD2 . PHE A 1 20 ? -8.556  -2.458  -5.132  1.00 41.00  ? 20  PHE A CD2 1 
ATOM   141  C  CE1 . PHE A 1 20 ? -6.351  -2.166  -3.475  1.00 39.08  ? 20  PHE A CE1 1 
ATOM   142  C  CE2 . PHE A 1 20 ? -7.905  -3.581  -4.638  1.00 43.32  ? 20  PHE A CE2 1 
ATOM   143  C  CZ  . PHE A 1 20 ? -6.798  -3.432  -3.810  1.00 47.85  ? 20  PHE A CZ  1 
ATOM   144  N  N   . LYS A 1 21 ? -10.605 2.657   -5.351  1.00 32.11  ? 21  LYS A N   1 
ATOM   145  C  CA  . LYS A 1 21 ? -11.069 3.849   -6.055  1.00 34.36  ? 21  LYS A CA  1 
ATOM   146  C  C   . LYS A 1 21 ? -10.757 5.065   -5.204  1.00 35.48  ? 21  LYS A C   1 
ATOM   147  O  O   . LYS A 1 21 ? -10.263 6.086   -5.703  1.00 28.68  ? 21  LYS A O   1 
ATOM   148  C  CB  . LYS A 1 21 ? -12.583 3.769   -6.302  1.00 41.79  ? 21  LYS A CB  1 
ATOM   149  C  CG  . LYS A 1 21 ? -13.146 4.902   -7.151  1.00 42.76  ? 21  LYS A CG  1 
ATOM   150  C  CD  . LYS A 1 21 ? -12.555 4.884   -8.561  1.00 51.62  ? 21  LYS A CD  1 
ATOM   151  C  CE  . LYS A 1 21 ? -13.209 5.926   -9.466  1.00 53.04  ? 21  LYS A CE  1 
ATOM   152  N  NZ  . LYS A 1 21 ? -12.937 7.297   -8.980  1.00 52.24  ? 21  LYS A NZ  1 
ATOM   153  N  N   . ALA A 1 22 ? -11.045 4.953   -3.911  1.00 31.62  ? 22  ALA A N   1 
ATOM   154  C  CA  . ALA A 1 22 ? -10.783 6.042   -2.981  1.00 31.96  ? 22  ALA A CA  1 
ATOM   155  C  C   . ALA A 1 22 ? -9.291  6.387   -2.995  1.00 29.52  ? 22  ALA A C   1 
ATOM   156  O  O   . ALA A 1 22 ? -8.917  7.553   -2.919  1.00 35.11  ? 22  ALA A O   1 
ATOM   157  C  CB  . ALA A 1 22 ? -11.231 5.649   -1.567  1.00 32.40  ? 22  ALA A CB  1 
ATOM   158  N  N   . ALA A 1 23 ? -8.444  5.366   -3.091  1.00 28.54  ? 23  ALA A N   1 
ATOM   159  C  CA  . ALA A 1 23 ? -7.003  5.586   -3.144  1.00 29.36  ? 23  ALA A CA  1 
ATOM   160  C  C   . ALA A 1 23 ? -6.666  6.234   -4.493  1.00 30.08  ? 23  ALA A C   1 
ATOM   161  O  O   . ALA A 1 23 ? -5.997  7.261   -4.551  1.00 26.19  ? 23  ALA A O   1 
ATOM   162  C  CB  . ALA A 1 23 ? -6.249  4.250   -2.986  1.00 22.67  ? 23  ALA A CB  1 
ATOM   163  N  N   . PHE A 1 24 ? -7.143  5.631   -5.579  1.00 26.44  ? 24  PHE A N   1 
ATOM   164  C  CA  . PHE A 1 24 ? -6.892  6.165   -6.912  1.00 29.75  ? 24  PHE A CA  1 
ATOM   165  C  C   . PHE A 1 24 ? -7.310  7.633   -6.973  1.00 26.60  ? 24  PHE A C   1 
ATOM   166  O  O   . PHE A 1 24 ? -6.562  8.478   -7.460  1.00 29.36  ? 24  PHE A O   1 
ATOM   167  C  CB  . PHE A 1 24 ? -7.676  5.361   -7.957  1.00 24.50  ? 24  PHE A CB  1 
ATOM   168  C  CG  . PHE A 1 24 ? -7.500  5.854   -9.370  1.00 27.76  ? 24  PHE A CG  1 
ATOM   169  C  CD1 . PHE A 1 24 ? -6.406  5.457   -10.127 1.00 21.89  ? 24  PHE A CD1 1 
ATOM   170  C  CD2 . PHE A 1 24 ? -8.435  6.716   -9.942  1.00 29.74  ? 24  PHE A CD2 1 
ATOM   171  C  CE1 . PHE A 1 24 ? -6.239  5.902   -11.437 1.00 30.56  ? 24  PHE A CE1 1 
ATOM   172  C  CE2 . PHE A 1 24 ? -8.277  7.171   -11.255 1.00 29.60  ? 24  PHE A CE2 1 
ATOM   173  C  CZ  . PHE A 1 24 ? -7.177  6.762   -12.002 1.00 28.21  ? 24  PHE A CZ  1 
ATOM   174  N  N   . ASP A 1 25 ? -8.503  7.938   -6.470  1.00 30.84  ? 25  ASP A N   1 
ATOM   175  C  CA  . ASP A 1 25 ? -8.993  9.315   -6.480  1.00 35.30  ? 25  ASP A CA  1 
ATOM   176  C  C   . ASP A 1 25 ? -8.078  10.286  -5.748  1.00 37.24  ? 25  ASP A C   1 
ATOM   177  O  O   . ASP A 1 25 ? -7.866  11.406  -6.207  1.00 33.36  ? 25  ASP A O   1 
ATOM   178  C  CB  . ASP A 1 25 ? -10.402 9.401   -5.877  1.00 34.22  ? 25  ASP A CB  1 
ATOM   179  C  CG  . ASP A 1 25 ? -11.461 8.863   -6.813  1.00 43.01  ? 25  ASP A CG  1 
ATOM   180  O  OD1 . ASP A 1 25 ? -11.220 8.896   -8.038  1.00 46.97  ? 25  ASP A OD1 1 
ATOM   181  O  OD2 . ASP A 1 25 ? -12.528 8.419   -6.338  1.00 47.20  ? 25  ASP A OD2 1 
ATOM   182  N  N   . ILE A 1 26 ? -7.538  9.874   -4.608  1.00 35.14  ? 26  ILE A N   1 
ATOM   183  C  CA  . ILE A 1 26 ? -6.664  10.779  -3.892  1.00 36.18  ? 26  ILE A CA  1 
ATOM   184  C  C   . ILE A 1 26 ? -5.327  10.897  -4.639  1.00 36.03  ? 26  ILE A C   1 
ATOM   185  O  O   . ILE A 1 26 ? -4.732  11.971  -4.675  1.00 37.03  ? 26  ILE A O   1 
ATOM   186  C  CB  . ILE A 1 26 ? -6.462  10.326  -2.420  1.00 44.09  ? 26  ILE A CB  1 
ATOM   187  C  CG1 . ILE A 1 26 ? -5.968  11.506  -1.581  1.00 51.34  ? 26  ILE A CG1 1 
ATOM   188  C  CG2 . ILE A 1 26 ? -5.481  9.174   -2.342  1.00 45.83  ? 26  ILE A CG2 1 
ATOM   189  C  CD1 . ILE A 1 26 ? -7.078  12.390  -1.057  1.00 59.09  ? 26  ILE A CD1 1 
ATOM   190  N  N   . PHE A 1 27 ? -4.891  9.811   -5.279  1.00 32.17  ? 27  PHE A N   1 
ATOM   191  C  CA  . PHE A 1 27 ? -3.634  9.805   -6.030  1.00 31.62  ? 27  PHE A CA  1 
ATOM   192  C  C   . PHE A 1 27 ? -3.641  10.712  -7.267  1.00 32.38  ? 27  PHE A C   1 
ATOM   193  O  O   . PHE A 1 27 ? -2.576  11.219  -7.660  1.00 27.46  ? 27  PHE A O   1 
ATOM   194  C  CB  . PHE A 1 27 ? -3.284  8.380   -6.493  1.00 35.40  ? 27  PHE A CB  1 
ATOM   195  C  CG  . PHE A 1 27 ? -2.999  7.410   -5.371  1.00 36.34  ? 27  PHE A CG  1 
ATOM   196  C  CD1 . PHE A 1 27 ? -2.889  7.845   -4.047  1.00 40.23  ? 27  PHE A CD1 1 
ATOM   197  C  CD2 . PHE A 1 27 ? -2.835  6.055   -5.646  1.00 33.72  ? 27  PHE A CD2 1 
ATOM   198  C  CE1 . PHE A 1 27 ? -2.616  6.936   -3.014  1.00 27.60  ? 27  PHE A CE1 1 
ATOM   199  C  CE2 . PHE A 1 27 ? -2.561  5.137   -4.627  1.00 32.46  ? 27  PHE A CE2 1 
ATOM   200  C  CZ  . PHE A 1 27 ? -2.454  5.578   -3.306  1.00 30.18  ? 27  PHE A CZ  1 
ATOM   201  N  N   . VAL A 1 28 ? -4.799  10.910  -7.885  1.00 30.10  ? 28  VAL A N   1 
ATOM   202  C  CA  . VAL A 1 28 ? -4.864  11.735  -9.090  1.00 34.94  ? 28  VAL A CA  1 
ATOM   203  C  C   . VAL A 1 28 ? -5.353  13.157  -8.871  1.00 39.61  ? 28  VAL A C   1 
ATOM   204  O  O   . VAL A 1 28 ? -5.566  13.904  -9.828  1.00 36.27  ? 28  VAL A O   1 
ATOM   205  C  CB  . VAL A 1 28 ? -5.741  11.103  -10.180 1.00 31.26  ? 28  VAL A CB  1 
ATOM   206  C  CG1 . VAL A 1 28 ? -5.089  9.836   -10.706 1.00 32.55  ? 28  VAL A CG1 1 
ATOM   207  C  CG2 . VAL A 1 28 ? -7.142  10.832  -9.638  1.00 32.33  ? 28  VAL A CG2 1 
ATOM   208  N  N   . LEU A 1 29 ? -5.558  13.527  -7.610  1.00 39.86  ? 29  LEU A N   1 
ATOM   209  C  CA  . LEU A 1 29 ? -5.981  14.885  -7.313  1.00 48.87  ? 29  LEU A CA  1 
ATOM   210  C  C   . LEU A 1 29 ? -4.834  15.753  -7.805  1.00 52.77  ? 29  LEU A C   1 
ATOM   211  O  O   . LEU A 1 29 ? -3.726  15.675  -7.286  1.00 62.05  ? 29  LEU A O   1 
ATOM   212  C  CB  . LEU A 1 29 ? -6.134  15.092  -5.808  1.00 46.84  ? 29  LEU A CB  1 
ATOM   213  C  CG  . LEU A 1 29 ? -7.189  14.246  -5.100  1.00 50.85  ? 29  LEU A CG  1 
ATOM   214  C  CD1 . LEU A 1 29 ? -7.039  14.393  -3.595  1.00 56.51  ? 29  LEU A CD1 1 
ATOM   215  C  CD2 . LEU A 1 29 ? -8.583  14.670  -5.539  1.00 54.34  ? 29  LEU A CD2 1 
ATOM   216  N  N   . GLY A 1 30 ? -5.091  16.586  -8.803  1.00 55.04  ? 30  GLY A N   1 
ATOM   217  C  CA  . GLY A 1 30 ? -4.025  17.426  -9.311  1.00 56.95  ? 30  GLY A CA  1 
ATOM   218  C  C   . GLY A 1 30 ? -3.467  16.935  -10.628 1.00 57.33  ? 30  GLY A C   1 
ATOM   219  O  O   . GLY A 1 30 ? -2.786  17.677  -11.333 1.00 55.10  ? 30  GLY A O   1 
ATOM   220  N  N   . ALA A 1 31 ? -3.737  15.676  -10.962 1.00 51.43  ? 31  ALA A N   1 
ATOM   221  C  CA  . ALA A 1 31 ? -3.259  15.137  -12.229 1.00 50.24  ? 31  ALA A CA  1 
ATOM   222  C  C   . ALA A 1 31 ? -4.028  15.893  -13.291 1.00 52.22  ? 31  ALA A C   1 
ATOM   223  O  O   . ALA A 1 31 ? -5.239  16.052  -13.191 1.00 48.19  ? 31  ALA A O   1 
ATOM   224  C  CB  . ALA A 1 31 ? -3.551  13.652  -12.337 1.00 41.49  ? 31  ALA A CB  1 
ATOM   225  N  N   . GLU A 1 32 ? -3.320  16.374  -14.301 1.00 57.04  ? 32  GLU A N   1 
ATOM   226  C  CA  . GLU A 1 32 ? -3.960  17.132  -15.366 1.00 63.41  ? 32  GLU A CA  1 
ATOM   227  C  C   . GLU A 1 32 ? -5.088  16.387  -16.073 1.00 61.39  ? 32  GLU A C   1 
ATOM   228  O  O   . GLU A 1 32 ? -6.044  17.011  -16.534 1.00 64.74  ? 32  GLU A O   1 
ATOM   229  C  CB  . GLU A 1 32 ? -2.914  17.568  -16.398 1.00 72.13  ? 32  GLU A CB  1 
ATOM   230  C  CG  . GLU A 1 32 ? -3.465  18.500  -17.469 1.00 80.63  ? 32  GLU A CG  1 
ATOM   231  C  CD  . GLU A 1 32 ? -2.385  19.084  -18.365 1.00 86.56  ? 32  GLU A CD  1 
ATOM   232  O  OE1 . GLU A 1 32 ? -1.516  19.825  -17.855 1.00 88.82  ? 32  GLU A OE1 1 
ATOM   233  O  OE2 . GLU A 1 32 ? -2.409  18.805  -19.584 1.00 91.09  ? 32  GLU A OE2 1 
ATOM   234  N  N   . ASP A 1 33 ? -4.996  15.062  -16.161 1.00 56.69  ? 33  ASP A N   1 
ATOM   235  C  CA  . ASP A 1 33 ? -6.033  14.293  -16.852 1.00 52.58  ? 33  ASP A CA  1 
ATOM   236  C  C   . ASP A 1 33 ? -6.753  13.210  -16.047 1.00 47.39  ? 33  ASP A C   1 
ATOM   237  O  O   . ASP A 1 33 ? -7.284  12.257  -16.618 1.00 48.19  ? 33  ASP A O   1 
ATOM   238  C  CB  . ASP A 1 33 ? -5.444  13.661  -18.117 1.00 55.35  ? 33  ASP A CB  1 
ATOM   239  C  CG  . ASP A 1 33 ? -4.298  12.727  -17.817 1.00 57.56  ? 33  ASP A CG  1 
ATOM   240  O  OD1 . ASP A 1 33 ? -3.690  12.207  -18.776 1.00 67.13  ? 33  ASP A OD1 1 
ATOM   241  O  OD2 . ASP A 1 33 ? -4.008  12.510  -16.620 1.00 59.06  ? 33  ASP A OD2 1 
ATOM   242  N  N   . GLY A 1 34 ? -6.770  13.347  -14.729 1.00 45.81  ? 34  GLY A N   1 
ATOM   243  C  CA  . GLY A 1 34 ? -7.449  12.366  -13.901 1.00 41.28  ? 34  GLY A CA  1 
ATOM   244  C  C   . GLY A 1 34 ? -6.839  10.973  -13.894 1.00 38.56  ? 34  GLY A C   1 
ATOM   245  O  O   . GLY A 1 34 ? -7.463  10.026  -13.415 1.00 42.84  ? 34  GLY A O   1 
ATOM   246  N  N   . SER A 1 35 ? -5.629  10.833  -14.418 1.00 36.64  ? 35  SER A N   1 
ATOM   247  C  CA  . SER A 1 35 ? -4.975  9.527   -14.441 1.00 36.82  ? 35  SER A CA  1 
ATOM   248  C  C   . SER A 1 35 ? -3.620  9.629   -13.748 1.00 34.67  ? 35  SER A C   1 
ATOM   249  O  O   . SER A 1 35 ? -3.107  10.727  -13.535 1.00 30.87  ? 35  SER A O   1 
ATOM   250  C  CB  . SER A 1 35 ? -4.801  9.035   -15.882 1.00 33.26  ? 35  SER A CB  1 
ATOM   251  O  OG  . SER A 1 35 ? -3.809  9.781   -16.563 1.00 49.78  ? 35  SER A OG  1 
ATOM   252  N  N   . ILE A 1 36 ? -3.052  8.478   -13.400 1.00 31.86  ? 36  ILE A N   1 
ATOM   253  C  CA  . ILE A 1 36 ? -1.762  8.393   -12.716 1.00 28.37  ? 36  ILE A CA  1 
ATOM   254  C  C   . ILE A 1 36 ? -0.572  8.372   -13.678 1.00 33.49  ? 36  ILE A C   1 
ATOM   255  O  O   . ILE A 1 36 ? -0.363  7.376   -14.364 1.00 29.47  ? 36  ILE A O   1 
ATOM   256  C  CB  . ILE A 1 36 ? -1.704  7.093   -11.853 1.00 28.40  ? 36  ILE A CB  1 
ATOM   257  C  CG1 . ILE A 1 36 ? -2.727  7.173   -10.726 1.00 27.31  ? 36  ILE A CG1 1 
ATOM   258  C  CG2 . ILE A 1 36 ? -0.287  6.843   -11.308 1.00 26.78  ? 36  ILE A CG2 1 
ATOM   259  C  CD1 . ILE A 1 36 ? -2.481  8.248   -9.640  1.00 55.88  ? 36  ILE A CD1 1 
ATOM   260  N  N   . SER A 1 37 ? 0.210   9.452   -13.727 1.00 25.26  ? 37  SER A N   1 
ATOM   261  C  CA  . SER A 1 37 ? 1.393   9.483   -14.588 1.00 23.57  ? 37  SER A CA  1 
ATOM   262  C  C   . SER A 1 37 ? 2.567   9.178   -13.662 1.00 23.67  ? 37  SER A C   1 
ATOM   263  O  O   . SER A 1 37 ? 2.359   8.916   -12.485 1.00 26.71  ? 37  SER A O   1 
ATOM   264  C  CB  . SER A 1 37 ? 1.593   10.867  -15.218 1.00 36.19  ? 37  SER A CB  1 
ATOM   265  O  OG  . SER A 1 37 ? 2.001   11.829  -14.253 1.00 38.85  ? 37  SER A OG  1 
ATOM   266  N  N   . THR A 1 38 ? 3.789   9.218   -14.179 1.00 22.89  ? 38  THR A N   1 
ATOM   267  C  CA  . THR A 1 38 ? 4.962   8.954   -13.349 1.00 27.70  ? 38  THR A CA  1 
ATOM   268  C  C   . THR A 1 38 ? 5.029   9.890   -12.130 1.00 27.60  ? 38  THR A C   1 
ATOM   269  O  O   . THR A 1 38 ? 5.494   9.489   -11.058 1.00 27.59  ? 38  THR A O   1 
ATOM   270  C  CB  . THR A 1 38 ? 6.268   9.107   -14.161 1.00 27.94  ? 38  THR A CB  1 
ATOM   271  O  OG1 . THR A 1 38 ? 6.334   10.430  -14.711 1.00 32.36  ? 38  THR A OG1 1 
ATOM   272  C  CG2 . THR A 1 38 ? 6.336   8.069   -15.292 1.00 27.06  ? 38  THR A CG2 1 
ATOM   273  N  N   . LYS A 1 39 ? 4.565   11.129  -12.305 1.00 27.31  ? 39  LYS A N   1 
ATOM   274  C  CA  . LYS A 1 39 ? 4.573   12.127  -11.231 1.00 26.83  ? 39  LYS A CA  1 
ATOM   275  C  C   . LYS A 1 39 ? 3.711   11.659  -10.067 1.00 29.81  ? 39  LYS A C   1 
ATOM   276  O  O   . LYS A 1 39 ? 4.182   11.582  -8.946  1.00 33.12  ? 39  LYS A O   1 
ATOM   277  C  CB  . LYS A 1 39 ? 4.046   13.477  -11.727 1.00 25.82  ? 39  LYS A CB  1 
ATOM   278  C  CG  . LYS A 1 39 ? 4.119   14.573  -10.654 1.00 36.09  ? 39  LYS A CG  1 
ATOM   279  C  CD  . LYS A 1 39 ? 3.261   15.795  -10.987 1.00 40.38  ? 39  LYS A CD  1 
ATOM   280  C  CE  . LYS A 1 39 ? 3.687   16.443  -12.289 1.00 48.62  ? 39  LYS A CE  1 
ATOM   281  N  NZ  . LYS A 1 39 ? 2.821   17.604  -12.626 1.00 39.65  ? 39  LYS A NZ  1 
ATOM   282  N  N   . GLU A 1 40 ? 2.448   11.350  -10.334 1.00 29.35  ? 40  GLU A N   1 
ATOM   283  C  CA  . GLU A 1 40 ? 1.549   10.887  -9.277  1.00 28.80  ? 40  GLU A CA  1 
ATOM   284  C  C   . GLU A 1 40 ? 1.995   9.574   -8.629  1.00 24.34  ? 40  GLU A C   1 
ATOM   285  O  O   . GLU A 1 40 ? 1.797   9.374   -7.431  1.00 28.62  ? 40  GLU A O   1 
ATOM   286  C  CB  . GLU A 1 40 ? 0.120   10.738  -9.812  1.00 32.27  ? 40  GLU A CB  1 
ATOM   287  C  CG  . GLU A 1 40 ? -0.532  12.064  -10.175 1.00 36.20  ? 40  GLU A CG  1 
ATOM   288  C  CD  . GLU A 1 40 ? 0.024   12.657  -11.458 1.00 40.32  ? 40  GLU A CD  1 
ATOM   289  O  OE1 . GLU A 1 40 ? 0.027   13.903  -11.585 1.00 40.42  ? 40  GLU A OE1 1 
ATOM   290  O  OE2 . GLU A 1 40 ? 0.447   11.880  -12.347 1.00 37.64  ? 40  GLU A OE2 1 
ATOM   291  N  N   . LEU A 1 41 ? 2.587   8.685   -9.423  1.00 26.67  ? 41  LEU A N   1 
ATOM   292  C  CA  . LEU A 1 41 ? 3.069   7.395   -8.929  1.00 27.95  ? 41  LEU A CA  1 
ATOM   293  C  C   . LEU A 1 41 ? 4.316   7.594   -8.078  1.00 24.71  ? 41  LEU A C   1 
ATOM   294  O  O   . LEU A 1 41 ? 4.521   6.893   -7.086  1.00 21.58  ? 41  LEU A O   1 
ATOM   295  C  CB  . LEU A 1 41 ? 3.423   6.462   -10.093 1.00 22.69  ? 41  LEU A CB  1 
ATOM   296  C  CG  . LEU A 1 41 ? 3.913   5.063   -9.710  1.00 24.68  ? 41  LEU A CG  1 
ATOM   297  C  CD1 . LEU A 1 41 ? 2.923   4.434   -8.727  1.00 23.86  ? 41  LEU A CD1 1 
ATOM   298  C  CD2 . LEU A 1 41 ? 4.068   4.199   -10.982 1.00 23.51  ? 41  LEU A CD2 1 
ATOM   299  N  N   . GLY A 1 42 ? 5.159   8.528   -8.498  1.00 21.00  ? 42  GLY A N   1 
ATOM   300  C  CA  . GLY A 1 42 ? 6.373   8.808   -7.756  1.00 21.72  ? 42  GLY A CA  1 
ATOM   301  C  C   . GLY A 1 42 ? 6.041   9.363   -6.383  1.00 22.36  ? 42  GLY A C   1 
ATOM   302  O  O   . GLY A 1 42 ? 6.679   8.998   -5.407  1.00 25.79  ? 42  GLY A O   1 
ATOM   303  N  N   . LYS A 1 43 ? 5.030   10.230  -6.311  1.00 24.31  ? 43  LYS A N   1 
ATOM   304  C  CA  . LYS A 1 43 ? 4.629   10.835  -5.040  1.00 31.08  ? 43  LYS A CA  1 
ATOM   305  C  C   . LYS A 1 43 ? 4.117   9.771   -4.078  1.00 34.29  ? 43  LYS A C   1 
ATOM   306  O  O   . LYS A 1 43 ? 4.413   9.812   -2.882  1.00 27.88  ? 43  LYS A O   1 
ATOM   307  C  CB  . LYS A 1 43 ? 3.543   11.884  -5.257  1.00 26.18  ? 43  LYS A CB  1 
ATOM   308  C  CG  . LYS A 1 43 ? 3.991   13.113  -6.023  1.00 35.71  ? 43  LYS A CG  1 
ATOM   309  C  CD  . LYS A 1 43 ? 2.834   14.102  -6.136  1.00 35.15  ? 43  LYS A CD  1 
ATOM   310  C  CE  . LYS A 1 43 ? 3.235   15.308  -6.967  1.00 37.85  ? 43  LYS A CE  1 
ATOM   311  N  NZ  . LYS A 1 43 ? 2.073   16.182  -7.274  1.00 35.05  ? 43  LYS A NZ  1 
ATOM   312  N  N   . VAL A 1 44 ? 3.348   8.823   -4.609  1.00 27.12  ? 44  VAL A N   1 
ATOM   313  C  CA  . VAL A 1 44 ? 2.804   7.733   -3.799  1.00 33.52  ? 44  VAL A CA  1 
ATOM   314  C  C   . VAL A 1 44 ? 3.924   6.838   -3.274  1.00 30.25  ? 44  VAL A C   1 
ATOM   315  O  O   . VAL A 1 44 ? 3.932   6.472   -2.095  1.00 29.39  ? 44  VAL A O   1 
ATOM   316  C  CB  . VAL A 1 44 ? 1.818   6.857   -4.614  1.00 32.63  ? 44  VAL A CB  1 
ATOM   317  C  CG1 . VAL A 1 44 ? 1.238   5.762   -3.728  1.00 35.97  ? 44  VAL A CG1 1 
ATOM   318  C  CG2 . VAL A 1 44 ? 0.699   7.726   -5.174  1.00 30.15  ? 44  VAL A CG2 1 
ATOM   319  N  N   . MET A 1 45 ? 4.862   6.486   -4.156  1.00 24.26  ? 45  MET A N   1 
ATOM   320  C  CA  . MET A 1 45 ? 5.988   5.629   -3.786  1.00 29.33  ? 45  MET A CA  1 
ATOM   321  C  C   . MET A 1 45 ? 6.787   6.316   -2.686  1.00 29.52  ? 45  MET A C   1 
ATOM   322  O  O   . MET A 1 45 ? 7.164   5.705   -1.690  1.00 31.22  ? 45  MET A O   1 
ATOM   323  C  CB  . MET A 1 45 ? 6.930   5.417   -4.974  1.00 28.10  ? 45  MET A CB  1 
ATOM   324  C  CG  . MET A 1 45 ? 6.312   4.855   -6.233  1.00 39.43  ? 45  MET A CG  1 
ATOM   325  S  SD  . MET A 1 45 ? 6.191   3.096   -6.181  1.00 57.09  ? 45  MET A SD  1 
ATOM   326  C  CE  . MET A 1 45 ? 7.910   2.571   -6.071  1.00 41.28  ? 45  MET A CE  1 
ATOM   327  N  N   . ARG A 1 46 ? 7.048   7.598   -2.884  1.00 28.93  ? 46  ARG A N   1 
ATOM   328  C  CA  . ARG A 1 46 ? 7.841   8.327   -1.908  1.00 37.49  ? 46  ARG A CA  1 
ATOM   329  C  C   . ARG A 1 46 ? 7.120   8.494   -0.584  1.00 36.38  ? 46  ARG A C   1 
ATOM   330  O  O   . ARG A 1 46 ? 7.730   8.423   0.478   1.00 35.26  ? 46  ARG A O   1 
ATOM   331  C  CB  . ARG A 1 46 ? 8.274   9.673   -2.493  1.00 34.69  ? 46  ARG A CB  1 
ATOM   332  C  CG  . ARG A 1 46 ? 9.386   9.479   -3.534  1.00 45.91  ? 46  ARG A CG  1 
ATOM   333  C  CD  . ARG A 1 46 ? 10.044  10.764  -3.972  1.00 50.52  ? 46  ARG A CD  1 
ATOM   334  N  NE  . ARG A 1 46 ? 11.358  10.514  -4.569  1.00 49.96  ? 46  ARG A NE  1 
ATOM   335  C  CZ  . ARG A 1 46 ? 11.562  9.904   -5.734  1.00 55.54  ? 46  ARG A CZ  1 
ATOM   336  N  NH1 . ARG A 1 46 ? 12.800  9.727   -6.170  1.00 60.14  ? 46  ARG A NH1 1 
ATOM   337  N  NH2 . ARG A 1 46 ? 10.539  9.483   -6.470  1.00 47.33  ? 46  ARG A NH2 1 
ATOM   338  N  N   . MET A 1 47 ? 5.814   8.694   -0.668  1.00 41.42  ? 47  MET A N   1 
ATOM   339  C  CA  . MET A 1 47 ? 4.957   8.867   0.488   1.00 43.38  ? 47  MET A CA  1 
ATOM   340  C  C   . MET A 1 47 ? 5.033   7.601   1.339   1.00 40.14  ? 47  MET A C   1 
ATOM   341  O  O   . MET A 1 47 ? 4.837   7.634   2.554   1.00 42.09  ? 47  MET A O   1 
ATOM   342  C  CB  . MET A 1 47 ? 3.539   9.107   -0.006  1.00 46.78  ? 47  MET A CB  1 
ATOM   343  C  CG  . MET A 1 47 ? 2.532   9.425   1.050   1.00 56.92  ? 47  MET A CG  1 
ATOM   344  S  SD  . MET A 1 47 ? 0.998   9.920   0.249   1.00 60.61  ? 47  MET A SD  1 
ATOM   345  C  CE  . MET A 1 47 ? 0.435   8.343   -0.343  1.00 60.47  ? 47  MET A CE  1 
ATOM   346  N  N   . LEU A 1 48 ? 5.334   6.489   0.679   1.00 34.13  ? 48  LEU A N   1 
ATOM   347  C  CA  . LEU A 1 48 ? 5.453   5.206   1.340   1.00 34.04  ? 48  LEU A CA  1 
ATOM   348  C  C   . LEU A 1 48 ? 6.928   4.828   1.536   1.00 27.84  ? 48  LEU A C   1 
ATOM   349  O  O   . LEU A 1 48 ? 7.300   3.655   1.562   1.00 30.84  ? 48  LEU A O   1 
ATOM   350  C  CB  . LEU A 1 48 ? 4.701   4.147   0.527   1.00 33.05  ? 48  LEU A CB  1 
ATOM   351  C  CG  . LEU A 1 48 ? 3.224   4.530   0.359   1.00 29.45  ? 48  LEU A CG  1 
ATOM   352  C  CD1 . LEU A 1 48 ? 2.548   3.572   -0.578  1.00 30.32  ? 48  LEU A CD1 1 
ATOM   353  C  CD2 . LEU A 1 48 ? 2.530   4.554   1.720   1.00 34.01  ? 48  LEU A CD2 1 
ATOM   354  N  N   . GLY A 1 49 ? 7.762   5.849   1.678   1.00 31.83  ? 49  GLY A N   1 
ATOM   355  C  CA  . GLY A 1 49 ? 9.179   5.639   1.921   1.00 36.60  ? 49  GLY A CA  1 
ATOM   356  C  C   . GLY A 1 49 ? 10.045  5.023   0.838   1.00 36.55  ? 49  GLY A C   1 
ATOM   357  O  O   . GLY A 1 49 ? 11.197  4.682   1.101   1.00 38.99  ? 49  GLY A O   1 
ATOM   358  N  N   . GLN A 1 50 ? 9.521   4.876   -0.372  1.00 36.64  ? 50  GLN A N   1 
ATOM   359  C  CA  . GLN A 1 50 ? 10.310  4.290   -1.448  1.00 35.38  ? 50  GLN A CA  1 
ATOM   360  C  C   . GLN A 1 50 ? 11.063  5.354   -2.256  1.00 37.62  ? 50  GLN A C   1 
ATOM   361  O  O   . GLN A 1 50 ? 10.775  6.543   -2.160  1.00 38.45  ? 50  GLN A O   1 
ATOM   362  C  CB  . GLN A 1 50 ? 9.401   3.476   -2.361  1.00 36.48  ? 50  GLN A CB  1 
ATOM   363  C  CG  . GLN A 1 50 ? 8.437   2.580   -1.590  1.00 45.01  ? 50  GLN A CG  1 
ATOM   364  C  CD  . GLN A 1 50 ? 9.144   1.535   -0.746  1.00 43.17  ? 50  GLN A CD  1 
ATOM   365  O  OE1 . GLN A 1 50 ? 9.893   0.715   -1.268  1.00 47.30  ? 50  GLN A OE1 1 
ATOM   366  N  NE2 . GLN A 1 50 ? 8.903   1.557   0.566   1.00 40.89  ? 50  GLN A NE2 1 
ATOM   367  N  N   . ASN A 1 51 ? 12.034  4.913   -3.048  1.00 43.49  ? 51  ASN A N   1 
ATOM   368  C  CA  . ASN A 1 51 ? 12.828  5.821   -3.867  1.00 47.25  ? 51  ASN A CA  1 
ATOM   369  C  C   . ASN A 1 51 ? 13.022  5.225   -5.264  1.00 50.60  ? 51  ASN A C   1 
ATOM   370  O  O   . ASN A 1 51 ? 14.040  4.584   -5.545  1.00 52.13  ? 51  ASN A O   1 
ATOM   371  C  CB  . ASN A 1 51 ? 14.188  6.054   -3.207  1.00 58.18  ? 51  ASN A CB  1 
ATOM   372  C  CG  . ASN A 1 51 ? 14.926  7.228   -3.804  1.00 64.58  ? 51  ASN A CG  1 
ATOM   373  O  OD1 . ASN A 1 51 ? 14.449  8.366   -3.755  1.00 70.58  ? 51  ASN A OD1 1 
ATOM   374  N  ND2 . ASN A 1 51 ? 16.098  6.966   -4.375  1.00 66.75  ? 51  ASN A ND2 1 
ATOM   375  N  N   . PRO A 1 52 ? 12.040  5.422   -6.161  1.00 47.72  ? 52  PRO A N   1 
ATOM   376  C  CA  . PRO A 1 52 ? 12.145  4.880   -7.516  1.00 45.32  ? 52  PRO A CA  1 
ATOM   377  C  C   . PRO A 1 52 ? 12.773  5.840   -8.531  1.00 43.19  ? 52  PRO A C   1 
ATOM   378  O  O   . PRO A 1 52 ? 12.606  7.058   -8.446  1.00 46.85  ? 52  PRO A O   1 
ATOM   379  C  CB  . PRO A 1 52 ? 10.693  4.555   -7.855  1.00 44.51  ? 52  PRO A CB  1 
ATOM   380  C  CG  . PRO A 1 52 ? 9.977   5.747   -7.260  1.00 46.93  ? 52  PRO A CG  1 
ATOM   381  C  CD  . PRO A 1 52 ? 10.687  5.959   -5.912  1.00 38.80  ? 52  PRO A CD  1 
ATOM   382  N  N   . THR A 1 53 ? 13.503  5.286   -9.487  1.00 47.84  ? 53  THR A N   1 
ATOM   383  C  CA  . THR A 1 53 ? 14.119  6.098   -10.529 1.00 48.65  ? 53  THR A CA  1 
ATOM   384  C  C   . THR A 1 53 ? 13.013  6.440   -11.519 1.00 46.73  ? 53  THR A C   1 
ATOM   385  O  O   . THR A 1 53 ? 11.941  5.836   -11.491 1.00 44.32  ? 53  THR A O   1 
ATOM   386  C  CB  . THR A 1 53 ? 15.221  5.318   -11.266 1.00 51.06  ? 53  THR A CB  1 
ATOM   387  O  OG1 . THR A 1 53 ? 14.681  4.091   -11.766 1.00 47.28  ? 53  THR A OG1 1 
ATOM   388  C  CG2 . THR A 1 53 ? 16.377  5.006   -10.331 1.00 47.93  ? 53  THR A CG2 1 
ATOM   389  N  N   . PRO A 1 54 ? 13.244  7.431   -12.390 1.00 45.91  ? 54  PRO A N   1 
ATOM   390  C  CA  . PRO A 1 54 ? 12.208  7.785   -13.365 1.00 43.83  ? 54  PRO A CA  1 
ATOM   391  C  C   . PRO A 1 54 ? 11.904  6.594   -14.273 1.00 45.32  ? 54  PRO A C   1 
ATOM   392  O  O   . PRO A 1 54 ? 10.793  6.445   -14.774 1.00 45.71  ? 54  PRO A O   1 
ATOM   393  C  CB  . PRO A 1 54 ? 12.836  8.951   -14.119 1.00 42.91  ? 54  PRO A CB  1 
ATOM   394  C  CG  . PRO A 1 54 ? 13.646  9.615   -13.064 1.00 43.20  ? 54  PRO A CG  1 
ATOM   395  C  CD  . PRO A 1 54 ? 14.316  8.440   -12.381 1.00 48.55  ? 54  PRO A CD  1 
ATOM   396  N  N   . GLU A 1 55 ? 12.904  5.741   -14.460 1.00 43.09  ? 55  GLU A N   1 
ATOM   397  C  CA  . GLU A 1 55 ? 12.752  4.565   -15.304 1.00 48.23  ? 55  GLU A CA  1 
ATOM   398  C  C   . GLU A 1 55 ? 11.890  3.515   -14.631 1.00 46.58  ? 55  GLU A C   1 
ATOM   399  O  O   . GLU A 1 55 ? 11.038  2.906   -15.273 1.00 48.09  ? 55  GLU A O   1 
ATOM   400  C  CB  . GLU A 1 55 ? 14.118  3.950   -15.636 1.00 52.36  ? 55  GLU A CB  1 
ATOM   401  C  CG  . GLU A 1 55 ? 15.094  4.888   -16.322 1.00 61.88  ? 55  GLU A CG  1 
ATOM   402  C  CD  . GLU A 1 55 ? 15.784  5.827   -15.352 1.00 70.69  ? 55  GLU A CD  1 
ATOM   403  O  OE1 . GLU A 1 55 ? 16.418  5.327   -14.398 1.00 76.68  ? 55  GLU A OE1 1 
ATOM   404  O  OE2 . GLU A 1 55 ? 15.700  7.057   -15.545 1.00 71.59  ? 55  GLU A OE2 1 
ATOM   405  N  N   . GLU A 1 56 ? 12.118  3.285   -13.341 1.00 42.36  ? 56  GLU A N   1 
ATOM   406  C  CA  . GLU A 1 56 ? 11.335  2.297   -12.613 1.00 40.10  ? 56  GLU A CA  1 
ATOM   407  C  C   . GLU A 1 56 ? 9.865   2.682   -12.677 1.00 32.84  ? 56  GLU A C   1 
ATOM   408  O  O   . GLU A 1 56 ? 9.007   1.825   -12.850 1.00 32.50  ? 56  GLU A O   1 
ATOM   409  C  CB  . GLU A 1 56 ? 11.784  2.217   -11.155 1.00 46.44  ? 56  GLU A CB  1 
ATOM   410  C  CG  . GLU A 1 56 ? 13.189  1.685   -10.966 1.00 55.69  ? 56  GLU A CG  1 
ATOM   411  C  CD  . GLU A 1 56 ? 13.669  1.792   -9.530  1.00 61.69  ? 56  GLU A CD  1 
ATOM   412  O  OE1 . GLU A 1 56 ? 13.783  2.923   -9.015  1.00 57.96  ? 56  GLU A OE1 1 
ATOM   413  O  OE2 . GLU A 1 56 ? 13.938  0.742   -8.914  1.00 66.07  ? 56  GLU A OE2 1 
ATOM   414  N  N   . LEU A 1 57 ? 9.584   3.978   -12.542 1.00 28.45  ? 57  LEU A N   1 
ATOM   415  C  CA  . LEU A 1 57 ? 8.215   4.474   -12.580 1.00 26.18  ? 57  LEU A CA  1 
ATOM   416  C  C   . LEU A 1 57 ? 7.577   4.212   -13.942 1.00 33.21  ? 57  LEU A C   1 
ATOM   417  O  O   . LEU A 1 57 ? 6.430   3.761   -14.019 1.00 29.97  ? 57  LEU A O   1 
ATOM   418  C  CB  . LEU A 1 57 ? 8.179   5.972   -12.246 1.00 26.80  ? 57  LEU A CB  1 
ATOM   419  C  CG  . LEU A 1 57 ? 8.572   6.367   -10.807 1.00 29.52  ? 57  LEU A CG  1 
ATOM   420  C  CD1 . LEU A 1 57 ? 8.638   7.880   -10.671 1.00 25.93  ? 57  LEU A CD1 1 
ATOM   421  C  CD2 . LEU A 1 57 ? 7.563   5.803   -9.828  1.00 20.06  ? 57  LEU A CD2 1 
ATOM   422  N  N   . GLN A 1 58 ? 8.323   4.484   -15.010 1.00 31.95  ? 58  GLN A N   1 
ATOM   423  C  CA  . GLN A 1 58 ? 7.827   4.268   -16.370 1.00 31.09  ? 58  GLN A CA  1 
ATOM   424  C  C   . GLN A 1 58 ? 7.495   2.800   -16.623 1.00 31.19  ? 58  GLN A C   1 
ATOM   425  O  O   . GLN A 1 58 ? 6.471   2.478   -17.225 1.00 30.01  ? 58  GLN A O   1 
ATOM   426  C  CB  . GLN A 1 58 ? 8.862   4.749   -17.387 1.00 39.66  ? 58  GLN A CB  1 
ATOM   427  C  CG  . GLN A 1 58 ? 8.792   6.232   -17.678 1.00 46.29  ? 58  GLN A CG  1 
ATOM   428  C  CD  . GLN A 1 58 ? 9.975   6.709   -18.492 1.00 57.62  ? 58  GLN A CD  1 
ATOM   429  O  OE1 . GLN A 1 58 ? 10.423  6.029   -19.415 1.00 59.43  ? 58  GLN A OE1 1 
ATOM   430  N  NE2 . GLN A 1 58 ? 10.481  7.892   -18.161 1.00 59.36  ? 58  GLN A NE2 1 
ATOM   431  N  N   . GLU A 1 59 ? 8.369   1.919   -16.148 1.00 30.97  ? 59  GLU A N   1 
ATOM   432  C  CA  . GLU A 1 59 ? 8.182   0.480   -16.281 1.00 32.08  ? 59  GLU A CA  1 
ATOM   433  C  C   . GLU A 1 59 ? 6.956   0.001   -15.502 1.00 34.01  ? 59  GLU A C   1 
ATOM   434  O  O   . GLU A 1 59 ? 6.194   -0.855  -15.975 1.00 30.90  ? 59  GLU A O   1 
ATOM   435  C  CB  . GLU A 1 59 ? 9.431   -0.241  -15.770 1.00 37.64  ? 59  GLU A CB  1 
ATOM   436  C  CG  . GLU A 1 59 ? 10.696  0.223   -16.482 1.00 56.07  ? 59  GLU A CG  1 
ATOM   437  C  CD  . GLU A 1 59 ? 11.977  -0.208  -15.781 1.00 65.15  ? 59  GLU A CD  1 
ATOM   438  O  OE1 . GLU A 1 59 ? 13.064  0.216   -16.231 1.00 69.89  ? 59  GLU A OE1 1 
ATOM   439  O  OE2 . GLU A 1 59 ? 11.903  -0.960  -14.785 1.00 67.22  ? 59  GLU A OE2 1 
ATOM   440  N  N   . MET A 1 60 ? 6.772   0.532   -14.298 1.00 28.97  ? 60  MET A N   1 
ATOM   441  C  CA  . MET A 1 60 ? 5.630   0.142   -13.493 1.00 30.03  ? 60  MET A CA  1 
ATOM   442  C  C   . MET A 1 60 ? 4.371   0.514   -14.241 1.00 27.19  ? 60  MET A C   1 
ATOM   443  O  O   . MET A 1 60 ? 3.422   -0.265  -14.301 1.00 27.19  ? 60  MET A O   1 
ATOM   444  C  CB  . MET A 1 60 ? 5.651   0.840   -12.129 1.00 35.92  ? 60  MET A CB  1 
ATOM   445  C  CG  . MET A 1 60 ? 6.663   0.259   -11.152 1.00 38.46  ? 60  MET A CG  1 
ATOM   446  S  SD  . MET A 1 60 ? 6.656   1.185   -9.608  1.00 40.56  ? 60  MET A SD  1 
ATOM   447  C  CE  . MET A 1 60 ? 5.115   0.631   -8.916  1.00 36.40  ? 60  MET A CE  1 
ATOM   448  N  N   . ILE A 1 61 ? 4.361   1.703   -14.830 1.00 25.50  ? 61  ILE A N   1 
ATOM   449  C  CA  . ILE A 1 61 ? 3.190   2.135   -15.587 1.00 31.79  ? 61  ILE A CA  1 
ATOM   450  C  C   . ILE A 1 61 ? 2.988   1.272   -16.843 1.00 33.82  ? 61  ILE A C   1 
ATOM   451  O  O   . ILE A 1 61 ? 1.878   0.815   -17.127 1.00 26.78  ? 61  ILE A O   1 
ATOM   452  C  CB  . ILE A 1 61 ? 3.312   3.610   -16.011 1.00 33.68  ? 61  ILE A CB  1 
ATOM   453  C  CG1 . ILE A 1 61 ? 3.200   4.510   -14.769 1.00 37.94  ? 61  ILE A CG1 1 
ATOM   454  C  CG2 . ILE A 1 61 ? 2.253   3.939   -17.058 1.00 25.79  ? 61  ILE A CG2 1 
ATOM   455  C  CD1 . ILE A 1 61 ? 1.985   4.394   -13.866 1.00 54.00  ? 61  ILE A CD1 1 
ATOM   456  N  N   . ASP A 1 62 ? 4.068   1.057   -17.585 1.00 34.08  ? 62  ASP A N   1 
ATOM   457  C  CA  . ASP A 1 62 ? 4.029   0.282   -18.821 1.00 37.08  ? 62  ASP A CA  1 
ATOM   458  C  C   . ASP A 1 62 ? 3.491   -1.137  -18.667 1.00 37.54  ? 62  ASP A C   1 
ATOM   459  O  O   . ASP A 1 62 ? 2.832   -1.648  -19.571 1.00 37.28  ? 62  ASP A O   1 
ATOM   460  C  CB  . ASP A 1 62 ? 5.424   0.226   -19.450 1.00 36.05  ? 62  ASP A CB  1 
ATOM   461  C  CG  . ASP A 1 62 ? 5.414   -0.423  -20.829 1.00 44.64  ? 62  ASP A CG  1 
ATOM   462  O  OD1 . ASP A 1 62 ? 5.799   -1.611  -20.943 1.00 43.20  ? 62  ASP A OD1 1 
ATOM   463  O  OD2 . ASP A 1 62 ? 5.007   0.258   -21.797 1.00 41.62  ? 62  ASP A OD2 1 
ATOM   464  N  N   . GLU A 1 63 ? 3.761   -1.766  -17.528 1.00 35.03  ? 63  GLU A N   1 
ATOM   465  C  CA  . GLU A 1 63 ? 3.289   -3.127  -17.286 1.00 34.58  ? 63  GLU A CA  1 
ATOM   466  C  C   . GLU A 1 63 ? 1.775   -3.256  -17.361 1.00 34.92  ? 63  GLU A C   1 
ATOM   467  O  O   . GLU A 1 63 ? 1.273   -4.330  -17.659 1.00 35.75  ? 63  GLU A O   1 
ATOM   468  C  CB  . GLU A 1 63 ? 3.730   -3.625  -15.905 1.00 42.48  ? 63  GLU A CB  1 
ATOM   469  C  CG  . GLU A 1 63 ? 5.218   -3.774  -15.708 1.00 51.03  ? 63  GLU A CG  1 
ATOM   470  C  CD  . GLU A 1 63 ? 5.546   -4.235  -14.301 1.00 59.99  ? 63  GLU A CD  1 
ATOM   471  O  OE1 . GLU A 1 63 ? 6.745   -4.314  -13.956 1.00 63.32  ? 63  GLU A OE1 1 
ATOM   472  O  OE2 . GLU A 1 63 ? 4.597   -4.522  -13.540 1.00 63.88  ? 63  GLU A OE2 1 
ATOM   473  N  N   . VAL A 1 64 ? 1.042   -2.181  -17.082 1.00 27.75  ? 64  VAL A N   1 
ATOM   474  C  CA  . VAL A 1 64 ? -0.417  -2.251  -17.104 1.00 25.50  ? 64  VAL A CA  1 
ATOM   475  C  C   . VAL A 1 64 ? -1.052  -1.215  -18.034 1.00 28.50  ? 64  VAL A C   1 
ATOM   476  O  O   . VAL A 1 64 ? -2.266  -1.001  -18.020 1.00 30.46  ? 64  VAL A O   1 
ATOM   477  C  CB  . VAL A 1 64 ? -1.005  -2.039  -15.678 1.00 31.80  ? 64  VAL A CB  1 
ATOM   478  C  CG1 . VAL A 1 64 ? -0.352  -3.004  -14.686 1.00 29.17  ? 64  VAL A CG1 1 
ATOM   479  C  CG2 . VAL A 1 64 ? -0.786  -0.587  -15.232 1.00 31.81  ? 64  VAL A CG2 1 
ATOM   480  N  N   . ASP A 1 65 ? -0.229  -0.573  -18.848 1.00 29.42  ? 65  ASP A N   1 
ATOM   481  C  CA  . ASP A 1 65 ? -0.732  0.451   -19.748 1.00 26.44  ? 65  ASP A CA  1 
ATOM   482  C  C   . ASP A 1 65 ? -1.291  -0.153  -21.037 1.00 29.60  ? 65  ASP A C   1 
ATOM   483  O  O   . ASP A 1 65 ? -0.658  -0.066  -22.084 1.00 32.25  ? 65  ASP A O   1 
ATOM   484  C  CB  . ASP A 1 65 ? 0.391   1.412   -20.089 1.00 25.40  ? 65  ASP A CB  1 
ATOM   485  C  CG  . ASP A 1 65 ? -0.104  2.629   -20.799 1.00 24.60  ? 65  ASP A CG  1 
ATOM   486  O  OD1 . ASP A 1 65 ? 0.723   3.294   -21.446 1.00 23.65  ? 65  ASP A OD1 1 
ATOM   487  O  OD2 . ASP A 1 65 ? -1.320  2.921   -20.692 1.00 21.36  ? 65  ASP A OD2 1 
ATOM   488  N  N   . GLU A 1 66 ? -2.486  -0.734  -20.957 1.00 35.26  ? 66  GLU A N   1 
ATOM   489  C  CA  . GLU A 1 66 ? -3.121  -1.387  -22.105 1.00 38.95  ? 66  GLU A CA  1 
ATOM   490  C  C   . GLU A 1 66 ? -3.453  -0.516  -23.307 1.00 36.10  ? 66  GLU A C   1 
ATOM   491  O  O   . GLU A 1 66 ? -3.518  -1.022  -24.427 1.00 32.65  ? 66  GLU A O   1 
ATOM   492  C  CB  . GLU A 1 66 ? -4.390  -2.109  -21.662 1.00 42.25  ? 66  GLU A CB  1 
ATOM   493  C  CG  . GLU A 1 66 ? -4.138  -3.208  -20.660 1.00 58.89  ? 66  GLU A CG  1 
ATOM   494  C  CD  . GLU A 1 66 ? -2.925  -4.042  -21.021 1.00 70.17  ? 66  GLU A CD  1 
ATOM   495  O  OE1 . GLU A 1 66 ? -2.879  -4.591  -22.144 1.00 76.95  ? 66  GLU A OE1 1 
ATOM   496  O  OE2 . GLU A 1 66 ? -2.016  -4.146  -20.172 1.00 74.87  ? 66  GLU A OE2 1 
ATOM   497  N  N   . ASP A 1 67 ? -3.689  0.774   -23.101 1.00 33.45  ? 67  ASP A N   1 
ATOM   498  C  CA  . ASP A 1 67 ? -3.996  1.633   -24.245 1.00 30.88  ? 67  ASP A CA  1 
ATOM   499  C  C   . ASP A 1 67 ? -2.775  2.444   -24.669 1.00 29.78  ? 67  ASP A C   1 
ATOM   500  O  O   . ASP A 1 67 ? -2.870  3.324   -25.516 1.00 34.70  ? 67  ASP A O   1 
ATOM   501  C  CB  . ASP A 1 67 ? -5.170  2.567   -23.933 1.00 27.49  ? 67  ASP A CB  1 
ATOM   502  C  CG  . ASP A 1 67 ? -4.854  3.543   -22.818 1.00 30.23  ? 67  ASP A CG  1 
ATOM   503  O  OD1 . ASP A 1 67 ? -3.863  3.310   -22.118 1.00 29.97  ? 67  ASP A OD1 1 
ATOM   504  O  OD2 . ASP A 1 67 ? -5.594  4.533   -22.637 1.00 31.79  ? 67  ASP A OD2 1 
ATOM   505  N  N   . GLY A 1 68 ? -1.625  2.137   -24.072 1.00 30.12  ? 68  GLY A N   1 
ATOM   506  C  CA  . GLY A 1 68 ? -0.406  2.842   -24.412 1.00 25.09  ? 68  GLY A CA  1 
ATOM   507  C  C   . GLY A 1 68 ? -0.470  4.343   -24.189 1.00 32.74  ? 68  GLY A C   1 
ATOM   508  O  O   . GLY A 1 68 ? 0.203   5.094   -24.887 1.00 33.43  ? 68  GLY A O   1 
ATOM   509  N  N   . SER A 1 69 ? -1.263  4.788   -23.218 1.00 27.58  ? 69  SER A N   1 
ATOM   510  C  CA  . SER A 1 69 ? -1.378  6.220   -22.928 1.00 31.36  ? 69  SER A CA  1 
ATOM   511  C  C   . SER A 1 69 ? -0.174  6.769   -22.151 1.00 31.52  ? 69  SER A C   1 
ATOM   512  O  O   . SER A 1 69 ? 0.013   7.974   -22.068 1.00 36.63  ? 69  SER A O   1 
ATOM   513  C  CB  . SER A 1 69 ? -2.648  6.499   -22.122 1.00 31.20  ? 69  SER A CB  1 
ATOM   514  O  OG  . SER A 1 69 ? -2.580  5.872   -20.846 1.00 30.99  ? 69  SER A OG  1 
ATOM   515  N  N   . GLY A 1 70 ? 0.636   5.882   -21.586 1.00 29.21  ? 70  GLY A N   1 
ATOM   516  C  CA  . GLY A 1 70 ? 1.774   6.326   -20.806 1.00 26.89  ? 70  GLY A CA  1 
ATOM   517  C  C   . GLY A 1 70 ? 1.313   6.706   -19.401 1.00 33.25  ? 70  GLY A C   1 
ATOM   518  O  O   . GLY A 1 70 ? 2.082   7.234   -18.600 1.00 32.94  ? 70  GLY A O   1 
ATOM   519  N  N   . THR A 1 71 ? 0.046   6.431   -19.107 1.00 27.25  ? 71  THR A N   1 
ATOM   520  C  CA  . THR A 1 71 ? -0.552  6.739   -17.807 1.00 31.97  ? 71  THR A CA  1 
ATOM   521  C  C   . THR A 1 71 ? -1.442  5.571   -17.381 1.00 30.55  ? 71  THR A C   1 
ATOM   522  O  O   . THR A 1 71 ? -1.751  4.702   -18.190 1.00 29.58  ? 71  THR A O   1 
ATOM   523  C  CB  . THR A 1 71 ? -1.432  7.996   -17.881 1.00 33.15  ? 71  THR A CB  1 
ATOM   524  O  OG1 . THR A 1 71 ? -2.546  7.736   -18.740 1.00 36.79  ? 71  THR A OG1 1 
ATOM   525  C  CG2 . THR A 1 71 ? -0.634  9.186   -18.432 1.00 34.34  ? 71  THR A CG2 1 
ATOM   526  N  N   . VAL A 1 72 ? -1.858  5.563   -16.116 1.00 33.62  ? 72  VAL A N   1 
ATOM   527  C  CA  . VAL A 1 72 ? -2.702  4.496   -15.574 1.00 27.37  ? 72  VAL A CA  1 
ATOM   528  C  C   . VAL A 1 72 ? -4.077  5.032   -15.167 1.00 27.08  ? 72  VAL A C   1 
ATOM   529  O  O   . VAL A 1 72 ? -4.175  5.914   -14.314 1.00 25.44  ? 72  VAL A O   1 
ATOM   530  C  CB  . VAL A 1 72 ? -2.033  3.851   -14.326 1.00 30.92  ? 72  VAL A CB  1 
ATOM   531  C  CG1 . VAL A 1 72 ? -2.943  2.789   -13.718 1.00 30.96  ? 72  VAL A CG1 1 
ATOM   532  C  CG2 . VAL A 1 72 ? -0.698  3.225   -14.707 1.00 25.32  ? 72  VAL A CG2 1 
ATOM   533  N  N   . ASP A 1 73 ? -5.134  4.518   -15.789 1.00 24.77  ? 73  ASP A N   1 
ATOM   534  C  CA  . ASP A 1 73 ? -6.488  4.928   -15.434 1.00 24.79  ? 73  ASP A CA  1 
ATOM   535  C  C   . ASP A 1 73 ? -6.936  3.937   -14.358 1.00 17.94  ? 73  ASP A C   1 
ATOM   536  O  O   . ASP A 1 73 ? -6.175  3.043   -13.986 1.00 25.17  ? 73  ASP A O   1 
ATOM   537  C  CB  . ASP A 1 73 ? -7.412  4.898   -16.662 1.00 27.07  ? 73  ASP A CB  1 
ATOM   538  C  CG  . ASP A 1 73 ? -7.474  3.531   -17.324 1.00 35.66  ? 73  ASP A CG  1 
ATOM   539  O  OD1 . ASP A 1 73 ? -7.410  3.476   -18.569 1.00 37.56  ? 73  ASP A OD1 1 
ATOM   540  O  OD2 . ASP A 1 73 ? -7.590  2.510   -16.608 1.00 37.44  ? 73  ASP A OD2 1 
ATOM   541  N  N   . PHE A 1 74 ? -8.153  4.083   -13.853 1.00 26.05  ? 74  PHE A N   1 
ATOM   542  C  CA  . PHE A 1 74 ? -8.604  3.204   -12.782 1.00 29.45  ? 74  PHE A CA  1 
ATOM   543  C  C   . PHE A 1 74 ? -8.629  1.718   -13.087 1.00 32.21  ? 74  PHE A C   1 
ATOM   544  O  O   . PHE A 1 74 ? -8.310  0.910   -12.217 1.00 31.64  ? 74  PHE A O   1 
ATOM   545  C  CB  . PHE A 1 74 ? -9.975  3.632   -12.266 1.00 34.39  ? 74  PHE A CB  1 
ATOM   546  C  CG  . PHE A 1 74 ? -10.406 2.876   -11.040 1.00 36.07  ? 74  PHE A CG  1 
ATOM   547  C  CD1 . PHE A 1 74 ? -9.623  2.891   -9.889  1.00 31.76  ? 74  PHE A CD1 1 
ATOM   548  C  CD2 . PHE A 1 74 ? -11.568 2.116   -11.045 1.00 36.38  ? 74  PHE A CD2 1 
ATOM   549  C  CE1 . PHE A 1 74 ? -9.986  2.158   -8.768  1.00 36.91  ? 74  PHE A CE1 1 
ATOM   550  C  CE2 . PHE A 1 74 ? -11.941 1.377   -9.920  1.00 38.96  ? 74  PHE A CE2 1 
ATOM   551  C  CZ  . PHE A 1 74 ? -11.149 1.397   -8.782  1.00 34.88  ? 74  PHE A CZ  1 
ATOM   552  N  N   . ASP A 1 75 ? -8.995  1.344   -14.310 1.00 33.33  ? 75  ASP A N   1 
ATOM   553  C  CA  . ASP A 1 75 ? -9.042  -0.077  -14.657 1.00 36.03  ? 75  ASP A CA  1 
ATOM   554  C  C   . ASP A 1 75 ? -7.652  -0.682  -14.645 1.00 35.88  ? 75  ASP A C   1 
ATOM   555  O  O   . ASP A 1 75 ? -7.455  -1.786  -14.135 1.00 31.40  ? 75  ASP A O   1 
ATOM   556  C  CB  . ASP A 1 75 ? -9.675  -0.281  -16.033 1.00 44.80  ? 75  ASP A CB  1 
ATOM   557  C  CG  . ASP A 1 75 ? -11.071 0.294   -16.115 1.00 52.96  ? 75  ASP A CG  1 
ATOM   558  O  OD1 . ASP A 1 75 ? -11.914 -0.075  -15.269 1.00 55.11  ? 75  ASP A OD1 1 
ATOM   559  O  OD2 . ASP A 1 75 ? -11.322 1.118   -17.019 1.00 63.09  ? 75  ASP A OD2 1 
ATOM   560  N  N   . GLU A 1 76 ? -6.689  0.038   -15.215 1.00 27.82  ? 76  GLU A N   1 
ATOM   561  C  CA  . GLU A 1 76 ? -5.307  -0.436  -15.252 1.00 26.99  ? 76  GLU A CA  1 
ATOM   562  C  C   . GLU A 1 76 ? -4.753  -0.407  -13.831 1.00 24.61  ? 76  GLU A C   1 
ATOM   563  O  O   . GLU A 1 76 ? -3.888  -1.203  -13.480 1.00 23.42  ? 76  GLU A O   1 
ATOM   564  C  CB  . GLU A 1 76 ? -4.456  0.456   -16.162 1.00 26.64  ? 76  GLU A CB  1 
ATOM   565  C  CG  . GLU A 1 76 ? -5.057  0.643   -17.556 1.00 34.60  ? 76  GLU A CG  1 
ATOM   566  C  CD  . GLU A 1 76 ? -4.307  1.663   -18.391 1.00 35.70  ? 76  GLU A CD  1 
ATOM   567  O  OE1 . GLU A 1 76 ? -3.979  2.731   -17.859 1.00 27.25  ? 76  GLU A OE1 1 
ATOM   568  O  OE2 . GLU A 1 76 ? -4.054  1.408   -19.579 1.00 32.94  ? 76  GLU A OE2 1 
ATOM   569  N  N   . PHE A 1 77 ? -5.257  0.510   -13.013 1.00 24.26  ? 77  PHE A N   1 
ATOM   570  C  CA  . PHE A 1 77 ? -4.791  0.602   -11.634 1.00 29.07  ? 77  PHE A CA  1 
ATOM   571  C  C   . PHE A 1 77 ? -5.172  -0.687  -10.895 1.00 27.73  ? 77  PHE A C   1 
ATOM   572  O  O   . PHE A 1 77 ? -4.375  -1.238  -10.145 1.00 32.13  ? 77  PHE A O   1 
ATOM   573  C  CB  . PHE A 1 77 ? -5.419  1.816   -10.938 1.00 24.52  ? 77  PHE A CB  1 
ATOM   574  C  CG  . PHE A 1 77 ? -5.014  1.972   -9.493  1.00 31.69  ? 77  PHE A CG  1 
ATOM   575  C  CD1 . PHE A 1 77 ? -3.715  2.336   -9.153  1.00 31.25  ? 77  PHE A CD1 1 
ATOM   576  C  CD2 . PHE A 1 77 ? -5.947  1.784   -8.470  1.00 29.05  ? 77  PHE A CD2 1 
ATOM   577  C  CE1 . PHE A 1 77 ? -3.348  2.508   -7.813  1.00 36.53  ? 77  PHE A CE1 1 
ATOM   578  C  CE2 . PHE A 1 77 ? -5.593  1.954   -7.128  1.00 28.58  ? 77  PHE A CE2 1 
ATOM   579  C  CZ  . PHE A 1 77 ? -4.291  2.321   -6.795  1.00 32.33  ? 77  PHE A CZ  1 
ATOM   580  N  N   . LEU A 1 78 ? -6.395  -1.162  -11.121 1.00 36.69  ? 78  LEU A N   1 
ATOM   581  C  CA  . LEU A 1 78 ? -6.860  -2.393  -10.477 1.00 37.05  ? 78  LEU A CA  1 
ATOM   582  C  C   . LEU A 1 78 ? -5.931  -3.550  -10.792 1.00 37.78  ? 78  LEU A C   1 
ATOM   583  O  O   . LEU A 1 78 ? -5.659  -4.386  -9.935  1.00 39.17  ? 78  LEU A O   1 
ATOM   584  C  CB  . LEU A 1 78 ? -8.279  -2.739  -10.918 1.00 38.64  ? 78  LEU A CB  1 
ATOM   585  C  CG  . LEU A 1 78 ? -9.398  -1.893  -10.316 1.00 43.04  ? 78  LEU A CG  1 
ATOM   586  C  CD1 . LEU A 1 78 ? -10.736 -2.533  -10.665 1.00 46.37  ? 78  LEU A CD1 1 
ATOM   587  C  CD2 . LEU A 1 78 ? -9.247  -1.811  -8.807  1.00 39.06  ? 78  LEU A CD2 1 
ATOM   588  N  N   . VAL A 1 79 ? -5.440  -3.588  -12.029 1.00 38.32  ? 79  VAL A N   1 
ATOM   589  C  CA  . VAL A 1 79 ? -4.509  -4.622  -12.467 1.00 31.95  ? 79  VAL A CA  1 
ATOM   590  C  C   . VAL A 1 79 ? -3.161  -4.397  -11.783 1.00 31.39  ? 79  VAL A C   1 
ATOM   591  O  O   . VAL A 1 79 ? -2.443  -5.345  -11.468 1.00 26.99  ? 79  VAL A O   1 
ATOM   592  C  CB  . VAL A 1 79 ? -4.294  -4.565  -14.007 1.00 34.13  ? 79  VAL A CB  1 
ATOM   593  C  CG1 . VAL A 1 79 ? -3.137  -5.460  -14.418 1.00 38.31  ? 79  VAL A CG1 1 
ATOM   594  C  CG2 . VAL A 1 79 ? -5.575  -4.968  -14.728 1.00 36.41  ? 79  VAL A CG2 1 
ATOM   595  N  N   . MET A 1 80 ? -2.813  -3.135  -11.564 1.00 31.17  ? 80  MET A N   1 
ATOM   596  C  CA  . MET A 1 80 ? -1.548  -2.820  -10.908 1.00 38.23  ? 80  MET A CA  1 
ATOM   597  C  C   . MET A 1 80 ? -1.603  -3.308  -9.457  1.00 39.10  ? 80  MET A C   1 
ATOM   598  O  O   . MET A 1 80 ? -0.604  -3.784  -8.900  1.00 34.44  ? 80  MET A O   1 
ATOM   599  C  CB  . MET A 1 80 ? -1.296  -1.316  -10.969 1.00 39.62  ? 80  MET A CB  1 
ATOM   600  C  CG  . MET A 1 80 ? 0.041   -0.883  -10.415 1.00 48.06  ? 80  MET A CG  1 
ATOM   601  S  SD  . MET A 1 80 ? 0.438   0.788   -10.964 1.00 54.43  ? 80  MET A SD  1 
ATOM   602  C  CE  . MET A 1 80 ? -0.758  1.708   -10.073 1.00 57.69  ? 80  MET A CE  1 
ATOM   603  N  N   . MET A 1 81 ? -2.778  -3.199  -8.851  1.00 35.98  ? 81  MET A N   1 
ATOM   604  C  CA  . MET A 1 81 ? -2.954  -3.657  -7.480  1.00 36.92  ? 81  MET A CA  1 
ATOM   605  C  C   . MET A 1 81 ? -2.905  -5.181  -7.463  1.00 46.17  ? 81  MET A C   1 
ATOM   606  O  O   . MET A 1 81 ? -2.098  -5.777  -6.755  1.00 43.94  ? 81  MET A O   1 
ATOM   607  C  CB  . MET A 1 81 ? -4.292  -3.170  -6.920  1.00 38.83  ? 81  MET A CB  1 
ATOM   608  C  CG  . MET A 1 81 ? -4.370  -1.659  -6.780  1.00 40.58  ? 81  MET A CG  1 
ATOM   609  S  SD  . MET A 1 81 ? -2.895  -1.009  -5.944  1.00 45.84  ? 81  MET A SD  1 
ATOM   610  C  CE  . MET A 1 81 ? -3.413  -1.116  -4.291  1.00 53.77  ? 81  MET A CE  1 
ATOM   611  N  N   . VAL A 1 82 ? -3.769  -5.803  -8.254  1.00 48.71  ? 82  VAL A N   1 
ATOM   612  C  CA  . VAL A 1 82 ? -3.824  -7.255  -8.339  1.00 56.23  ? 82  VAL A CA  1 
ATOM   613  C  C   . VAL A 1 82 ? -2.451  -7.821  -8.661  1.00 61.10  ? 82  VAL A C   1 
ATOM   614  O  O   . VAL A 1 82 ? -1.943  -8.693  -7.958  1.00 62.32  ? 82  VAL A O   1 
ATOM   615  C  CB  . VAL A 1 82 ? -4.816  -7.692  -9.428  1.00 56.72  ? 82  VAL A CB  1 
ATOM   616  C  CG1 . VAL A 1 82 ? -4.427  -9.048  -9.980  1.00 59.99  ? 82  VAL A CG1 1 
ATOM   617  C  CG2 . VAL A 1 82 ? -6.221  -7.718  -8.851  1.00 51.68  ? 82  VAL A CG2 1 
ATOM   618  N  N   . ARG A 1 83 ? -1.858  -7.308  -9.732  1.00 67.36  ? 83  ARG A N   1 
ATOM   619  C  CA  . ARG A 1 83 ? -0.544  -7.747  -10.174 1.00 73.61  ? 83  ARG A CA  1 
ATOM   620  C  C   . ARG A 1 83 ? 0.411   -7.760  -8.989  1.00 77.69  ? 83  ARG A C   1 
ATOM   621  O  O   . ARG A 1 83 ? 1.074   -8.756  -8.720  1.00 80.47  ? 83  ARG A O   1 
ATOM   622  C  CB  . ARG A 1 83 ? -0.013  -6.794  -11.248 1.00 72.73  ? 83  ARG A CB  1 
ATOM   623  C  CG  . ARG A 1 83 ? 1.137   -7.328  -12.073 1.00 74.97  ? 83  ARG A CG  1 
ATOM   624  C  CD  . ARG A 1 83 ? 1.838   -6.197  -12.800 1.00 77.03  ? 83  ARG A CD  1 
ATOM   625  N  NE  . ARG A 1 83 ? 2.626   -6.674  -13.930 1.00 78.31  ? 83  ARG A NE  1 
ATOM   626  C  CZ  . ARG A 1 83 ? 2.112   -7.234  -15.023 1.00 75.69  ? 83  ARG A CZ  1 
ATOM   627  N  NH1 . ARG A 1 83 ? 0.796   -7.399  -15.145 1.00 76.46  ? 83  ARG A NH1 1 
ATOM   628  N  NH2 . ARG A 1 83 ? 2.914   -7.627  -16.001 1.00 75.06  ? 83  ARG A NH2 1 
ATOM   629  N  N   . SER A 1 84 ? 0.460   -6.643  -8.277  1.00 82.06  ? 84  SER A N   1 
ATOM   630  C  CA  . SER A 1 84 ? 1.339   -6.507  -7.127  1.00 86.94  ? 84  SER A CA  1 
ATOM   631  C  C   . SER A 1 84 ? 1.125   -7.624  -6.106  1.00 90.53  ? 84  SER A C   1 
ATOM   632  O  O   . SER A 1 84 ? 0.152   -7.622  -5.347  1.00 88.32  ? 84  SER A O   1 
ATOM   633  C  CB  . SER A 1 84 ? 1.126   -5.140  -6.481  1.00 87.25  ? 84  SER A CB  1 
ATOM   634  O  OG  . SER A 1 84 ? -0.148  -5.060  -5.867  1.00 89.56  ? 84  SER A OG  1 
ATOM   635  N  N   . MET A 1 85 ? 2.051   -8.581  -6.102  1.00 94.42  ? 85  MET A N   1 
ATOM   636  C  CA  . MET A 1 85 ? 1.997   -9.725  -5.202  1.00 98.65  ? 85  MET A CA  1 
ATOM   637  C  C   . MET A 1 85 ? 3.339   -10.453 -5.202  1.00 100.76 ? 85  MET A C   1 
ATOM   638  O  O   . MET A 1 85 ? 3.954   -10.545 -4.118  1.00 104.05 ? 85  MET A O   1 
ATOM   639  C  CB  . MET A 1 85 ? 0.889   -10.687 -5.637  1.00 98.89  ? 85  MET A CB  1 
ATOM   640  C  CG  . MET A 1 85 ? 0.966   -11.100 -7.103  1.00 103.28 ? 85  MET A CG  1 
ATOM   641  S  SD  . MET A 1 85 ? -0.360  -12.216 -7.601  1.00 108.74 ? 85  MET A SD  1 
ATOM   642  C  CE  . MET A 1 85 ? 0.569   -13.710 -7.947  1.00 109.63 ? 85  MET A CE  1 
ATOM   643  N  N   . ILE B 1 4  ? 0.907   -20.482 10.012  1.00 94.82  ? 4   ILE B N   1 
ATOM   644  C  CA  . ILE B 1 4  ? 0.597   -20.289 8.560   1.00 94.16  ? 4   ILE B CA  1 
ATOM   645  C  C   . ILE B 1 4  ? 1.127   -18.921 8.108   1.00 96.29  ? 4   ILE B C   1 
ATOM   646  O  O   . ILE B 1 4  ? 1.698   -18.817 7.038   1.00 97.12  ? 4   ILE B O   1 
ATOM   647  C  CB  . ILE B 1 4  ? -0.929  -20.334 8.300   1.00 92.42  ? 4   ILE B CB  1 
ATOM   648  C  CG1 . ILE B 1 4  ? -1.208  -20.208 6.792   1.00 88.67  ? 4   ILE B CG1 1 
ATOM   649  C  CG2 . ILE B 1 4  ? -1.627  -19.283 9.134   1.00 89.16  ? 4   ILE B CG2 1 
ATOM   650  C  CD1 . ILE B 1 4  ? -1.077  -18.817 6.131   1.00 86.33  ? 4   ILE B CD1 1 
ATOM   651  N  N   . TYR B 1 5  ? 0.956   -17.933 8.939   1.00 97.45  ? 5   TYR B N   1 
ATOM   652  C  CA  . TYR B 1 5  ? 1.412   -16.560 8.628   1.00 97.08  ? 5   TYR B CA  1 
ATOM   653  C  C   . TYR B 1 5  ? 2.900   -16.413 8.859   1.00 98.68  ? 5   TYR B C   1 
ATOM   654  O  O   . TYR B 1 5  ? 3.549   -15.543 8.277   1.00 98.61  ? 5   TYR B O   1 
ATOM   655  C  CB  . TYR B 1 5  ? 0.652   -15.558 9.492   1.00 94.65  ? 5   TYR B CB  1 
ATOM   656  C  CG  . TYR B 1 5  ? -0.778  -15.377 9.043   1.00 93.93  ? 5   TYR B CG  1 
ATOM   657  C  CD1 . TYR B 1 5  ? -1.057  -14.934 7.757   1.00 93.75  ? 5   TYR B CD1 1 
ATOM   658  C  CD2 . TYR B 1 5  ? -1.850  -15.644 9.902   1.00 94.23  ? 5   TYR B CD2 1 
ATOM   659  C  CE1 . TYR B 1 5  ? -2.357  -14.759 7.321   1.00 92.95  ? 5   TYR B CE1 1 
ATOM   660  C  CE2 . TYR B 1 5  ? -3.168  -15.471 9.472   1.00 93.19  ? 5   TYR B CE2 1 
ATOM   661  C  CZ  . TYR B 1 5  ? -3.410  -15.027 8.181   1.00 94.40  ? 5   TYR B CZ  1 
ATOM   662  O  OH  . TYR B 1 5  ? -4.700  -14.851 7.736   1.00 96.41  ? 5   TYR B OH  1 
ATOM   663  N  N   . LYS B 1 6  ? 3.406   -17.173 9.752   1.00 99.27  ? 6   LYS B N   1 
ATOM   664  C  CA  . LYS B 1 6  ? 4.850   -17.259 10.004  1.00 98.55  ? 6   LYS B CA  1 
ATOM   665  C  C   . LYS B 1 6  ? 5.571   -17.733 8.744   1.00 96.86  ? 6   LYS B C   1 
ATOM   666  O  O   . LYS B 1 6  ? 6.719   -17.347 8.477   1.00 95.19  ? 6   LYS B O   1 
ATOM   667  C  CB  . LYS B 1 6  ? 5.122   -18.252 11.137  1.00 99.58  ? 6   LYS B CB  1 
ATOM   668  C  CG  . LYS B 1 6  ? 6.415   -17.959 11.900  1.00 99.34  ? 6   LYS B CG  1 
ATOM   669  C  CD  . LYS B 1 6  ? 6.575   -18.825 13.154  1.00 99.72  ? 6   LYS B CD  1 
ATOM   670  C  CE  . LYS B 1 6  ? 7.816   -18.470 13.975  1.00 100.80 ? 6   LYS B CE  1 
ATOM   671  N  NZ  . LYS B 1 6  ? 9.071   -18.756 13.268  1.00 104.33 ? 6   LYS B NZ  1 
ATOM   672  N  N   . ALA B 1 7  ? 4.864   -18.560 8.005   1.00 93.89  ? 7   ALA B N   1 
ATOM   673  C  CA  . ALA B 1 7  ? 5.365   -19.142 6.758   1.00 91.27  ? 7   ALA B CA  1 
ATOM   674  C  C   . ALA B 1 7  ? 5.564   -18.052 5.694   1.00 88.44  ? 7   ALA B C   1 
ATOM   675  O  O   . ALA B 1 7  ? 6.680   -17.842 5.197   1.00 85.91  ? 7   ALA B O   1 
ATOM   676  C  CB  . ALA B 1 7  ? 4.364   -20.173 6.224   1.00 91.64  ? 7   ALA B CB  1 
ATOM   677  N  N   . ALA B 1 8  ? 4.461   -17.395 5.383   1.00 85.02  ? 8   ALA B N   1 
ATOM   678  C  CA  . ALA B 1 8  ? 4.401   -16.321 4.364   1.00 83.44  ? 8   ALA B CA  1 
ATOM   679  C  C   . ALA B 1 8  ? 5.523   -15.276 4.540   1.00 81.15  ? 8   ALA B C   1 
ATOM   680  O  O   . ALA B 1 8  ? 6.164   -14.853 3.569   1.00 80.19  ? 8   ALA B O   1 
ATOM   681  C  CB  . ALA B 1 8  ? 3.061   -15.592 4.449   1.00 83.96  ? 8   ALA B CB  1 
ATOM   682  N  N   . VAL B 1 9  ? 5.744   -14.859 5.774   1.00 79.82  ? 9   VAL B N   1 
ATOM   683  C  CA  . VAL B 1 9  ? 6.781   -13.845 6.080   1.00 80.38  ? 9   VAL B CA  1 
ATOM   684  C  C   . VAL B 1 9  ? 8.166   -14.373 5.680   1.00 80.62  ? 9   VAL B C   1 
ATOM   685  O  O   . VAL B 1 9  ? 8.961   -13.671 5.036   1.00 76.53  ? 9   VAL B O   1 
ATOM   686  C  CB  . VAL B 1 9  ? 6.774   -13.512 7.573   1.00 80.82  ? 9   VAL B CB  1 
ATOM   687  C  CG1 . VAL B 1 9  ? 7.830   -12.473 7.961   1.00 78.71  ? 9   VAL B CG1 1 
ATOM   688  C  CG2 . VAL B 1 9  ? 5.436   -12.938 8.048   1.00 80.06  ? 9   VAL B CG2 1 
ATOM   689  N  N   . GLU B 1 10 ? 8.410   -15.600 6.078   1.00 82.22  ? 10  GLU B N   1 
ATOM   690  C  CA  . GLU B 1 10 ? 9.669   -16.299 5.801   1.00 84.08  ? 10  GLU B CA  1 
ATOM   691  C  C   . GLU B 1 10 ? 9.860   -16.424 4.270   1.00 82.72  ? 10  GLU B C   1 
ATOM   692  O  O   . GLU B 1 10 ? 10.989  -16.530 3.769   1.00 81.84  ? 10  GLU B O   1 
ATOM   693  C  CB  . GLU B 1 10 ? 9.619   -17.693 6.447   1.00 87.70  ? 10  GLU B CB  1 
ATOM   694  C  CG  . GLU B 1 10 ? 10.926  -18.486 6.328   1.00 95.81  ? 10  GLU B CG  1 
ATOM   695  C  CD  . GLU B 1 10 ? 12.097  -17.850 7.083   1.00 98.47  ? 10  GLU B CD  1 
ATOM   696  O  OE1 . GLU B 1 10 ? 12.012  -17.634 8.354   1.00 99.62  ? 10  GLU B OE1 1 
ATOM   697  O  OE2 . GLU B 1 10 ? 13.174  -17.533 6.448   1.00 100.21 ? 10  GLU B OE2 1 
ATOM   698  N  N   . GLN B 1 11 ? 8.726   -16.403 3.570   1.00 81.43  ? 11  GLN B N   1 
ATOM   699  C  CA  . GLN B 1 11 ? 8.684   -16.522 2.091   1.00 80.19  ? 11  GLN B CA  1 
ATOM   700  C  C   . GLN B 1 11 ? 8.980   -15.178 1.410   1.00 80.89  ? 11  GLN B C   1 
ATOM   701  O  O   . GLN B 1 11 ? 8.829   -15.034 0.185   1.00 81.35  ? 11  GLN B O   1 
ATOM   702  C  CB  . GLN B 1 11 ? 7.299   -16.983 1.630   1.00 81.67  ? 11  GLN B CB  1 
ATOM   703  C  CG  . GLN B 1 11 ? 6.692   -18.059 2.526   1.00 87.17  ? 11  GLN B CG  1 
ATOM   704  C  CD  . GLN B 1 11 ? 7.544   -19.326 2.601   1.00 90.95  ? 11  GLN B CD  1 
ATOM   705  O  OE1 . GLN B 1 11 ? 8.701   -19.263 3.013   1.00 91.42  ? 11  GLN B OE1 1 
ATOM   706  N  NE2 . GLN B 1 11 ? 7.038   -20.483 2.226   1.00 89.36  ? 11  GLN B NE2 1 
ATOM   707  N  N   . LEU B 1 12 ? 9.391   -14.220 2.216   1.00 80.61  ? 12  LEU B N   1 
ATOM   708  C  CA  . LEU B 1 12 ? 9.721   -12.868 1.730   1.00 79.16  ? 12  LEU B CA  1 
ATOM   709  C  C   . LEU B 1 12 ? 11.198  -12.801 1.342   1.00 79.91  ? 12  LEU B C   1 
ATOM   710  O  O   . LEU B 1 12 ? 12.071  -13.310 2.060   1.00 81.27  ? 12  LEU B O   1 
ATOM   711  C  CB  . LEU B 1 12 ? 9.451   -11.829 2.822   1.00 77.87  ? 12  LEU B CB  1 
ATOM   712  C  CG  . LEU B 1 12 ? 7.968   -11.692 3.174   1.00 76.22  ? 12  LEU B CG  1 
ATOM   713  C  CD1 . LEU B 1 12 ? 7.707   -10.633 4.248   1.00 72.89  ? 12  LEU B CD1 1 
ATOM   714  C  CD2 . LEU B 1 12 ? 7.102   -11.289 1.978   1.00 75.04  ? 12  LEU B CD2 1 
ATOM   715  N  N   . THR B 1 13 ? 11.497  -12.084 0.283   1.00 78.67  ? 13  THR B N   1 
ATOM   716  C  CA  . THR B 1 13 ? 12.868  -11.895 -0.167  1.00 79.70  ? 13  THR B CA  1 
ATOM   717  C  C   . THR B 1 13 ? 13.452  -10.657 0.500   1.00 80.91  ? 13  THR B C   1 
ATOM   718  O  O   . THR B 1 13 ? 12.719  -9.841  1.055   1.00 82.15  ? 13  THR B O   1 
ATOM   719  C  CB  . THR B 1 13 ? 12.924  -11.713 -1.692  1.00 79.84  ? 13  THR B CB  1 
ATOM   720  O  OG1 . THR B 1 13 ? 12.189  -10.539 -2.058  1.00 73.72  ? 13  THR B OG1 1 
ATOM   721  C  CG2 . THR B 1 13 ? 12.311  -12.922 -2.393  1.00 80.47  ? 13  THR B CG2 1 
ATOM   722  N  N   . GLU B 1 14 ? 14.771  -10.516 0.451   1.00 81.08  ? 14  GLU B N   1 
ATOM   723  C  CA  . GLU B 1 14 ? 15.414  -9.358  1.057   1.00 80.53  ? 14  GLU B CA  1 
ATOM   724  C  C   . GLU B 1 14 ? 14.822  -8.085  0.464   1.00 78.38  ? 14  GLU B C   1 
ATOM   725  O  O   . GLU B 1 14 ? 14.641  -7.090  1.163   1.00 76.32  ? 14  GLU B O   1 
ATOM   726  C  CB  . GLU B 1 14 ? 16.925  -9.394  0.812   1.00 83.42  ? 14  GLU B CB  1 
ATOM   727  C  CG  . GLU B 1 14 ? 17.682  -8.244  1.464   1.00 93.53  ? 14  GLU B CG  1 
ATOM   728  C  CD  . GLU B 1 14 ? 19.173  -8.247  1.146   1.00 100.05 ? 14  GLU B CD  1 
ATOM   729  O  OE1 . GLU B 1 14 ? 19.528  -8.273  -0.052  1.00 103.77 ? 14  GLU B OE1 1 
ATOM   730  O  OE2 . GLU B 1 14 ? 19.987  -8.213  2.094   1.00 100.09 ? 14  GLU B OE2 1 
ATOM   731  N  N   . GLU B 1 15 ? 14.511  -8.128  -0.831  1.00 73.67  ? 15  GLU B N   1 
ATOM   732  C  CA  . GLU B 1 15 ? 13.943  -6.977  -1.526  1.00 71.03  ? 15  GLU B CA  1 
ATOM   733  C  C   . GLU B 1 15 ? 12.605  -6.584  -0.916  1.00 66.60  ? 15  GLU B C   1 
ATOM   734  O  O   . GLU B 1 15 ? 12.396  -5.426  -0.553  1.00 63.30  ? 15  GLU B O   1 
ATOM   735  C  CB  . GLU B 1 15 ? 13.741  -7.284  -3.008  1.00 72.55  ? 15  GLU B CB  1 
ATOM   736  C  CG  . GLU B 1 15 ? 13.141  -6.124  -3.785  1.00 77.36  ? 15  GLU B CG  1 
ATOM   737  C  CD  . GLU B 1 15 ? 12.815  -6.485  -5.218  1.00 79.16  ? 15  GLU B CD  1 
ATOM   738  O  OE1 . GLU B 1 15 ? 11.988  -7.399  -5.426  1.00 78.75  ? 15  GLU B OE1 1 
ATOM   739  O  OE2 . GLU B 1 15 ? 13.383  -5.855  -6.134  1.00 79.21  ? 15  GLU B OE2 1 
ATOM   740  N  N   . GLN B 1 16 ? 11.705  -7.552  -0.821  1.00 62.91  ? 16  GLN B N   1 
ATOM   741  C  CA  . GLN B 1 16 ? 10.386  -7.322  -0.250  1.00 63.89  ? 16  GLN B CA  1 
ATOM   742  C  C   . GLN B 1 16 ? 10.480  -6.769  1.175   1.00 61.72  ? 16  GLN B C   1 
ATOM   743  O  O   . GLN B 1 16 ? 9.912   -5.724  1.485   1.00 58.69  ? 16  GLN B O   1 
ATOM   744  C  CB  . GLN B 1 16 ? 9.589   -8.627  -0.257  1.00 65.14  ? 16  GLN B CB  1 
ATOM   745  C  CG  . GLN B 1 16 ? 9.300   -9.155  -1.650  1.00 70.01  ? 16  GLN B CG  1 
ATOM   746  C  CD  . GLN B 1 16 ? 8.670   -10.533 -1.634  1.00 71.28  ? 16  GLN B CD  1 
ATOM   747  O  OE1 . GLN B 1 16 ? 9.269   -11.500 -1.150  1.00 75.49  ? 16  GLN B OE1 1 
ATOM   748  N  NE2 . GLN B 1 16 ? 7.458   -10.635 -2.163  1.00 69.37  ? 16  GLN B NE2 1 
ATOM   749  N  N   . LYS B 1 17 ? 11.210  -7.472  2.033   1.00 59.05  ? 17  LYS B N   1 
ATOM   750  C  CA  . LYS B 1 17 ? 11.371  -7.055  3.415   1.00 58.29  ? 17  LYS B CA  1 
ATOM   751  C  C   . LYS B 1 17 ? 11.943  -5.644  3.538   1.00 57.70  ? 17  LYS B C   1 
ATOM   752  O  O   . LYS B 1 17 ? 11.515  -4.865  4.391   1.00 57.86  ? 17  LYS B O   1 
ATOM   753  C  CB  . LYS B 1 17 ? 12.267  -8.051  4.146   1.00 63.01  ? 17  LYS B CB  1 
ATOM   754  C  CG  . LYS B 1 17 ? 11.635  -9.419  4.359   1.00 64.74  ? 17  LYS B CG  1 
ATOM   755  C  CD  . LYS B 1 17 ? 12.596  -10.304 5.131   1.00 69.62  ? 17  LYS B CD  1 
ATOM   756  C  CE  . LYS B 1 17 ? 11.870  -11.208 6.107   1.00 74.29  ? 17  LYS B CE  1 
ATOM   757  N  NZ  . LYS B 1 17 ? 12.715  -11.456 7.309   1.00 74.82  ? 17  LYS B NZ  1 
ATOM   758  N  N   . ASN B 1 18 ? 12.907  -5.310  2.687   1.00 53.66  ? 18  ASN B N   1 
ATOM   759  C  CA  . ASN B 1 18 ? 13.514  -3.990  2.729   1.00 53.75  ? 18  ASN B CA  1 
ATOM   760  C  C   . ASN B 1 18 ? 12.555  -2.917  2.242   1.00 46.90  ? 18  ASN B C   1 
ATOM   761  O  O   . ASN B 1 18 ? 12.629  -1.774  2.678   1.00 49.30  ? 18  ASN B O   1 
ATOM   762  C  CB  . ASN B 1 18 ? 14.790  -3.958  1.897   1.00 60.92  ? 18  ASN B CB  1 
ATOM   763  C  CG  . ASN B 1 18 ? 15.896  -4.781  2.511   1.00 66.57  ? 18  ASN B CG  1 
ATOM   764  O  OD1 . ASN B 1 18 ? 16.176  -4.671  3.711   1.00 65.97  ? 18  ASN B OD1 1 
ATOM   765  N  ND2 . ASN B 1 18 ? 16.536  -5.606  1.698   1.00 69.84  ? 18  ASN B ND2 1 
ATOM   766  N  N   . GLU B 1 19 ? 11.675  -3.284  1.319   1.00 44.01  ? 19  GLU B N   1 
ATOM   767  C  CA  . GLU B 1 19 ? 10.682  -2.341  0.820   1.00 44.11  ? 19  GLU B CA  1 
ATOM   768  C  C   . GLU B 1 19 ? 9.751   -2.011  1.994   1.00 39.44  ? 19  GLU B C   1 
ATOM   769  O  O   . GLU B 1 19 ? 9.471   -0.845  2.279   1.00 38.64  ? 19  GLU B O   1 
ATOM   770  C  CB  . GLU B 1 19 ? 9.883   -2.968  -0.321  1.00 46.45  ? 19  GLU B CB  1 
ATOM   771  C  CG  . GLU B 1 19 ? 10.684  -3.194  -1.597  1.00 59.04  ? 19  GLU B CG  1 
ATOM   772  C  CD  . GLU B 1 19 ? 9.911   -3.983  -2.637  1.00 61.64  ? 19  GLU B CD  1 
ATOM   773  O  OE1 . GLU B 1 19 ? 8.794   -3.563  -2.986  1.00 66.26  ? 19  GLU B OE1 1 
ATOM   774  O  OE2 . GLU B 1 19 ? 10.418  -5.021  -3.110  1.00 69.75  ? 19  GLU B OE2 1 
ATOM   775  N  N   . PHE B 1 20 ? 9.295   -3.049  2.683   1.00 36.83  ? 20  PHE B N   1 
ATOM   776  C  CA  . PHE B 1 20 ? 8.401   -2.867  3.819   1.00 41.87  ? 20  PHE B CA  1 
ATOM   777  C  C   . PHE B 1 20 ? 9.067   -2.124  4.954   1.00 39.79  ? 20  PHE B C   1 
ATOM   778  O  O   . PHE B 1 20 ? 8.431   -1.292  5.615   1.00 40.69  ? 20  PHE B O   1 
ATOM   779  C  CB  . PHE B 1 20 ? 7.872   -4.216  4.307   1.00 38.61  ? 20  PHE B CB  1 
ATOM   780  C  CG  . PHE B 1 20 ? 6.866   -4.824  3.383   1.00 38.03  ? 20  PHE B CG  1 
ATOM   781  C  CD1 . PHE B 1 20 ? 5.875   -4.032  2.804   1.00 40.11  ? 20  PHE B CD1 1 
ATOM   782  C  CD2 . PHE B 1 20 ? 6.894   -6.182  3.095   1.00 41.46  ? 20  PHE B CD2 1 
ATOM   783  C  CE1 . PHE B 1 20 ? 4.924   -4.585  1.945   1.00 39.38  ? 20  PHE B CE1 1 
ATOM   784  C  CE2 . PHE B 1 20 ? 5.950   -6.750  2.238   1.00 43.98  ? 20  PHE B CE2 1 
ATOM   785  C  CZ  . PHE B 1 20 ? 4.961   -5.952  1.661   1.00 45.95  ? 20  PHE B CZ  1 
ATOM   786  N  N   . LYS B 1 21 ? 10.351  -2.402  5.166   1.00 36.25  ? 21  LYS B N   1 
ATOM   787  C  CA  . LYS B 1 21 ? 11.099  -1.730  6.224   1.00 33.98  ? 21  LYS B CA  1 
ATOM   788  C  C   . LYS B 1 21 ? 11.150  -0.238  5.947   1.00 31.52  ? 21  LYS B C   1 
ATOM   789  O  O   . LYS B 1 21 ? 11.038  0.578   6.862   1.00 35.99  ? 21  LYS B O   1 
ATOM   790  C  CB  . LYS B 1 21 ? 12.530  -2.283  6.328   1.00 32.82  ? 21  LYS B CB  1 
ATOM   791  C  CG  . LYS B 1 21 ? 13.320  -1.699  7.505   1.00 37.98  ? 21  LYS B CG  1 
ATOM   792  C  CD  . LYS B 1 21 ? 12.589  -1.962  8.821   1.00 42.85  ? 21  LYS B CD  1 
ATOM   793  C  CE  . LYS B 1 21 ? 13.450  -1.690  10.037  1.00 45.22  ? 21  LYS B CE  1 
ATOM   794  N  NZ  . LYS B 1 21 ? 13.718  -0.254  10.291  1.00 45.55  ? 21  LYS B NZ  1 
ATOM   795  N  N   . ALA B 1 22 ? 11.325  0.128   4.681   1.00 37.43  ? 22  ALA B N   1 
ATOM   796  C  CA  . ALA B 1 22 ? 11.379  1.541   4.323   1.00 32.12  ? 22  ALA B CA  1 
ATOM   797  C  C   . ALA B 1 22 ? 10.027  2.204   4.581   1.00 27.70  ? 22  ALA B C   1 
ATOM   798  O  O   . ALA B 1 22 ? 9.964   3.352   5.023   1.00 33.00  ? 22  ALA B O   1 
ATOM   799  C  CB  . ALA B 1 22 ? 11.793  1.709   2.842   1.00 35.50  ? 22  ALA B CB  1 
ATOM   800  N  N   . ALA B 1 23 ? 8.944   1.489   4.289   1.00 27.81  ? 23  ALA B N   1 
ATOM   801  C  CA  . ALA B 1 23 ? 7.596   2.016   4.528   1.00 28.88  ? 23  ALA B CA  1 
ATOM   802  C  C   . ALA B 1 23 ? 7.353   2.119   6.043   1.00 24.51  ? 23  ALA B C   1 
ATOM   803  O  O   . ALA B 1 23 ? 6.849   3.125   6.541   1.00 25.83  ? 23  ALA B O   1 
ATOM   804  C  CB  . ALA B 1 23 ? 6.543   1.096   3.876   1.00 24.09  ? 23  ALA B CB  1 
ATOM   805  N  N   . PHE B 1 24 ? 7.723   1.064   6.764   1.00 31.63  ? 24  PHE B N   1 
ATOM   806  C  CA  . PHE B 1 24 ? 7.566   1.017   8.218   1.00 30.97  ? 24  PHE B CA  1 
ATOM   807  C  C   . PHE B 1 24 ? 8.255   2.213   8.856   1.00 32.71  ? 24  PHE B C   1 
ATOM   808  O  O   . PHE B 1 24 ? 7.683   2.892   9.705   1.00 32.60  ? 24  PHE B O   1 
ATOM   809  C  CB  . PHE B 1 24 ? 8.192   -0.269  8.772   1.00 33.00  ? 24  PHE B CB  1 
ATOM   810  C  CG  . PHE B 1 24 ? 8.078   -0.406  10.267  1.00 38.74  ? 24  PHE B CG  1 
ATOM   811  C  CD1 . PHE B 1 24 ? 6.938   -0.954  10.845  1.00 38.07  ? 24  PHE B CD1 1 
ATOM   812  C  CD2 . PHE B 1 24 ? 9.105   0.039   11.103  1.00 33.29  ? 24  PHE B CD2 1 
ATOM   813  C  CE1 . PHE B 1 24 ? 6.820   -1.059  12.235  1.00 36.89  ? 24  PHE B CE1 1 
ATOM   814  C  CE2 . PHE B 1 24 ? 8.999   -0.057  12.496  1.00 38.20  ? 24  PHE B CE2 1 
ATOM   815  C  CZ  . PHE B 1 24 ? 7.851   -0.610  13.062  1.00 30.85  ? 24  PHE B CZ  1 
ATOM   816  N  N   . ASP B 1 25 ? 9.495   2.468   8.442   1.00 37.57  ? 25  ASP B N   1 
ATOM   817  C  CA  . ASP B 1 25 ? 10.278  3.583   8.978   1.00 40.11  ? 25  ASP B CA  1 
ATOM   818  C  C   . ASP B 1 25 ? 9.610   4.939   8.836   1.00 43.12  ? 25  ASP B C   1 
ATOM   819  O  O   . ASP B 1 25 ? 9.563   5.719   9.785   1.00 42.67  ? 25  ASP B O   1 
ATOM   820  C  CB  . ASP B 1 25 ? 11.651  3.630   8.314   1.00 44.51  ? 25  ASP B CB  1 
ATOM   821  C  CG  . ASP B 1 25 ? 12.543  2.484   8.747   1.00 57.67  ? 25  ASP B CG  1 
ATOM   822  O  OD1 . ASP B 1 25 ? 13.628  2.319   8.148   1.00 60.72  ? 25  ASP B OD1 1 
ATOM   823  O  OD2 . ASP B 1 25 ? 12.158  1.755   9.692   1.00 50.61  ? 25  ASP B OD2 1 
ATOM   824  N  N   . ILE B 1 26 ? 9.101   5.228   7.645   1.00 40.21  ? 26  ILE B N   1 
ATOM   825  C  CA  . ILE B 1 26 ? 8.453   6.505   7.417   1.00 44.10  ? 26  ILE B CA  1 
ATOM   826  C  C   . ILE B 1 26 ? 7.152   6.563   8.235   1.00 38.13  ? 26  ILE B C   1 
ATOM   827  O  O   . ILE B 1 26 ? 6.749   7.627   8.706   1.00 39.38  ? 26  ILE B O   1 
ATOM   828  C  CB  . ILE B 1 26 ? 8.000   6.624   5.917   1.00 48.94  ? 26  ILE B CB  1 
ATOM   829  C  CG1 . ILE B 1 26 ? 7.356   7.984   5.648   1.00 54.02  ? 26  ILE B CG1 1 
ATOM   830  C  CG2 . ILE B 1 26 ? 7.056   5.500   5.559   1.00 53.17  ? 26  ILE B CG2 1 
ATOM   831  C  CD1 . ILE B 1 26 ? 5.879   8.223   6.065   1.00 58.90  ? 26  ILE B CD1 1 
ATOM   832  N  N   . PHE B 1 27 ? 6.515   5.416   8.451   1.00 37.81  ? 27  PHE B N   1 
ATOM   833  C  CA  . PHE B 1 27 ? 5.279   5.389   9.233   1.00 38.50  ? 27  PHE B CA  1 
ATOM   834  C  C   . PHE B 1 27 ? 5.478   5.683   10.726  1.00 39.95  ? 27  PHE B C   1 
ATOM   835  O  O   . PHE B 1 27 ? 4.630   6.318   11.355  1.00 38.30  ? 27  PHE B O   1 
ATOM   836  C  CB  . PHE B 1 27 ? 4.580   4.035   9.095   1.00 40.09  ? 27  PHE B CB  1 
ATOM   837  C  CG  . PHE B 1 27 ? 4.128   3.722   7.694   1.00 37.43  ? 27  PHE B CG  1 
ATOM   838  C  CD1 . PHE B 1 27 ? 4.112   4.715   6.706   1.00 35.34  ? 27  PHE B CD1 1 
ATOM   839  C  CD2 . PHE B 1 27 ? 3.700   2.445   7.366   1.00 31.58  ? 27  PHE B CD2 1 
ATOM   840  C  CE1 . PHE B 1 27 ? 3.680   4.435   5.406   1.00 42.57  ? 27  PHE B CE1 1 
ATOM   841  C  CE2 . PHE B 1 27 ? 3.263   2.148   6.069   1.00 40.05  ? 27  PHE B CE2 1 
ATOM   842  C  CZ  . PHE B 1 27 ? 3.250   3.154   5.083   1.00 35.04  ? 27  PHE B CZ  1 
ATOM   843  N  N   . VAL B 1 28 ? 6.583   5.218   11.297  1.00 36.36  ? 28  VAL B N   1 
ATOM   844  C  CA  . VAL B 1 28 ? 6.822   5.445   12.717  1.00 43.03  ? 28  VAL B CA  1 
ATOM   845  C  C   . VAL B 1 28 ? 7.534   6.758   13.021  1.00 51.26  ? 28  VAL B C   1 
ATOM   846  O  O   . VAL B 1 28 ? 8.086   6.935   14.106  1.00 51.80  ? 28  VAL B O   1 
ATOM   847  C  CB  . VAL B 1 28 ? 7.610   4.278   13.353  1.00 38.63  ? 28  VAL B CB  1 
ATOM   848  C  CG1 . VAL B 1 28 ? 6.777   3.013   13.290  1.00 35.73  ? 28  VAL B CG1 1 
ATOM   849  C  CG2 . VAL B 1 28 ? 8.936   4.080   12.640  1.00 29.80  ? 28  VAL B CG2 1 
ATOM   850  N  N   . LEU B 1 29 ? 7.521   7.681   12.066  1.00 54.07  ? 29  LEU B N   1 
ATOM   851  C  CA  . LEU B 1 29 ? 8.148   8.980   12.271  1.00 57.45  ? 29  LEU B CA  1 
ATOM   852  C  C   . LEU B 1 29 ? 7.428   9.659   13.423  1.00 59.04  ? 29  LEU B C   1 
ATOM   853  O  O   . LEU B 1 29 ? 6.215   9.526   13.563  1.00 62.06  ? 29  LEU B O   1 
ATOM   854  C  CB  . LEU B 1 29 ? 8.014   9.843   11.015  1.00 55.52  ? 29  LEU B CB  1 
ATOM   855  C  CG  . LEU B 1 29 ? 8.818   9.415   9.789   1.00 58.24  ? 29  LEU B CG  1 
ATOM   856  C  CD1 . LEU B 1 29 ? 8.354   10.215  8.577   1.00 60.15  ? 29  LEU B CD1 1 
ATOM   857  C  CD2 . LEU B 1 29 ? 10.309  9.615   10.054  1.00 55.72  ? 29  LEU B CD2 1 
ATOM   858  N  N   . GLY B 1 30 ? 8.170   10.385  14.251  1.00 61.55  ? 30  GLY B N   1 
ATOM   859  C  CA  . GLY B 1 30 ? 7.543   11.068  15.368  1.00 66.03  ? 30  GLY B CA  1 
ATOM   860  C  C   . GLY B 1 30 ? 6.776   10.138  16.288  1.00 66.50  ? 30  GLY B C   1 
ATOM   861  O  O   . GLY B 1 30 ? 5.948   10.588  17.079  1.00 69.45  ? 30  GLY B O   1 
ATOM   862  N  N   . ALA B 1 31 ? 7.046   8.839   16.190  1.00 68.29  ? 31  ALA B N   1 
ATOM   863  C  CA  . ALA B 1 31 ? 6.381   7.856   17.036  1.00 68.68  ? 31  ALA B CA  1 
ATOM   864  C  C   . ALA B 1 31 ? 7.239   7.606   18.267  1.00 70.70  ? 31  ALA B C   1 
ATOM   865  O  O   . ALA B 1 31 ? 8.446   7.377   18.163  1.00 67.79  ? 31  ALA B O   1 
ATOM   866  C  CB  . ALA B 1 31 ? 6.159   6.552   16.274  1.00 67.59  ? 31  ALA B CB  1 
ATOM   867  N  N   . GLU B 1 32 ? 6.599   7.656   19.429  1.00 72.53  ? 32  GLU B N   1 
ATOM   868  C  CA  . GLU B 1 32 ? 7.256   7.449   20.714  1.00 74.30  ? 32  GLU B CA  1 
ATOM   869  C  C   . GLU B 1 32 ? 8.209   6.255   20.741  1.00 71.99  ? 32  GLU B C   1 
ATOM   870  O  O   . GLU B 1 32 ? 9.429   6.405   20.662  1.00 69.07  ? 32  GLU B O   1 
ATOM   871  C  CB  . GLU B 1 32 ? 6.189   7.264   21.796  1.00 79.81  ? 32  GLU B CB  1 
ATOM   872  C  CG  . GLU B 1 32 ? 6.729   7.075   23.200  1.00 86.40  ? 32  GLU B CG  1 
ATOM   873  C  CD  . GLU B 1 32 ? 5.657   6.614   24.168  1.00 90.96  ? 32  GLU B CD  1 
ATOM   874  O  OE1 . GLU B 1 32 ? 4.574   7.239   24.197  1.00 93.89  ? 32  GLU B OE1 1 
ATOM   875  O  OE2 . GLU B 1 32 ? 5.895   5.628   24.901  1.00 93.89  ? 32  GLU B OE2 1 
ATOM   876  N  N   . ASP B 1 33 ? 7.628   5.067   20.858  1.00 69.08  ? 33  ASP B N   1 
ATOM   877  C  CA  . ASP B 1 33 ? 8.370   3.813   20.937  1.00 66.40  ? 33  ASP B CA  1 
ATOM   878  C  C   . ASP B 1 33 ? 8.941   3.289   19.623  1.00 61.75  ? 33  ASP B C   1 
ATOM   879  O  O   . ASP B 1 33 ? 9.466   2.177   19.582  1.00 59.33  ? 33  ASP B O   1 
ATOM   880  C  CB  . ASP B 1 33 ? 7.457   2.747   21.537  1.00 71.68  ? 33  ASP B CB  1 
ATOM   881  C  CG  . ASP B 1 33 ? 6.060   2.786   20.941  1.00 75.46  ? 33  ASP B CG  1 
ATOM   882  O  OD1 . ASP B 1 33 ? 5.937   2.696   19.700  1.00 77.07  ? 33  ASP B OD1 1 
ATOM   883  O  OD2 . ASP B 1 33 ? 5.084   2.913   21.710  1.00 78.00  ? 33  ASP B OD2 1 
ATOM   884  N  N   . GLY B 1 34 ? 8.834   4.069   18.554  1.00 56.36  ? 34  GLY B N   1 
ATOM   885  C  CA  . GLY B 1 34 ? 9.338   3.611   17.273  1.00 51.87  ? 34  GLY B CA  1 
ATOM   886  C  C   . GLY B 1 34 ? 8.493   2.482   16.699  1.00 48.45  ? 34  GLY B C   1 
ATOM   887  O  O   . GLY B 1 34 ? 8.976   1.709   15.876  1.00 44.98  ? 34  GLY B O   1 
ATOM   888  N  N   . SER B 1 35 ? 7.239   2.384   17.137  1.00 44.30  ? 35  SER B N   1 
ATOM   889  C  CA  . SER B 1 35 ? 6.313   1.354   16.659  1.00 43.15  ? 35  SER B CA  1 
ATOM   890  C  C   . SER B 1 35 ? 5.032   2.005   16.151  1.00 36.02  ? 35  SER B C   1 
ATOM   891  O  O   . SER B 1 35 ? 4.793   3.177   16.404  1.00 37.48  ? 35  SER B O   1 
ATOM   892  C  CB  . SER B 1 35 ? 5.967   0.374   17.782  1.00 44.59  ? 35  SER B CB  1 
ATOM   893  O  OG  . SER B 1 35 ? 7.058   -0.487  18.049  1.00 58.73  ? 35  SER B OG  1 
ATOM   894  N  N   . ILE B 1 36 ? 4.207   1.243   15.440  1.00 33.92  ? 36  ILE B N   1 
ATOM   895  C  CA  . ILE B 1 36 ? 2.961   1.783   14.896  1.00 34.23  ? 36  ILE B CA  1 
ATOM   896  C  C   . ILE B 1 36 ? 1.763   1.610   15.830  1.00 32.02  ? 36  ILE B C   1 
ATOM   897  O  O   . ILE B 1 36 ? 1.390   0.493   16.172  1.00 29.42  ? 36  ILE B O   1 
ATOM   898  C  CB  . ILE B 1 36 ? 2.595   1.113   13.553  1.00 28.93  ? 36  ILE B CB  1 
ATOM   899  C  CG1 . ILE B 1 36 ? 3.708   1.355   12.533  1.00 36.72  ? 36  ILE B CG1 1 
ATOM   900  C  CG2 . ILE B 1 36 ? 1.264   1.652   13.049  1.00 31.04  ? 36  ILE B CG2 1 
ATOM   901  C  CD1 . ILE B 1 36 ? 3.644   0.471   11.289  1.00 32.33  ? 36  ILE B CD1 1 
ATOM   902  N  N   . SER B 1 37 ? 1.162   2.721   16.236  1.00 30.62  ? 37  SER B N   1 
ATOM   903  C  CA  . SER B 1 37 ? -0.015  2.675   17.096  1.00 28.82  ? 37  SER B CA  1 
ATOM   904  C  C   . SER B 1 37 ? -1.199  3.060   16.211  1.00 26.06  ? 37  SER B C   1 
ATOM   905  O  O   . SER B 1 37 ? -1.018  3.297   15.016  1.00 30.07  ? 37  SER B O   1 
ATOM   906  C  CB  . SER B 1 37 ? 0.137   3.661   18.258  1.00 36.27  ? 37  SER B CB  1 
ATOM   907  O  OG  . SER B 1 37 ? 0.237   4.997   17.792  1.00 39.77  ? 37  SER B OG  1 
ATOM   908  N  N   . THR B 1 38 ? -2.396  3.125   16.780  1.00 26.53  ? 38  THR B N   1 
ATOM   909  C  CA  . THR B 1 38 ? -3.588  3.470   16.007  1.00 29.21  ? 38  THR B CA  1 
ATOM   910  C  C   . THR B 1 38 ? -3.427  4.845   15.368  1.00 28.84  ? 38  THR B C   1 
ATOM   911  O  O   . THR B 1 38 ? -3.932  5.093   14.274  1.00 27.12  ? 38  THR B O   1 
ATOM   912  C  CB  . THR B 1 38 ? -4.853  3.473   16.895  1.00 31.15  ? 38  THR B CB  1 
ATOM   913  O  OG1 . THR B 1 38 ? -4.574  4.180   18.109  1.00 36.80  ? 38  THR B OG1 1 
ATOM   914  C  CG2 . THR B 1 38 ? -5.293  2.048   17.219  1.00 36.18  ? 38  THR B CG2 1 
ATOM   915  N  N   . LYS B 1 39 ? -2.712  5.729   16.052  1.00 33.65  ? 39  LYS B N   1 
ATOM   916  C  CA  . LYS B 1 39 ? -2.475  7.069   15.546  1.00 36.17  ? 39  LYS B CA  1 
ATOM   917  C  C   . LYS B 1 39 ? -1.716  7.044   14.224  1.00 38.08  ? 39  LYS B C   1 
ATOM   918  O  O   . LYS B 1 39 ? -2.168  7.609   13.226  1.00 36.72  ? 39  LYS B O   1 
ATOM   919  C  CB  . LYS B 1 39 ? -1.682  7.891   16.563  1.00 45.28  ? 39  LYS B CB  1 
ATOM   920  C  CG  . LYS B 1 39 ? -1.403  9.312   16.109  1.00 54.90  ? 39  LYS B CG  1 
ATOM   921  C  CD  . LYS B 1 39 ? -0.618  10.084  17.155  1.00 65.53  ? 39  LYS B CD  1 
ATOM   922  C  CE  . LYS B 1 39 ? -0.441  11.532  16.738  1.00 63.56  ? 39  LYS B CE  1 
ATOM   923  N  NZ  . LYS B 1 39 ? 0.273   12.312  17.787  1.00 70.41  ? 39  LYS B NZ  1 
ATOM   924  N  N   . GLU B 1 40 ? -0.558  6.394   14.212  1.00 35.52  ? 40  GLU B N   1 
ATOM   925  C  CA  . GLU B 1 40 ? 0.234   6.339   12.988  1.00 30.96  ? 40  GLU B CA  1 
ATOM   926  C  C   . GLU B 1 40 ? -0.463  5.532   11.909  1.00 32.18  ? 40  GLU B C   1 
ATOM   927  O  O   . GLU B 1 40 ? -0.399  5.869   10.730  1.00 30.50  ? 40  GLU B O   1 
ATOM   928  C  CB  . GLU B 1 40 ? 1.626   5.747   13.258  1.00 36.98  ? 40  GLU B CB  1 
ATOM   929  C  CG  . GLU B 1 40 ? 2.555   6.670   14.043  1.00 40.85  ? 40  GLU B CG  1 
ATOM   930  C  CD  . GLU B 1 40 ? 2.243   6.695   15.532  1.00 51.49  ? 40  GLU B CD  1 
ATOM   931  O  OE1 . GLU B 1 40 ? 2.699   7.636   16.228  1.00 53.28  ? 40  GLU B OE1 1 
ATOM   932  O  OE2 . GLU B 1 40 ? 1.551   5.768   16.007  1.00 52.24  ? 40  GLU B OE2 1 
ATOM   933  N  N   . LEU B 1 41 ? -1.143  4.469   12.308  1.00 25.68  ? 41  LEU B N   1 
ATOM   934  C  CA  . LEU B 1 41 ? -1.832  3.641   11.334  1.00 26.20  ? 41  LEU B CA  1 
ATOM   935  C  C   . LEU B 1 41 ? -2.974  4.429   10.696  1.00 29.55  ? 41  LEU B C   1 
ATOM   936  O  O   . LEU B 1 41 ? -3.206  4.339   9.486   1.00 27.11  ? 41  LEU B O   1 
ATOM   937  C  CB  . LEU B 1 41 ? -2.363  2.378   12.014  1.00 25.65  ? 41  LEU B CB  1 
ATOM   938  C  CG  . LEU B 1 41 ? -3.194  1.417   11.170  1.00 23.10  ? 41  LEU B CG  1 
ATOM   939  C  CD1 . LEU B 1 41 ? -2.420  1.031   9.932   1.00 26.08  ? 41  LEU B CD1 1 
ATOM   940  C  CD2 . LEU B 1 41 ? -3.526  0.167   12.001  1.00 27.18  ? 41  LEU B CD2 1 
ATOM   941  N  N   . GLY B 1 42 ? -3.675  5.213   11.508  1.00 22.50  ? 42  GLY B N   1 
ATOM   942  C  CA  . GLY B 1 42 ? -4.783  5.994   10.983  1.00 27.05  ? 42  GLY B CA  1 
ATOM   943  C  C   . GLY B 1 42 ? -4.315  7.014   9.962   1.00 29.86  ? 42  GLY B C   1 
ATOM   944  O  O   . GLY B 1 42 ? -4.906  7.145   8.887   1.00 26.63  ? 42  GLY B O   1 
ATOM   945  N  N   . LYS B 1 43 ? -3.243  7.724   10.298  1.00 29.68  ? 43  LYS B N   1 
ATOM   946  C  CA  . LYS B 1 43 ? -2.682  8.744   9.416   1.00 33.31  ? 43  LYS B CA  1 
ATOM   947  C  C   . LYS B 1 43 ? -2.299  8.171   8.050   1.00 36.17  ? 43  LYS B C   1 
ATOM   948  O  O   . LYS B 1 43 ? -2.544  8.791   7.014   1.00 37.69  ? 43  LYS B O   1 
ATOM   949  C  CB  . LYS B 1 43 ? -1.445  9.375   10.057  1.00 38.51  ? 43  LYS B CB  1 
ATOM   950  C  CG  . LYS B 1 43 ? -0.738  10.368  9.147   1.00 53.56  ? 43  LYS B CG  1 
ATOM   951  C  CD  . LYS B 1 43 ? 0.626   10.785  9.682   1.00 57.65  ? 43  LYS B CD  1 
ATOM   952  C  CE  . LYS B 1 43 ? 1.356   11.671  8.673   1.00 63.99  ? 43  LYS B CE  1 
ATOM   953  N  NZ  . LYS B 1 43 ? 2.740   12.018  9.109   1.00 69.60  ? 43  LYS B NZ  1 
ATOM   954  N  N   . VAL B 1 44 ? -1.704  6.988   8.063   1.00 32.64  ? 44  VAL B N   1 
ATOM   955  C  CA  . VAL B 1 44 ? -1.271  6.333   6.841   1.00 33.23  ? 44  VAL B CA  1 
ATOM   956  C  C   . VAL B 1 44 ? -2.448  5.908   5.984   1.00 31.69  ? 44  VAL B C   1 
ATOM   957  O  O   . VAL B 1 44 ? -2.448  6.125   4.779   1.00 28.03  ? 44  VAL B O   1 
ATOM   958  C  CB  . VAL B 1 44 ? -0.393  5.103   7.154   1.00 37.85  ? 44  VAL B CB  1 
ATOM   959  C  CG1 . VAL B 1 44 ? 0.022   4.410   5.872   1.00 41.40  ? 44  VAL B CG1 1 
ATOM   960  C  CG2 . VAL B 1 44 ? 0.833   5.549   7.925   1.00 48.17  ? 44  VAL B CG2 1 
ATOM   961  N  N   . MET B 1 45 ? -3.458  5.310   6.601   1.00 25.28  ? 45  MET B N   1 
ATOM   962  C  CA  . MET B 1 45 ? -4.606  4.881   5.840   1.00 28.18  ? 45  MET B CA  1 
ATOM   963  C  C   . MET B 1 45 ? -5.386  6.070   5.298   1.00 29.39  ? 45  MET B C   1 
ATOM   964  O  O   . MET B 1 45 ? -5.941  6.008   4.202   1.00 31.31  ? 45  MET B O   1 
ATOM   965  C  CB  . MET B 1 45 ? -5.488  3.992   6.696   1.00 25.77  ? 45  MET B CB  1 
ATOM   966  C  CG  . MET B 1 45 ? -4.831  2.663   6.987   1.00 28.99  ? 45  MET B CG  1 
ATOM   967  S  SD  . MET B 1 45 ? -5.860  1.573   7.975   1.00 31.19  ? 45  MET B SD  1 
ATOM   968  C  CE  . MET B 1 45 ? -6.947  0.851   6.698   1.00 29.73  ? 45  MET B CE  1 
ATOM   969  N  N   . ARG B 1 46 ? -5.421  7.161   6.051   1.00 28.30  ? 46  ARG B N   1 
ATOM   970  C  CA  . ARG B 1 46 ? -6.130  8.336   5.563   1.00 31.48  ? 46  ARG B CA  1 
ATOM   971  C  C   . ARG B 1 46 ? -5.377  8.979   4.388   1.00 31.94  ? 46  ARG B C   1 
ATOM   972  O  O   . ARG B 1 46 ? -5.996  9.426   3.421   1.00 35.47  ? 46  ARG B O   1 
ATOM   973  C  CB  . ARG B 1 46 ? -6.358  9.345   6.699   1.00 28.43  ? 46  ARG B CB  1 
ATOM   974  C  CG  . ARG B 1 46 ? -7.535  8.973   7.615   1.00 30.40  ? 46  ARG B CG  1 
ATOM   975  C  CD  . ARG B 1 46 ? -7.798  10.043  8.669   1.00 28.53  ? 46  ARG B CD  1 
ATOM   976  N  NE  . ARG B 1 46 ? -6.658  10.235  9.560   1.00 30.64  ? 46  ARG B NE  1 
ATOM   977  C  CZ  . ARG B 1 46 ? -6.433  9.540   10.674  1.00 28.54  ? 46  ARG B CZ  1 
ATOM   978  N  NH1 . ARG B 1 46 ? -5.359  9.807   11.400  1.00 30.65  ? 46  ARG B NH1 1 
ATOM   979  N  NH2 . ARG B 1 46 ? -7.278  8.590   11.070  1.00 29.71  ? 46  ARG B NH2 1 
ATOM   980  N  N   . MET B 1 47 ? -4.048  9.009   4.448   1.00 32.07  ? 47  MET B N   1 
ATOM   981  C  CA  . MET B 1 47 ? -3.308  9.611   3.348   1.00 37.45  ? 47  MET B CA  1 
ATOM   982  C  C   . MET B 1 47 ? -3.488  8.758   2.096   1.00 40.25  ? 47  MET B C   1 
ATOM   983  O  O   . MET B 1 47 ? -3.236  9.223   0.977   1.00 37.66  ? 47  MET B O   1 
ATOM   984  C  CB  . MET B 1 47 ? -1.819  9.782   3.685   1.00 40.59  ? 47  MET B CB  1 
ATOM   985  C  CG  . MET B 1 47 ? -0.979  8.528   3.629   1.00 48.86  ? 47  MET B CG  1 
ATOM   986  S  SD  . MET B 1 47 ? 0.789   8.952   3.728   1.00 62.33  ? 47  MET B SD  1 
ATOM   987  C  CE  . MET B 1 47 ? 0.983   9.325   5.473   1.00 56.10  ? 47  MET B CE  1 
ATOM   988  N  N   . LEU B 1 48 ? -3.927  7.513   2.283   1.00 30.86  ? 48  LEU B N   1 
ATOM   989  C  CA  . LEU B 1 48 ? -4.181  6.639   1.144   1.00 27.66  ? 48  LEU B CA  1 
ATOM   990  C  C   . LEU B 1 48 ? -5.672  6.625   0.808   1.00 30.15  ? 48  LEU B C   1 
ATOM   991  O  O   . LEU B 1 48 ? -6.188  5.684   0.194   1.00 30.63  ? 48  LEU B O   1 
ATOM   992  C  CB  . LEU B 1 48 ? -3.667  5.223   1.407   1.00 29.21  ? 48  LEU B CB  1 
ATOM   993  C  CG  . LEU B 1 48 ? -2.142  5.114   1.557   1.00 30.66  ? 48  LEU B CG  1 
ATOM   994  C  CD1 . LEU B 1 48 ? -1.754  3.710   1.983   1.00 29.99  ? 48  LEU B CD1 1 
ATOM   995  C  CD2 . LEU B 1 48 ? -1.465  5.468   0.246   1.00 32.80  ? 48  LEU B CD2 1 
ATOM   996  N  N   . GLY B 1 49 ? -6.363  7.684   1.226   1.00 30.06  ? 49  GLY B N   1 
ATOM   997  C  CA  . GLY B 1 49 ? -7.782  7.825   0.937   1.00 32.98  ? 49  GLY B CA  1 
ATOM   998  C  C   . GLY B 1 49 ? -8.785  7.000   1.719   1.00 35.23  ? 49  GLY B C   1 
ATOM   999  O  O   . GLY B 1 49 ? -9.959  6.948   1.345   1.00 37.50  ? 49  GLY B O   1 
ATOM   1000 N  N   . GLN B 1 50 ? -8.358  6.360   2.801   1.00 33.14  ? 50  GLN B N   1 
ATOM   1001 C  CA  . GLN B 1 50 ? -9.286  5.548   3.586   1.00 32.68  ? 50  GLN B CA  1 
ATOM   1002 C  C   . GLN B 1 50 ? -9.660  6.260   4.877   1.00 28.45  ? 50  GLN B C   1 
ATOM   1003 O  O   . GLN B 1 50 ? -8.946  7.147   5.326   1.00 33.61  ? 50  GLN B O   1 
ATOM   1004 C  CB  . GLN B 1 50 ? -8.656  4.192   3.914   1.00 35.69  ? 50  GLN B CB  1 
ATOM   1005 C  CG  . GLN B 1 50 ? -7.911  3.573   2.744   1.00 36.64  ? 50  GLN B CG  1 
ATOM   1006 C  CD  . GLN B 1 50 ? -8.800  3.339   1.542   1.00 38.30  ? 50  GLN B CD  1 
ATOM   1007 O  OE1 . GLN B 1 50 ? -9.821  2.658   1.639   1.00 37.13  ? 50  GLN B OE1 1 
ATOM   1008 N  NE2 . GLN B 1 50 ? -8.409  3.894   0.393   1.00 36.35  ? 50  GLN B NE2 1 
ATOM   1009 N  N   . ASN B 1 51 ? -10.786 5.881   5.475   1.00 28.38  ? 51  ASN B N   1 
ATOM   1010 C  CA  . ASN B 1 51 ? -11.203 6.500   6.731   1.00 29.85  ? 51  ASN B CA  1 
ATOM   1011 C  C   . ASN B 1 51 ? -11.665 5.464   7.737   1.00 32.23  ? 51  ASN B C   1 
ATOM   1012 O  O   . ASN B 1 51 ? -12.836 5.416   8.098   1.00 35.38  ? 51  ASN B O   1 
ATOM   1013 C  CB  . ASN B 1 51 ? -12.321 7.519   6.492   1.00 35.75  ? 51  ASN B CB  1 
ATOM   1014 C  CG  . ASN B 1 51 ? -11.811 8.794   5.872   1.00 35.69  ? 51  ASN B CG  1 
ATOM   1015 O  OD1 . ASN B 1 51 ? -11.283 9.671   6.566   1.00 33.18  ? 51  ASN B OD1 1 
ATOM   1016 N  ND2 . ASN B 1 51 ? -11.938 8.898   4.556   1.00 38.28  ? 51  ASN B ND2 1 
ATOM   1017 N  N   . PRO B 1 52 ? -10.739 4.613   8.203   1.00 36.19  ? 52  PRO B N   1 
ATOM   1018 C  CA  . PRO B 1 52 ? -11.068 3.574   9.181   1.00 31.07  ? 52  PRO B CA  1 
ATOM   1019 C  C   . PRO B 1 52 ? -11.452 4.176   10.535  1.00 30.01  ? 52  PRO B C   1 
ATOM   1020 O  O   . PRO B 1 52 ? -10.908 5.207   10.952  1.00 31.89  ? 52  PRO B O   1 
ATOM   1021 C  CB  . PRO B 1 52 ? -9.778  2.756   9.252   1.00 25.27  ? 52  PRO B CB  1 
ATOM   1022 C  CG  . PRO B 1 52 ? -8.725  3.793   9.051   1.00 30.47  ? 52  PRO B CG  1 
ATOM   1023 C  CD  . PRO B 1 52 ? -9.300  4.595   7.885   1.00 23.94  ? 52  PRO B CD  1 
ATOM   1024 N  N   . THR B 1 53 ? -12.393 3.534   11.218  1.00 35.69  ? 53  THR B N   1 
ATOM   1025 C  CA  . THR B 1 53 ? -12.825 4.003   12.530  1.00 34.95  ? 53  THR B CA  1 
ATOM   1026 C  C   . THR B 1 53 ? -11.796 3.613   13.582  1.00 37.48  ? 53  THR B C   1 
ATOM   1027 O  O   . THR B 1 53 ? -10.972 2.723   13.361  1.00 36.45  ? 53  THR B O   1 
ATOM   1028 C  CB  . THR B 1 53 ? -14.165 3.365   12.965  1.00 42.15  ? 53  THR B CB  1 
ATOM   1029 O  OG1 . THR B 1 53 ? -14.037 1.941   12.941  1.00 45.07  ? 53  THR B OG1 1 
ATOM   1030 C  CG2 . THR B 1 53 ? -15.290 3.782   12.053  1.00 35.30  ? 53  THR B CG2 1 
ATOM   1031 N  N   . PRO B 1 54 ? -11.839 4.271   14.749  1.00 34.80  ? 54  PRO B N   1 
ATOM   1032 C  CA  . PRO B 1 54 ? -10.900 3.965   15.833  1.00 40.26  ? 54  PRO B CA  1 
ATOM   1033 C  C   . PRO B 1 54 ? -10.957 2.483   16.210  1.00 39.94  ? 54  PRO B C   1 
ATOM   1034 O  O   . PRO B 1 54 ? -9.950  1.891   16.608  1.00 38.06  ? 54  PRO B O   1 
ATOM   1035 C  CB  . PRO B 1 54 ? -11.383 4.859   16.971  1.00 42.21  ? 54  PRO B CB  1 
ATOM   1036 C  CG  . PRO B 1 54 ? -11.974 6.052   16.238  1.00 34.82  ? 54  PRO B CG  1 
ATOM   1037 C  CD  . PRO B 1 54 ? -12.733 5.383   15.119  1.00 37.46  ? 54  PRO B CD  1 
ATOM   1038 N  N   . GLU B 1 55 ? -12.142 1.891   16.082  1.00 39.99  ? 55  GLU B N   1 
ATOM   1039 C  CA  . GLU B 1 55 ? -12.338 0.482   16.410  1.00 43.09  ? 55  GLU B CA  1 
ATOM   1040 C  C   . GLU B 1 55 ? -11.646 -0.432  15.408  1.00 41.61  ? 55  GLU B C   1 
ATOM   1041 O  O   . GLU B 1 55 ? -11.023 -1.418  15.798  1.00 45.08  ? 55  GLU B O   1 
ATOM   1042 C  CB  . GLU B 1 55 ? -13.830 0.137   16.455  1.00 45.13  ? 55  GLU B CB  1 
ATOM   1043 C  CG  . GLU B 1 55 ? -14.618 0.827   17.567  1.00 51.08  ? 55  GLU B CG  1 
ATOM   1044 C  CD  . GLU B 1 55 ? -14.709 2.336   17.384  1.00 57.75  ? 55  GLU B CD  1 
ATOM   1045 O  OE1 . GLU B 1 55 ? -15.047 2.787   16.269  1.00 47.59  ? 55  GLU B OE1 1 
ATOM   1046 O  OE2 . GLU B 1 55 ? -14.454 3.069   18.363  1.00 63.20  ? 55  GLU B OE2 1 
ATOM   1047 N  N   . GLU B 1 56 ? -11.764 -0.103  14.120  1.00 39.10  ? 56  GLU B N   1 
ATOM   1048 C  CA  . GLU B 1 56 ? -11.137 -0.898  13.064  1.00 37.83  ? 56  GLU B CA  1 
ATOM   1049 C  C   . GLU B 1 56 ? -9.614  -0.845  13.166  1.00 34.71  ? 56  GLU B C   1 
ATOM   1050 O  O   . GLU B 1 56 ? -8.937  -1.851  12.969  1.00 32.79  ? 56  GLU B O   1 
ATOM   1051 C  CB  . GLU B 1 56 ? -11.574 -0.392  11.696  1.00 36.79  ? 56  GLU B CB  1 
ATOM   1052 C  CG  . GLU B 1 56 ? -13.068 -0.444  11.493  1.00 46.83  ? 56  GLU B CG  1 
ATOM   1053 C  CD  . GLU B 1 56 ? -13.512 0.317   10.257  1.00 54.43  ? 56  GLU B CD  1 
ATOM   1054 O  OE1 . GLU B 1 56 ? -14.731 0.375   10.006  1.00 65.80  ? 56  GLU B OE1 1 
ATOM   1055 O  OE2 . GLU B 1 56 ? -12.650 0.857   9.537   1.00 60.36  ? 56  GLU B OE2 1 
ATOM   1056 N  N   . LEU B 1 57 ? -9.089  0.340   13.475  1.00 27.94  ? 57  LEU B N   1 
ATOM   1057 C  CA  . LEU B 1 57 ? -7.651  0.534   13.616  1.00 32.18  ? 57  LEU B CA  1 
ATOM   1058 C  C   . LEU B 1 57 ? -7.109  -0.273  14.802  1.00 32.81  ? 57  LEU B C   1 
ATOM   1059 O  O   . LEU B 1 57 ? -6.028  -0.859  14.733  1.00 34.91  ? 57  LEU B O   1 
ATOM   1060 C  CB  . LEU B 1 57 ? -7.349  2.023   13.812  1.00 24.00  ? 57  LEU B CB  1 
ATOM   1061 C  CG  . LEU B 1 57 ? -7.587  2.955   12.607  1.00 30.64  ? 57  LEU B CG  1 
ATOM   1062 C  CD1 . LEU B 1 57 ? -7.500  4.425   13.049  1.00 25.14  ? 57  LEU B CD1 1 
ATOM   1063 C  CD2 . LEU B 1 57 ? -6.542  2.668   11.526  1.00 27.91  ? 57  LEU B CD2 1 
ATOM   1064 N  N   . GLN B 1 58 ? -7.855  -0.293  15.899  1.00 35.24  ? 58  GLN B N   1 
ATOM   1065 C  CA  . GLN B 1 58 ? -7.417  -1.031  17.078  1.00 34.14  ? 58  GLN B CA  1 
ATOM   1066 C  C   . GLN B 1 58 ? -7.428  -2.545  16.821  1.00 32.61  ? 58  GLN B C   1 
ATOM   1067 O  O   . GLN B 1 58 ? -6.572  -3.282  17.309  1.00 36.95  ? 58  GLN B O   1 
ATOM   1068 C  CB  . GLN B 1 58 ? -8.312  -0.698  18.275  1.00 33.32  ? 58  GLN B CB  1 
ATOM   1069 C  CG  . GLN B 1 58 ? -7.782  -1.278  19.575  1.00 36.93  ? 58  GLN B CG  1 
ATOM   1070 C  CD  . GLN B 1 58 ? -6.466  -0.649  19.979  1.00 36.53  ? 58  GLN B CD  1 
ATOM   1071 O  OE1 . GLN B 1 58 ? -6.407  0.538   20.286  1.00 46.38  ? 58  GLN B OE1 1 
ATOM   1072 N  NE2 . GLN B 1 58 ? -5.396  -1.439  19.969  1.00 45.44  ? 58  GLN B NE2 1 
ATOM   1073 N  N   . GLU B 1 59 ? -8.395  -2.994  16.035  1.00 29.76  ? 59  GLU B N   1 
ATOM   1074 C  CA  . GLU B 1 59 ? -8.530  -4.400  15.704  1.00 35.63  ? 59  GLU B CA  1 
ATOM   1075 C  C   . GLU B 1 59 ? -7.389  -4.826  14.791  1.00 39.35  ? 59  GLU B C   1 
ATOM   1076 O  O   . GLU B 1 59 ? -6.846  -5.926  14.933  1.00 41.37  ? 59  GLU B O   1 
ATOM   1077 C  CB  . GLU B 1 59 ? -9.874  -4.620  15.016  1.00 41.03  ? 59  GLU B CB  1 
ATOM   1078 C  CG  . GLU B 1 59 ? -10.084 -5.989  14.427  1.00 56.36  ? 59  GLU B CG  1 
ATOM   1079 C  CD  . GLU B 1 59 ? -11.315 -6.035  13.540  1.00 69.35  ? 59  GLU B CD  1 
ATOM   1080 O  OE1 . GLU B 1 59 ? -12.414 -5.695  14.028  1.00 76.41  ? 59  GLU B OE1 1 
ATOM   1081 O  OE2 . GLU B 1 59 ? -11.184 -6.408  12.352  1.00 77.42  ? 59  GLU B OE2 1 
ATOM   1082 N  N   . MET B 1 60 ? -7.039  -3.955  13.847  1.00 35.73  ? 60  MET B N   1 
ATOM   1083 C  CA  . MET B 1 60 ? -5.952  -4.229  12.915  1.00 32.04  ? 60  MET B CA  1 
ATOM   1084 C  C   . MET B 1 60 ? -4.679  -4.438  13.709  1.00 31.14  ? 60  MET B C   1 
ATOM   1085 O  O   . MET B 1 60 ? -3.879  -5.330  13.428  1.00 35.30  ? 60  MET B O   1 
ATOM   1086 C  CB  . MET B 1 60 ? -5.755  -3.050  11.964  1.00 33.61  ? 60  MET B CB  1 
ATOM   1087 C  CG  . MET B 1 60 ? -6.719  -3.030  10.803  1.00 35.78  ? 60  MET B CG  1 
ATOM   1088 S  SD  . MET B 1 60 ? -6.377  -1.644  9.717   1.00 36.99  ? 60  MET B SD  1 
ATOM   1089 C  CE  . MET B 1 60 ? -4.920  -2.228  8.849   1.00 27.74  ? 60  MET B CE  1 
ATOM   1090 N  N   . ILE B 1 61 ? -4.489  -3.596  14.707  1.00 27.78  ? 61  ILE B N   1 
ATOM   1091 C  CA  . ILE B 1 61 ? -3.309  -3.711  15.535  1.00 31.81  ? 61  ILE B CA  1 
ATOM   1092 C  C   . ILE B 1 61 ? -3.367  -4.917  16.479  1.00 33.17  ? 61  ILE B C   1 
ATOM   1093 O  O   . ILE B 1 61 ? -2.426  -5.707  16.537  1.00 30.10  ? 61  ILE B O   1 
ATOM   1094 C  CB  . ILE B 1 61 ? -3.080  -2.407  16.340  1.00 29.34  ? 61  ILE B CB  1 
ATOM   1095 C  CG1 . ILE B 1 61 ? -2.589  -1.316  15.381  1.00 29.86  ? 61  ILE B CG1 1 
ATOM   1096 C  CG2 . ILE B 1 61 ? -2.082  -2.643  17.468  1.00 33.07  ? 61  ILE B CG2 1 
ATOM   1097 C  CD1 . ILE B 1 61 ? -2.637  0.103   15.943  1.00 34.32  ? 61  ILE B CD1 1 
ATOM   1098 N  N   . ASP B 1 62 ? -4.472  -5.078  17.203  1.00 36.82  ? 62  ASP B N   1 
ATOM   1099 C  CA  . ASP B 1 62 ? -4.580  -6.192  18.145  1.00 40.72  ? 62  ASP B CA  1 
ATOM   1100 C  C   . ASP B 1 62 ? -4.417  -7.550  17.468  1.00 39.97  ? 62  ASP B C   1 
ATOM   1101 O  O   . ASP B 1 62 ? -3.906  -8.494  18.058  1.00 43.43  ? 62  ASP B O   1 
ATOM   1102 C  CB  . ASP B 1 62 ? -5.914  -6.131  18.894  1.00 42.09  ? 62  ASP B CB  1 
ATOM   1103 C  CG  . ASP B 1 62 ? -6.041  -4.890  19.757  1.00 43.38  ? 62  ASP B CG  1 
ATOM   1104 O  OD1 . ASP B 1 62 ? -5.002  -4.354  20.199  1.00 48.14  ? 62  ASP B OD1 1 
ATOM   1105 O  OD2 . ASP B 1 62 ? -7.182  -4.456  20.005  1.00 57.20  ? 62  ASP B OD2 1 
ATOM   1106 N  N   . GLU B 1 63 ? -4.848  -7.632  16.218  1.00 44.21  ? 63  GLU B N   1 
ATOM   1107 C  CA  . GLU B 1 63 ? -4.754  -8.857  15.444  1.00 40.12  ? 63  GLU B CA  1 
ATOM   1108 C  C   . GLU B 1 63 ? -3.308  -9.375  15.274  1.00 42.71  ? 63  GLU B C   1 
ATOM   1109 O  O   . GLU B 1 63 ? -3.095  -10.580 15.181  1.00 40.22  ? 63  GLU B O   1 
ATOM   1110 C  CB  . GLU B 1 63 ? -5.390  -8.625  14.080  1.00 46.61  ? 63  GLU B CB  1 
ATOM   1111 C  CG  . GLU B 1 63 ? -5.507  -9.850  13.209  1.00 56.68  ? 63  GLU B CG  1 
ATOM   1112 C  CD  . GLU B 1 63 ? -6.154  -9.536  11.877  1.00 62.29  ? 63  GLU B CD  1 
ATOM   1113 O  OE1 . GLU B 1 63 ? -6.403  -10.482 11.101  1.00 69.62  ? 63  GLU B OE1 1 
ATOM   1114 O  OE2 . GLU B 1 63 ? -6.413  -8.341  11.608  1.00 65.99  ? 63  GLU B OE2 1 
ATOM   1115 N  N   . VAL B 1 64 ? -2.320  -8.477  15.241  1.00 38.44  ? 64  VAL B N   1 
ATOM   1116 C  CA  . VAL B 1 64 ? -0.917  -8.887  15.070  1.00 37.93  ? 64  VAL B CA  1 
ATOM   1117 C  C   . VAL B 1 64 ? -0.027  -8.543  16.275  1.00 36.38  ? 64  VAL B C   1 
ATOM   1118 O  O   . VAL B 1 64 ? 1.165   -8.832  16.266  1.00 35.32  ? 64  VAL B O   1 
ATOM   1119 C  CB  . VAL B 1 64 ? -0.279  -8.220  13.808  1.00 31.27  ? 64  VAL B CB  1 
ATOM   1120 C  CG1 . VAL B 1 64 ? -1.066  -8.584  12.564  1.00 32.78  ? 64  VAL B CG1 1 
ATOM   1121 C  CG2 . VAL B 1 64 ? -0.250  -6.702  13.981  1.00 26.49  ? 64  VAL B CG2 1 
ATOM   1122 N  N   . ASP B 1 65 ? -0.603  -7.930  17.305  1.00 36.56  ? 65  ASP B N   1 
ATOM   1123 C  CA  . ASP B 1 65 ? 0.165   -7.535  18.488  1.00 37.56  ? 65  ASP B CA  1 
ATOM   1124 C  C   . ASP B 1 65 ? 0.426   -8.728  19.404  1.00 40.70  ? 65  ASP B C   1 
ATOM   1125 O  O   . ASP B 1 65 ? -0.224  -8.898  20.438  1.00 46.21  ? 65  ASP B O   1 
ATOM   1126 C  CB  . ASP B 1 65 ? -0.580  -6.442  19.258  1.00 30.72  ? 65  ASP B CB  1 
ATOM   1127 C  CG  . ASP B 1 65 ? 0.274   -5.807  20.335  1.00 36.42  ? 65  ASP B CG  1 
ATOM   1128 O  OD1 . ASP B 1 65 ? -0.295  -5.313  21.329  1.00 33.81  ? 65  ASP B OD1 1 
ATOM   1129 O  OD2 . ASP B 1 65 ? 1.514   -5.792  20.183  1.00 28.13  ? 65  ASP B OD2 1 
ATOM   1130 N  N   . GLU B 1 66 ? 1.400   -9.542  19.015  1.00 40.16  ? 66  GLU B N   1 
ATOM   1131 C  CA  . GLU B 1 66 ? 1.762   -10.738 19.762  1.00 40.99  ? 66  GLU B CA  1 
ATOM   1132 C  C   . GLU B 1 66 ? 2.344   -10.508 21.149  1.00 37.41  ? 66  GLU B C   1 
ATOM   1133 O  O   . GLU B 1 66 ? 2.128   -11.324 22.039  1.00 40.15  ? 66  GLU B O   1 
ATOM   1134 C  CB  . GLU B 1 66 ? 2.747   -11.582 18.947  1.00 46.14  ? 66  GLU B CB  1 
ATOM   1135 C  CG  . GLU B 1 66 ? 2.182   -12.129 17.652  1.00 56.81  ? 66  GLU B CG  1 
ATOM   1136 C  CD  . GLU B 1 66 ? 1.014   -13.068 17.868  1.00 65.45  ? 66  GLU B CD  1 
ATOM   1137 O  OE1 . GLU B 1 66 ? 1.185   -14.070 18.597  1.00 68.34  ? 66  GLU B OE1 1 
ATOM   1138 O  OE2 . GLU B 1 66 ? -0.073  -12.809 17.306  1.00 73.12  ? 66  GLU B OE2 1 
ATOM   1139 N  N   . ASP B 1 67 ? 3.093   -9.424  21.338  1.00 33.60  ? 67  ASP B N   1 
ATOM   1140 C  CA  . ASP B 1 67 ? 3.698   -9.128  22.639  1.00 34.53  ? 67  ASP B CA  1 
ATOM   1141 C  C   . ASP B 1 67 ? 2.869   -8.142  23.489  1.00 35.75  ? 67  ASP B C   1 
ATOM   1142 O  O   . ASP B 1 67 ? 3.382   -7.559  24.450  1.00 34.36  ? 67  ASP B O   1 
ATOM   1143 C  CB  . ASP B 1 67 ? 5.110   -8.568  22.438  1.00 37.30  ? 67  ASP B CB  1 
ATOM   1144 C  CG  . ASP B 1 67 ? 5.095   -7.244  21.708  1.00 40.12  ? 67  ASP B CG  1 
ATOM   1145 O  OD1 . ASP B 1 67 ? 4.015   -6.879  21.209  1.00 33.75  ? 67  ASP B OD1 1 
ATOM   1146 O  OD2 . ASP B 1 67 ? 6.145   -6.576  21.625  1.00 40.82  ? 67  ASP B OD2 1 
ATOM   1147 N  N   . GLY B 1 68 ? 1.602   -7.951  23.120  1.00 35.91  ? 68  GLY B N   1 
ATOM   1148 C  CA  . GLY B 1 68 ? 0.730   -7.039  23.845  1.00 35.99  ? 68  GLY B CA  1 
ATOM   1149 C  C   . GLY B 1 68 ? 1.263   -5.639  24.117  1.00 37.75  ? 68  GLY B C   1 
ATOM   1150 O  O   . GLY B 1 68 ? 0.976   -5.061  25.171  1.00 34.82  ? 68  GLY B O   1 
ATOM   1151 N  N   . SER B 1 69 ? 2.033   -5.071  23.190  1.00 30.69  ? 69  SER B N   1 
ATOM   1152 C  CA  . SER B 1 69 ? 2.563   -3.720  23.392  1.00 26.92  ? 69  SER B CA  1 
ATOM   1153 C  C   . SER B 1 69 ? 1.512   -2.644  23.082  1.00 26.95  ? 69  SER B C   1 
ATOM   1154 O  O   . SER B 1 69 ? 1.671   -1.491  23.470  1.00 33.71  ? 69  SER B O   1 
ATOM   1155 C  CB  . SER B 1 69 ? 3.782   -3.476  22.496  1.00 36.94  ? 69  SER B CB  1 
ATOM   1156 O  OG  . SER B 1 69 ? 3.406   -3.453  21.125  1.00 34.76  ? 69  SER B OG  1 
ATOM   1157 N  N   . GLY B 1 70 ? 0.438   -3.028  22.399  1.00 26.85  ? 70  GLY B N   1 
ATOM   1158 C  CA  . GLY B 1 70 ? -0.583  -2.072  22.005  1.00 28.03  ? 70  GLY B CA  1 
ATOM   1159 C  C   . GLY B 1 70 ? -0.113  -1.343  20.740  1.00 32.76  ? 70  GLY B C   1 
ATOM   1160 O  O   . GLY B 1 70 ? -0.785  -0.431  20.252  1.00 34.02  ? 70  GLY B O   1 
ATOM   1161 N  N   . THR B 1 71 ? 1.043   -1.755  20.212  1.00 32.16  ? 71  THR B N   1 
ATOM   1162 C  CA  . THR B 1 71 ? 1.646   -1.164  19.008  1.00 31.83  ? 71  THR B CA  1 
ATOM   1163 C  C   . THR B 1 71 ? 2.204   -2.250  18.077  1.00 35.26  ? 71  THR B C   1 
ATOM   1164 O  O   . THR B 1 71 ? 2.353   -3.401  18.480  1.00 33.89  ? 71  THR B O   1 
ATOM   1165 C  CB  . THR B 1 71 ? 2.813   -0.252  19.374  1.00 31.24  ? 71  THR B CB  1 
ATOM   1166 O  OG1 . THR B 1 71 ? 3.851   -1.045  19.954  1.00 36.29  ? 71  THR B OG1 1 
ATOM   1167 C  CG2 . THR B 1 71 ? 2.379   0.812   20.381  1.00 35.16  ? 71  THR B CG2 1 
ATOM   1168 N  N   . VAL B 1 72 ? 2.522   -1.878  16.838  1.00 34.38  ? 72  VAL B N   1 
ATOM   1169 C  CA  . VAL B 1 72 ? 3.055   -2.831  15.868  1.00 35.02  ? 72  VAL B CA  1 
ATOM   1170 C  C   . VAL B 1 72 ? 4.512   -2.546  15.537  1.00 36.53  ? 72  VAL B C   1 
ATOM   1171 O  O   . VAL B 1 72 ? 4.837   -1.466  15.038  1.00 37.65  ? 72  VAL B O   1 
ATOM   1172 C  CB  . VAL B 1 72 ? 2.247   -2.806  14.544  1.00 40.74  ? 72  VAL B CB  1 
ATOM   1173 C  CG1 . VAL B 1 72 ? 2.899   -3.718  13.516  1.00 33.79  ? 72  VAL B CG1 1 
ATOM   1174 C  CG2 . VAL B 1 72 ? 0.837   -3.268  14.782  1.00 29.96  ? 72  VAL B CG2 1 
ATOM   1175 N  N   . ASP B 1 73 ? 5.389   -3.509  15.821  1.00 32.02  ? 73  ASP B N   1 
ATOM   1176 C  CA  . ASP B 1 73 ? 6.811   -3.366  15.515  1.00 32.33  ? 73  ASP B CA  1 
ATOM   1177 C  C   . ASP B 1 73 ? 7.014   -3.943  14.108  1.00 27.98  ? 73  ASP B C   1 
ATOM   1178 O  O   . ASP B 1 73 ? 6.067   -4.477  13.523  1.00 31.02  ? 73  ASP B O   1 
ATOM   1179 C  CB  . ASP B 1 73 ? 7.674   -4.094  16.567  1.00 28.53  ? 73  ASP B CB  1 
ATOM   1180 C  CG  . ASP B 1 73 ? 7.467   -5.612  16.574  1.00 36.55  ? 73  ASP B CG  1 
ATOM   1181 O  OD1 . ASP B 1 73 ? 7.676   -6.218  17.643  1.00 46.99  ? 73  ASP B OD1 1 
ATOM   1182 O  OD2 . ASP B 1 73 ? 7.120   -6.213  15.532  1.00 38.40  ? 73  ASP B OD2 1 
ATOM   1183 N  N   . PHE B 1 74 ? 8.221   -3.854  13.557  1.00 35.52  ? 74  PHE B N   1 
ATOM   1184 C  CA  . PHE B 1 74 ? 8.429   -4.364  12.195  1.00 36.61  ? 74  PHE B CA  1 
ATOM   1185 C  C   . PHE B 1 74 ? 8.039   -5.820  11.986  1.00 39.09  ? 74  PHE B C   1 
ATOM   1186 O  O   . PHE B 1 74 ? 7.330   -6.137  11.034  1.00 42.58  ? 74  PHE B O   1 
ATOM   1187 C  CB  . PHE B 1 74 ? 9.875   -4.167  11.727  1.00 37.88  ? 74  PHE B CB  1 
ATOM   1188 C  CG  . PHE B 1 74 ? 10.070  -4.430  10.253  1.00 42.34  ? 74  PHE B CG  1 
ATOM   1189 C  CD1 . PHE B 1 74 ? 9.333   -3.716  9.306   1.00 41.14  ? 74  PHE B CD1 1 
ATOM   1190 C  CD2 . PHE B 1 74 ? 10.974  -5.394  9.808   1.00 41.69  ? 74  PHE B CD2 1 
ATOM   1191 C  CE1 . PHE B 1 74 ? 9.486   -3.962  7.935   1.00 41.44  ? 74  PHE B CE1 1 
ATOM   1192 C  CE2 . PHE B 1 74 ? 11.137  -5.648  8.439   1.00 41.53  ? 74  PHE B CE2 1 
ATOM   1193 C  CZ  . PHE B 1 74 ? 10.386  -4.925  7.501   1.00 43.80  ? 74  PHE B CZ  1 
ATOM   1194 N  N   . ASP B 1 75 ? 8.495   -6.711  12.866  1.00 38.83  ? 75  ASP B N   1 
ATOM   1195 C  CA  . ASP B 1 75 ? 8.160   -8.122  12.721  1.00 38.38  ? 75  ASP B CA  1 
ATOM   1196 C  C   . ASP B 1 75 ? 6.654   -8.330  12.630  1.00 35.36  ? 75  ASP B C   1 
ATOM   1197 O  O   . ASP B 1 75 ? 6.176   -9.118  11.814  1.00 34.84  ? 75  ASP B O   1 
ATOM   1198 C  CB  . ASP B 1 75 ? 8.727   -8.925  13.892  1.00 43.13  ? 75  ASP B CB  1 
ATOM   1199 C  CG  . ASP B 1 75 ? 10.250  -8.982  13.881  1.00 54.44  ? 75  ASP B CG  1 
ATOM   1200 O  OD1 . ASP B 1 75 ? 10.824  -9.615  14.792  1.00 58.32  ? 75  ASP B OD1 1 
ATOM   1201 O  OD2 . ASP B 1 75 ? 10.872  -8.401  12.963  1.00 59.09  ? 75  ASP B OD2 1 
ATOM   1202 N  N   . GLU B 1 76 ? 5.905   -7.631  13.477  1.00 36.31  ? 76  GLU B N   1 
ATOM   1203 C  CA  . GLU B 1 76 ? 4.446   -7.747  13.474  1.00 36.59  ? 76  GLU B CA  1 
ATOM   1204 C  C   . GLU B 1 76 ? 3.881   -7.030  12.246  1.00 31.74  ? 76  GLU B C   1 
ATOM   1205 O  O   . GLU B 1 76 ? 2.837   -7.407  11.710  1.00 29.90  ? 76  GLU B O   1 
ATOM   1206 C  CB  . GLU B 1 76 ? 3.865   -7.128  14.753  1.00 35.10  ? 76  GLU B CB  1 
ATOM   1207 C  CG  . GLU B 1 76 ? 4.459   -7.694  16.042  1.00 34.81  ? 76  GLU B CG  1 
ATOM   1208 C  CD  . GLU B 1 76 ? 3.959   -6.979  17.288  1.00 40.74  ? 76  GLU B CD  1 
ATOM   1209 O  OE1 . GLU B 1 76 ? 3.637   -5.777  17.195  1.00 37.32  ? 76  GLU B OE1 1 
ATOM   1210 O  OE2 . GLU B 1 76 ? 3.906   -7.606  18.366  1.00 43.21  ? 76  GLU B OE2 1 
ATOM   1211 N  N   . PHE B 1 77 ? 4.575   -5.987  11.804  1.00 32.14  ? 77  PHE B N   1 
ATOM   1212 C  CA  . PHE B 1 77 ? 4.134   -5.247  10.628  1.00 32.22  ? 77  PHE B CA  1 
ATOM   1213 C  C   . PHE B 1 77 ? 4.162   -6.194  9.435   1.00 33.64  ? 77  PHE B C   1 
ATOM   1214 O  O   . PHE B 1 77 ? 3.275   -6.158  8.591   1.00 31.67  ? 77  PHE B O   1 
ATOM   1215 C  CB  . PHE B 1 77 ? 5.059   -4.064  10.366  1.00 31.46  ? 77  PHE B CB  1 
ATOM   1216 C  CG  . PHE B 1 77 ? 4.700   -3.269  9.135   1.00 38.43  ? 77  PHE B CG  1 
ATOM   1217 C  CD1 . PHE B 1 77 ? 3.497   -2.566  9.068   1.00 31.91  ? 77  PHE B CD1 1 
ATOM   1218 C  CD2 . PHE B 1 77 ? 5.589   -3.189  8.066   1.00 32.80  ? 77  PHE B CD2 1 
ATOM   1219 C  CE1 . PHE B 1 77 ? 3.182   -1.790  7.947   1.00 39.84  ? 77  PHE B CE1 1 
ATOM   1220 C  CE2 . PHE B 1 77 ? 5.288   -2.421  6.942   1.00 36.05  ? 77  PHE B CE2 1 
ATOM   1221 C  CZ  . PHE B 1 77 ? 4.081   -1.716  6.883   1.00 32.56  ? 77  PHE B CZ  1 
ATOM   1222 N  N   . LEU B 1 78 ? 5.189   -7.042  9.370   1.00 34.41  ? 78  LEU B N   1 
ATOM   1223 C  CA  . LEU B 1 78 ? 5.290   -7.993  8.263   1.00 40.86  ? 78  LEU B CA  1 
ATOM   1224 C  C   . LEU B 1 78 ? 4.114   -8.955  8.260   1.00 34.30  ? 78  LEU B C   1 
ATOM   1225 O  O   . LEU B 1 78 ? 3.616   -9.317  7.196   1.00 44.54  ? 78  LEU B O   1 
ATOM   1226 C  CB  . LEU B 1 78 ? 6.604   -8.773  8.330   1.00 39.11  ? 78  LEU B CB  1 
ATOM   1227 C  CG  . LEU B 1 78 ? 7.843   -7.975  7.924   1.00 44.21  ? 78  LEU B CG  1 
ATOM   1228 C  CD1 . LEU B 1 78 ? 9.077   -8.833  8.069   1.00 44.45  ? 78  LEU B CD1 1 
ATOM   1229 C  CD2 . LEU B 1 78 ? 7.690   -7.502  6.492   1.00 37.81  ? 78  LEU B CD2 1 
ATOM   1230 N  N   . VAL B 1 79 ? 3.670   -9.371  9.444   1.00 37.26  ? 79  VAL B N   1 
ATOM   1231 C  CA  . VAL B 1 79 ? 2.527   -10.277 9.542   1.00 36.34  ? 79  VAL B CA  1 
ATOM   1232 C  C   . VAL B 1 79 ? 1.271   -9.520  9.118   1.00 37.25  ? 79  VAL B C   1 
ATOM   1233 O  O   . VAL B 1 79 ? 0.361   -10.093 8.541   1.00 36.73  ? 79  VAL B O   1 
ATOM   1234 C  CB  . VAL B 1 79 ? 2.319   -10.804 10.981  1.00 40.77  ? 79  VAL B CB  1 
ATOM   1235 C  CG1 . VAL B 1 79 ? 1.034   -11.614 11.047  1.00 37.73  ? 79  VAL B CG1 1 
ATOM   1236 C  CG2 . VAL B 1 79 ? 3.511   -11.660 11.408  1.00 34.75  ? 79  VAL B CG2 1 
ATOM   1237 N  N   . MET B 1 80 ? 1.227   -8.224  9.409   1.00 41.52  ? 80  MET B N   1 
ATOM   1238 C  CA  . MET B 1 80 ? 0.080   -7.408  9.021   1.00 44.45  ? 80  MET B CA  1 
ATOM   1239 C  C   . MET B 1 80 ? 0.034   -7.339  7.492   1.00 48.07  ? 80  MET B C   1 
ATOM   1240 O  O   . MET B 1 80 ? -1.025  -7.497  6.894   1.00 45.40  ? 80  MET B O   1 
ATOM   1241 C  CB  . MET B 1 80 ? 0.202   -5.998  9.606   1.00 38.99  ? 80  MET B CB  1 
ATOM   1242 C  CG  . MET B 1 80 ? -1.042  -5.139  9.435   1.00 45.51  ? 80  MET B CG  1 
ATOM   1243 S  SD  . MET B 1 80 ? -0.854  -3.465  10.131  1.00 46.86  ? 80  MET B SD  1 
ATOM   1244 C  CE  . MET B 1 80 ? -1.623  -3.667  11.719  1.00 35.02  ? 80  MET B CE  1 
ATOM   1245 N  N   . MET B 1 81 ? 1.183   -7.104  6.865   1.00 50.07  ? 81  MET B N   1 
ATOM   1246 C  CA  . MET B 1 81 ? 1.246   -7.041  5.406   1.00 56.67  ? 81  MET B CA  1 
ATOM   1247 C  C   . MET B 1 81 ? 0.708   -8.353  4.856   1.00 58.37  ? 81  MET B C   1 
ATOM   1248 O  O   . MET B 1 81 ? -0.188  -8.366  4.014   1.00 59.60  ? 81  MET B O   1 
ATOM   1249 C  CB  . MET B 1 81 ? 2.688   -6.842  4.923   1.00 50.27  ? 81  MET B CB  1 
ATOM   1250 C  CG  . MET B 1 81 ? 3.285   -5.488  5.261   1.00 51.42  ? 81  MET B CG  1 
ATOM   1251 S  SD  . MET B 1 81 ? 2.272   -4.121  4.664   1.00 49.70  ? 81  MET B SD  1 
ATOM   1252 C  CE  . MET B 1 81 ? 1.281   -3.781  6.122   1.00 53.33  ? 81  MET B CE  1 
ATOM   1253 N  N   . VAL B 1 82 ? 1.266   -9.451  5.359   1.00 62.51  ? 82  VAL B N   1 
ATOM   1254 C  CA  . VAL B 1 82 ? 0.889   -10.807 4.968   1.00 67.51  ? 82  VAL B CA  1 
ATOM   1255 C  C   . VAL B 1 82 ? -0.615  -11.082 5.029   1.00 68.33  ? 82  VAL B C   1 
ATOM   1256 O  O   . VAL B 1 82 ? -1.208  -11.534 4.051   1.00 63.60  ? 82  VAL B O   1 
ATOM   1257 C  CB  . VAL B 1 82 ? 1.619   -11.845 5.857   1.00 68.72  ? 82  VAL B CB  1 
ATOM   1258 C  CG1 . VAL B 1 82 ? 0.968   -13.204 5.734   1.00 74.03  ? 82  VAL B CG1 1 
ATOM   1259 C  CG2 . VAL B 1 82 ? 3.076   -11.932 5.453   1.00 69.71  ? 82  VAL B CG2 1 
ATOM   1260 N  N   . ARG B 1 83 ? -1.224  -10.812 6.182   1.00 73.89  ? 83  ARG B N   1 
ATOM   1261 C  CA  . ARG B 1 83 ? -2.656  -11.048 6.376   1.00 78.90  ? 83  ARG B CA  1 
ATOM   1262 C  C   . ARG B 1 83 ? -3.515  -10.489 5.264   1.00 82.44  ? 83  ARG B C   1 
ATOM   1263 O  O   . ARG B 1 83 ? -3.946  -11.207 4.364   1.00 85.88  ? 83  ARG B O   1 
ATOM   1264 C  CB  . ARG B 1 83 ? -3.150  -10.422 7.674   1.00 79.64  ? 83  ARG B CB  1 
ATOM   1265 C  CG  . ARG B 1 83 ? -2.412  -10.838 8.918   1.00 81.97  ? 83  ARG B CG  1 
ATOM   1266 C  CD  . ARG B 1 83 ? -3.197  -10.402 10.139  1.00 82.84  ? 83  ARG B CD  1 
ATOM   1267 N  NE  . ARG B 1 83 ? -4.248  -11.357 10.457  1.00 85.47  ? 83  ARG B NE  1 
ATOM   1268 C  CZ  . ARG B 1 83 ? -4.048  -12.470 11.158  1.00 86.60  ? 83  ARG B CZ  1 
ATOM   1269 N  NH1 . ARG B 1 83 ? -2.836  -12.756 11.615  1.00 88.33  ? 83  ARG B NH1 1 
ATOM   1270 N  NH2 . ARG B 1 83 ? -5.056  -13.294 11.396  1.00 86.91  ? 83  ARG B NH2 1 
ATOM   1271 N  N   . SER B 1 84 ? -3.779  -9.191  5.366   1.00 84.97  ? 84  SER B N   1 
ATOM   1272 C  CA  . SER B 1 84 ? -4.607  -8.484  4.400   1.00 90.56  ? 84  SER B CA  1 
ATOM   1273 C  C   . SER B 1 84 ? -4.362  -8.962  2.969   1.00 93.61  ? 84  SER B C   1 
ATOM   1274 O  O   . SER B 1 84 ? -3.335  -8.570  2.373   1.00 95.77  ? 84  SER B O   1 
ATOM   1275 C  CB  . SER B 1 84 ? -4.355  -6.981  4.507   1.00 88.00  ? 84  SER B CB  1 
ATOM   1276 O  OG  . SER B 1 84 ? -5.437  -6.253  3.955   1.00 88.34  ? 84  SER B OG  1 
HETATM 1277 CA CA  . CA  C 2 .  ? -3.114  3.775   -19.878 1.00 27.76  ? 102 CA  A CA  1 
HETATM 1278 C  C1  . TFP D 3 .  ? 2.353   0.438   -5.720  1.00 72.07  ? 202 TFP A C1  1 
HETATM 1279 C  C2  . TFP D 3 .  ? 2.317   1.748   -5.247  1.00 66.75  ? 202 TFP A C2  1 
HETATM 1280 C  C3  . TFP D 3 .  ? 3.211   2.166   -4.281  1.00 64.31  ? 202 TFP A C3  1 
HETATM 1281 C  C4  . TFP D 3 .  ? 4.150   1.241   -3.743  1.00 57.81  ? 202 TFP A C4  1 
HETATM 1282 C  C5  . TFP D 3 .  ? 4.200   -0.106  -4.230  1.00 60.23  ? 202 TFP A C5  1 
HETATM 1283 C  C6  . TFP D 3 .  ? 3.258   -0.496  -5.227  1.00 62.82  ? 202 TFP A C6  1 
HETATM 1284 S  S   . TFP D 3 .  ? 5.205   1.779   -2.556  1.00 48.28  ? 202 TFP A S   1 
HETATM 1285 C  C7  . TFP D 3 .  ? 5.633   0.326   -1.686  1.00 54.77  ? 202 TFP A C7  1 
HETATM 1286 C  C8  . TFP D 3 .  ? 6.039   0.441   -0.324  1.00 53.70  ? 202 TFP A C8  1 
HETATM 1287 C  C9  . TFP D 3 .  ? 6.393   -0.706  0.395   1.00 52.70  ? 202 TFP A C9  1 
HETATM 1288 C  C10 . TFP D 3 .  ? 6.359   -1.971  -0.205  1.00 49.72  ? 202 TFP A C10 1 
HETATM 1289 C  C11 . TFP D 3 .  ? 5.963   -2.122  -1.538  1.00 54.23  ? 202 TFP A C11 1 
HETATM 1290 C  C12 . TFP D 3 .  ? 5.587   -0.972  -2.314  1.00 55.91  ? 202 TFP A C12 1 
HETATM 1291 N  N1  . TFP D 3 .  ? 5.150   -1.043  -3.691  1.00 62.58  ? 202 TFP A N1  1 
HETATM 1292 C  C13 . TFP D 3 .  ? 5.648   -2.146  -4.527  1.00 70.73  ? 202 TFP A C13 1 
HETATM 1293 C  C14 . TFP D 3 .  ? 6.946   -1.669  -5.122  1.00 75.76  ? 202 TFP A C14 1 
HETATM 1294 C  C15 . TFP D 3 .  ? 7.670   -2.840  -5.743  1.00 85.42  ? 202 TFP A C15 1 
HETATM 1295 N  N2  . TFP D 3 .  ? 8.966   -2.507  -6.352  1.00 90.51  ? 202 TFP A N2  1 
HETATM 1296 C  C16 . TFP D 3 .  ? 9.470   -3.798  -6.849  1.00 93.50  ? 202 TFP A C16 1 
HETATM 1297 C  C17 . TFP D 3 .  ? 10.747  -3.634  -7.672  1.00 97.60  ? 202 TFP A C17 1 
HETATM 1298 N  N3  . TFP D 3 .  ? 10.586  -2.650  -8.766  1.00 98.38  ? 202 TFP A N3  1 
HETATM 1299 C  C18 . TFP D 3 .  ? 10.011  -1.356  -8.313  1.00 96.71  ? 202 TFP A C18 1 
HETATM 1300 C  C19 . TFP D 3 .  ? 8.748   -1.548  -7.466  1.00 92.85  ? 202 TFP A C19 1 
HETATM 1301 C  C20 . TFP D 3 .  ? 11.907  -2.392  -9.332  1.00 98.84  ? 202 TFP A C20 1 
HETATM 1302 C  C21 . TFP D 3 .  ? 1.371   -0.031  -6.780  1.00 80.59  ? 202 TFP A C21 1 
HETATM 1303 F  F1  . TFP D 3 .  ? 0.448   -0.767  -6.338  1.00 87.14  ? 202 TFP A F1  1 
HETATM 1304 F  F2  . TFP D 3 .  ? 1.815   -0.735  -7.746  1.00 85.30  ? 202 TFP A F2  1 
HETATM 1305 F  F3  . TFP D 3 .  ? 0.725   0.850   -7.432  1.00 84.54  ? 202 TFP A F3  1 
HETATM 1306 C  C1  . TFP E 3 .  ? -0.321  0.527   -2.253  1.00 86.89  ? 204 TFP A C1  1 
HETATM 1307 C  C2  . TFP E 3 .  ? 0.782   0.946   -1.523  1.00 87.86  ? 204 TFP A C2  1 
HETATM 1308 C  C3  . TFP E 3 .  ? 1.691   0.039   -1.032  1.00 89.17  ? 204 TFP A C3  1 
HETATM 1309 C  C4  . TFP E 3 .  ? 1.500   -1.339  -1.268  1.00 91.44  ? 204 TFP A C4  1 
HETATM 1310 C  C5  . TFP E 3 .  ? 0.366   -1.808  -2.031  1.00 92.27  ? 204 TFP A C5  1 
HETATM 1311 C  C6  . TFP E 3 .  ? -0.553  -0.829  -2.523  1.00 89.88  ? 204 TFP A C6  1 
HETATM 1312 S  S   . TFP E 3 .  ? 2.623   -2.405  -0.630  1.00 94.34  ? 204 TFP A S   1 
HETATM 1313 C  C7  . TFP E 3 .  ? 2.550   -3.770  -1.703  1.00 96.77  ? 204 TFP A C7  1 
HETATM 1314 C  C8  . TFP E 3 .  ? 3.708   -4.580  -1.848  1.00 99.11  ? 204 TFP A C8  1 
HETATM 1315 C  C9  . TFP E 3 .  ? 3.684   -5.683  -2.698  1.00 102.68 ? 204 TFP A C9  1 
HETATM 1316 C  C10 . TFP E 3 .  ? 2.531   -6.008  -3.414  1.00 102.60 ? 204 TFP A C10 1 
HETATM 1317 C  C11 . TFP E 3 .  ? 1.373   -5.236  -3.298  1.00 100.47 ? 204 TFP A C11 1 
HETATM 1318 C  C12 . TFP E 3 .  ? 1.351   -4.092  -2.441  1.00 95.86  ? 204 TFP A C12 1 
HETATM 1319 N  N1  . TFP E 3 .  ? 0.202   -3.239  -2.243  1.00 93.81  ? 204 TFP A N1  1 
HETATM 1320 C  C13 . TFP E 3 .  ? -1.066  -3.900  -1.934  1.00 93.67  ? 204 TFP A C13 1 
HETATM 1321 C  C14 . TFP E 3 .  ? -2.033  -4.200  -3.057  1.00 94.26  ? 204 TFP A C14 1 
HETATM 1322 C  C15 . TFP E 3 .  ? -2.141  -5.687  -3.187  1.00 96.09  ? 204 TFP A C15 1 
HETATM 1323 N  N2  . TFP E 3 .  ? -3.155  -6.172  -4.143  1.00 97.53  ? 204 TFP A N2  1 
HETATM 1324 C  C16 . TFP E 3 .  ? -2.882  -7.648  -4.234  1.00 97.23  ? 204 TFP A C16 1 
HETATM 1325 C  C17 . TFP E 3 .  ? -3.871  -8.666  -3.694  1.00 97.34  ? 204 TFP A C17 1 
HETATM 1326 N  N3  . TFP E 3 .  ? -4.428  -8.155  -2.471  1.00 96.84  ? 204 TFP A N3  1 
HETATM 1327 C  C18 . TFP E 3 .  ? -5.222  -6.939  -2.716  1.00 96.85  ? 204 TFP A C18 1 
HETATM 1328 C  C19 . TFP E 3 .  ? -4.531  -5.856  -3.568  1.00 97.43  ? 204 TFP A C19 1 
HETATM 1329 C  C20 . TFP E 3 .  ? -5.335  -9.141  -1.891  1.00 93.24  ? 204 TFP A C20 1 
HETATM 1330 C  C21 . TFP E 3 .  ? -1.334  1.544   -2.772  1.00 87.79  ? 204 TFP A C21 1 
HETATM 1331 F  F1  . TFP E 3 .  ? -1.065  2.748   -2.502  1.00 87.34  ? 204 TFP A F1  1 
HETATM 1332 F  F2  . TFP E 3 .  ? -2.525  1.447   -2.341  1.00 82.90  ? 204 TFP A F2  1 
HETATM 1333 F  F3  . TFP E 3 .  ? -1.571  1.599   -4.014  1.00 86.99  ? 204 TFP A F3  1 
HETATM 1334 CA CA  . CA  F 2 .  ? 3.494   -5.270  19.533  1.00 35.72  ? 101 CA  B CA  1 
HETATM 1335 C  C1  . TFP G 3 .  ? 0.591   -0.582  2.562   1.00 90.23  ? 203 TFP B C1  1 
HETATM 1336 C  C2  . TFP G 3 .  ? -0.212  0.444   2.057   1.00 91.32  ? 203 TFP B C2  1 
HETATM 1337 C  C3  . TFP G 3 .  ? -1.331  0.151   1.302   1.00 90.23  ? 203 TFP B C3  1 
HETATM 1338 C  C4  . TFP G 3 .  ? -1.651  -1.202  1.026   1.00 88.12  ? 203 TFP B C4  1 
HETATM 1339 C  C5  . TFP G 3 .  ? -0.825  -2.267  1.551   1.00 89.42  ? 203 TFP B C5  1 
HETATM 1340 C  C6  . TFP G 3 .  ? 0.313   -1.908  2.323   1.00 89.04  ? 203 TFP B C6  1 
HETATM 1341 S  S   . TFP G 3 .  ? -2.999  -1.503  0.084   1.00 87.12  ? 203 TFP B S   1 
HETATM 1342 C  C7  . TFP G 3 .  ? -3.445  -3.144  0.502   1.00 90.31  ? 203 TFP B C7  1 
HETATM 1343 C  C8  . TFP G 3 .  ? -4.792  -3.534  0.267   1.00 91.29  ? 203 TFP B C8  1 
HETATM 1344 C  C9  . TFP G 3 .  ? -5.215  -4.824  0.576   1.00 93.84  ? 203 TFP B C9  1 
HETATM 1345 C  C10 . TFP G 3 .  ? -4.335  -5.758  1.117   1.00 92.74  ? 203 TFP B C10 1 
HETATM 1346 C  C11 . TFP G 3 .  ? -3.003  -5.432  1.368   1.00 92.43  ? 203 TFP B C11 1 
HETATM 1347 C  C12 . TFP G 3 .  ? -2.497  -4.111  1.071   1.00 90.31  ? 203 TFP B C12 1 
HETATM 1348 N  N1  . TFP G 3 .  ? -1.101  -3.654  1.283   1.00 89.29  ? 203 TFP B N1  1 
HETATM 1349 C  C13 . TFP G 3 .  ? 0.150   -4.523  1.097   1.00 91.42  ? 203 TFP B C13 1 
HETATM 1350 C  C14 . TFP G 3 .  ? -0.048  -6.018  1.220   1.00 95.20  ? 203 TFP B C14 1 
HETATM 1351 C  C15 . TFP G 3 .  ? 0.353   -6.720  -0.078  1.00 98.14  ? 203 TFP B C15 1 
HETATM 1352 N  N2  . TFP G 3 .  ? 0.204   -8.185  -0.029  1.00 100.77 ? 203 TFP B N2  1 
HETATM 1353 C  C16 . TFP G 3 .  ? 0.597   -8.727  -1.364  1.00 100.99 ? 203 TFP B C16 1 
HETATM 1354 C  C17 . TFP G 3 .  ? 0.631   -10.249 -1.332  1.00 100.98 ? 203 TFP B C17 1 
HETATM 1355 N  N3  . TFP G 3 .  ? 1.598   -10.692 -0.310  1.00 101.85 ? 203 TFP B N3  1 
HETATM 1356 C  C18 . TFP G 3 .  ? 1.209   -10.222 1.055   1.00 101.15 ? 203 TFP B C18 1 
HETATM 1357 C  C19 . TFP G 3 .  ? 1.089   -8.688  1.068   1.00 100.98 ? 203 TFP B C19 1 
HETATM 1358 C  C20 . TFP G 3 .  ? 1.668   -12.167 -0.354  1.00 99.76  ? 203 TFP B C20 1 
HETATM 1359 C  C21 . TFP G 3 .  ? 1.833   -0.295  3.376   1.00 90.95  ? 203 TFP B C21 1 
HETATM 1360 F  F1  . TFP G 3 .  ? 2.213   0.897   3.332   1.00 94.24  ? 203 TFP B F1  1 
HETATM 1361 F  F2  . TFP G 3 .  ? 2.904   -0.912  3.059   1.00 89.83  ? 203 TFP B F2  1 
HETATM 1362 F  F3  . TFP G 3 .  ? 1.812   -0.542  4.618   1.00 93.71  ? 203 TFP B F3  1 
HETATM 1363 C  C1  . TFP H 3 .  ? -3.015  -1.849  5.224   1.00 57.75  ? 201 TFP B C1  1 
HETATM 1364 C  C2  . TFP H 3 .  ? -2.401  -0.593  5.356   1.00 48.80  ? 201 TFP B C2  1 
HETATM 1365 C  C3  . TFP H 3 .  ? -2.950  0.509   4.716   1.00 49.47  ? 201 TFP B C3  1 
HETATM 1366 C  C4  . TFP H 3 .  ? -4.138  0.350   3.930   1.00 43.15  ? 201 TFP B C4  1 
HETATM 1367 C  C5  . TFP H 3 .  ? -4.754  -0.932  3.799   1.00 43.70  ? 201 TFP B C5  1 
HETATM 1368 C  C6  . TFP H 3 .  ? -4.164  -2.030  4.467   1.00 49.60  ? 201 TFP B C6  1 
HETATM 1369 S  S   . TFP H 3 .  ? -4.785  1.687   3.163   1.00 37.45  ? 201 TFP B S   1 
HETATM 1370 C  C7  . TFP H 3 .  ? -5.632  1.017   1.793   1.00 44.33  ? 201 TFP B C7  1 
HETATM 1371 C  C8  . TFP H 3 .  ? -5.804  1.817   0.632   1.00 45.36  ? 201 TFP B C8  1 
HETATM 1372 C  C9  . TFP H 3 .  ? -6.481  1.294   -0.477  1.00 46.59  ? 201 TFP B C9  1 
HETATM 1373 C  C10 . TFP H 3 .  ? -6.991  -0.007  -0.467  1.00 47.30  ? 201 TFP B C10 1 
HETATM 1374 C  C11 . TFP H 3 .  ? -6.841  -0.822  0.648   1.00 46.26  ? 201 TFP B C11 1 
HETATM 1375 C  C12 . TFP H 3 .  ? -6.151  -0.324  1.811   1.00 46.14  ? 201 TFP B C12 1 
HETATM 1376 N  N1  . TFP H 3 .  ? -5.940  -1.107  3.007   1.00 49.98  ? 201 TFP B N1  1 
HETATM 1377 C  C13 . TFP H 3 .  ? -6.879  -2.200  3.340   1.00 55.55  ? 201 TFP B C13 1 
HETATM 1378 C  C14 . TFP H 3 .  ? -8.148  -1.620  3.866   1.00 67.75  ? 201 TFP B C14 1 
HETATM 1379 C  C15 . TFP H 3 .  ? -9.090  -2.770  4.092   1.00 71.53  ? 201 TFP B C15 1 
HETATM 1380 N  N2  . TFP H 3 .  ? -10.436 -2.403  4.540   1.00 76.96  ? 201 TFP B N2  1 
HETATM 1381 C  C16 . TFP H 3 .  ? -11.127 -3.699  4.657   1.00 78.98  ? 201 TFP B C16 1 
HETATM 1382 C  C17 . TFP H 3 .  ? -12.565 -3.535  5.133   1.00 81.66  ? 201 TFP B C17 1 
HETATM 1383 N  N3  . TFP H 3 .  ? -12.656 -2.769  6.397   1.00 83.11  ? 201 TFP B N3  1 
HETATM 1384 C  C18 . TFP H 3 .  ? -11.847 -1.517  6.396   1.00 83.10  ? 201 TFP B C18 1 
HETATM 1385 C  C19 . TFP H 3 .  ? -10.410 -1.690  5.844   1.00 79.52  ? 201 TFP B C19 1 
HETATM 1386 C  C20 . TFP H 3 .  ? -14.043 -2.376  6.599   1.00 82.64  ? 201 TFP B C20 1 
HETATM 1387 C  C21 . TFP H 3 .  ? -2.462  -3.088  5.907   1.00 64.87  ? 201 TFP B C21 1 
HETATM 1388 F  F1  . TFP H 3 .  ? -1.633  -3.718  5.220   1.00 75.69  ? 201 TFP B F1  1 
HETATM 1389 F  F2  . TFP H 3 .  ? -3.281  -4.016  6.229   1.00 69.02  ? 201 TFP B F2  1 
HETATM 1390 F  F3  . TFP H 3 .  ? -1.866  -2.952  7.017   1.00 69.94  ? 201 TFP B F3  1 
HETATM 1391 O  O   . HOH I 4 .  ? -10.507 9.372   -2.188  1.00 47.31  ? 205 HOH A O   1 
HETATM 1392 O  O   . HOH I 4 .  ? -0.013  15.144  -9.238  1.00 30.76  ? 206 HOH A O   1 
HETATM 1393 O  O   . HOH I 4 .  ? 2.463   6.644   -24.856 1.00 43.24  ? 207 HOH A O   1 
HETATM 1394 O  O   . HOH I 4 .  ? 4.948   6.584   -18.602 1.00 48.49  ? 208 HOH A O   1 
HETATM 1395 O  O   . HOH I 4 .  ? -9.945  6.162   -14.580 1.00 37.68  ? 209 HOH A O   1 
HETATM 1396 O  O   . HOH I 4 .  ? 5.257   12.405  -1.994  1.00 36.74  ? 210 HOH A O   1 
HETATM 1397 O  O   . HOH I 4 .  ? 3.696   2.964   -21.254 1.00 42.41  ? 211 HOH A O   1 
HETATM 1398 O  O   . HOH I 4 .  ? -1.701  12.329  -15.217 1.00 38.90  ? 212 HOH A O   1 
HETATM 1399 O  O   . HOH I 4 .  ? -3.872  -10.882 -6.208  1.00 56.34  ? 213 HOH A O   1 
HETATM 1400 O  O   . HOH I 4 .  ? -9.837  10.397  -12.334 1.00 46.53  ? 214 HOH A O   1 
HETATM 1401 O  O   . HOH I 4 .  ? -3.936  -3.415  -17.289 1.00 45.63  ? 215 HOH A O   1 
HETATM 1402 O  O   . HOH I 4 .  ? -0.245  11.051  -6.380  1.00 39.43  ? 216 HOH A O   1 
HETATM 1403 O  O   . HOH I 4 .  ? -9.641  12.615  -7.816  1.00 40.32  ? 217 HOH A O   1 
HETATM 1404 O  O   . HOH I 4 .  ? -9.168  -3.828  -14.680 1.00 37.62  ? 218 HOH A O   1 
HETATM 1405 O  O   . HOH I 4 .  ? -8.874  14.390  -10.577 1.00 66.47  ? 219 HOH A O   1 
HETATM 1406 O  O   . HOH I 4 .  ? -4.455  10.042  -20.245 1.00 57.72  ? 220 HOH A O   1 
HETATM 1407 O  O   . HOH I 4 .  ? 3.256   -2.394  -12.399 1.00 45.27  ? 221 HOH A O   1 
HETATM 1408 O  O   . HOH I 4 .  ? 5.403   4.199   -19.323 1.00 40.89  ? 222 HOH A O   1 
HETATM 1409 O  O   . HOH I 4 .  ? -5.103  4.632   -19.617 1.00 30.94  ? 223 HOH A O   1 
HETATM 1410 O  O   . HOH I 4 .  ? 3.781   9.347   -16.978 1.00 37.43  ? 224 HOH A O   1 
HETATM 1411 O  O   . HOH I 4 .  ? -5.103  7.463   -18.935 1.00 45.09  ? 225 HOH A O   1 
HETATM 1412 O  O   . HOH I 4 .  ? -15.169 0.542   -7.693  1.00 67.70  ? 226 HOH A O   1 
HETATM 1413 O  O   . HOH I 4 .  ? -10.409 10.336  -9.801  1.00 44.50  ? 227 HOH A O   1 
HETATM 1414 O  O   . HOH I 4 .  ? 3.452   13.897  -15.280 1.00 59.44  ? 228 HOH A O   1 
HETATM 1415 O  O   . HOH I 4 .  ? 12.613  6.959   2.811   1.00 51.60  ? 229 HOH A O   1 
HETATM 1416 O  O   . HOH I 4 .  ? 10.531  8.633   0.537   1.00 47.19  ? 230 HOH A O   1 
HETATM 1417 O  O   . HOH I 4 .  ? -0.087  15.049  -13.804 1.00 49.04  ? 231 HOH A O   1 
HETATM 1418 O  O   . HOH I 4 .  ? -13.712 7.569   -4.026  1.00 49.49  ? 232 HOH A O   1 
HETATM 1419 O  O   . HOH I 4 .  ? -0.113  -4.657  -21.263 1.00 64.24  ? 233 HOH A O   1 
HETATM 1420 O  O   . HOH I 4 .  ? 6.990   8.487   -19.269 1.00 58.67  ? 234 HOH A O   1 
HETATM 1421 O  O   . HOH I 4 .  ? -7.960  -5.714  -0.699  1.00 51.35  ? 235 HOH A O   1 
HETATM 1422 O  O   . HOH I 4 .  ? -1.231  15.174  -5.269  1.00 49.78  ? 236 HOH A O   1 
HETATM 1423 O  O   . HOH I 4 .  ? -0.071  12.635  -4.033  1.00 51.91  ? 237 HOH A O   1 
HETATM 1424 O  O   . HOH I 4 .  ? -7.583  8.770   -17.996 1.00 60.41  ? 238 HOH A O   1 
HETATM 1425 O  O   . HOH I 4 .  ? -8.076  8.135   -15.168 1.00 50.96  ? 239 HOH A O   1 
HETATM 1426 O  O   . HOH I 4 .  ? -5.987  9.258   -22.203 1.00 66.03  ? 240 HOH A O   1 
HETATM 1427 O  O   . HOH I 4 .  ? 4.392   5.188   -22.957 1.00 45.58  ? 241 HOH A O   1 
HETATM 1428 O  O   . HOH I 4 .  ? 2.396   -2.818  -10.078 1.00 68.91  ? 242 HOH A O   1 
HETATM 1429 O  O   . HOH I 4 .  ? -6.347  0.851   -20.815 1.00 50.27  ? 243 HOH A O   1 
HETATM 1430 O  O   . HOH I 4 .  ? -9.024  -3.044  -1.479  1.00 58.38  ? 244 HOH A O   1 
HETATM 1431 O  O   . HOH I 4 .  ? 0.057   -6.325  -17.031 1.00 63.50  ? 245 HOH A O   1 
HETATM 1432 O  O   . HOH I 4 .  ? 11.598  1.662   -5.471  1.00 56.24  ? 246 HOH A O   1 
HETATM 1433 O  O   . HOH I 4 .  ? -1.961  -5.463  -18.180 1.00 50.24  ? 247 HOH A O   1 
HETATM 1434 O  O   . HOH I 4 .  ? 16.997  4.333   -3.383  1.00 53.50  ? 248 HOH A O   1 
HETATM 1435 O  O   . HOH I 4 .  ? 13.261  2.502   -3.203  1.00 62.28  ? 249 HOH A O   1 
HETATM 1436 O  O   . HOH I 4 .  ? 14.109  0.846   -0.488  1.00 65.44  ? 250 HOH A O   1 
HETATM 1437 O  O   . HOH I 4 .  ? 1.206   17.005  -4.388  1.00 56.40  ? 251 HOH A O   1 
HETATM 1438 O  O   . HOH I 4 .  ? 1.254   9.671   -24.905 1.00 54.10  ? 252 HOH A O   1 
HETATM 1439 O  O   . HOH I 4 .  ? -12.474 -9.337  3.250   1.00 66.44  ? 253 HOH A O   1 
HETATM 1440 O  O   . HOH I 4 .  ? -11.968 -11.238 0.968   1.00 74.75  ? 254 HOH A O   1 
HETATM 1441 O  O   . HOH I 4 .  ? 6.736   -2.053  -23.211 1.00 46.10  ? 255 HOH A O   1 
HETATM 1442 O  O   . HOH I 4 .  ? 5.554   7.781   -21.911 1.00 65.10  ? 256 HOH A O   1 
HETATM 1443 O  O   . HOH I 4 .  ? -10.609 1.276   -19.368 1.00 55.19  ? 257 HOH A O   1 
HETATM 1444 O  O   . HOH I 4 .  ? -13.395 -6.663  -12.450 1.00 56.41  ? 258 HOH A O   1 
HETATM 1445 O  O   . HOH J 4 .  ? 0.542   -6.133  27.621  1.00 28.22  ? 204 HOH B O   1 
HETATM 1446 O  O   . HOH J 4 .  ? -2.600  1.894   19.193  1.00 37.00  ? 205 HOH B O   1 
HETATM 1447 O  O   . HOH J 4 .  ? 10.360  -2.335  14.973  1.00 43.98  ? 206 HOH B O   1 
HETATM 1448 O  O   . HOH J 4 .  ? -10.327 6.597   13.082  1.00 40.99  ? 207 HOH B O   1 
HETATM 1449 O  O   . HOH J 4 .  ? 2.396   -10.874 14.797  1.00 41.09  ? 208 HOH B O   1 
HETATM 1450 O  O   . HOH J 4 .  ? -9.837  12.215  6.110   1.00 45.06  ? 209 HOH B O   1 
HETATM 1451 O  O   . HOH J 4 .  ? 4.898   -5.418  25.325  1.00 40.94  ? 210 HOH B O   1 
HETATM 1452 O  O   . HOH J 4 .  ? -2.258  11.543  0.332   1.00 37.54  ? 211 HOH B O   1 
HETATM 1453 O  O   . HOH J 4 .  ? -12.736 3.734   4.607   1.00 49.49  ? 212 HOH B O   1 
HETATM 1454 O  O   . HOH J 4 .  ? 4.172   9.048   11.893  1.00 55.78  ? 213 HOH B O   1 
HETATM 1455 O  O   . HOH J 4 .  ? -2.713  11.422  7.162   1.00 45.26  ? 214 HOH B O   1 
HETATM 1456 O  O   . HOH J 4 .  ? -16.215 0.587   13.601  1.00 41.91  ? 215 HOH B O   1 
HETATM 1457 O  O   . HOH J 4 .  ? -8.637  9.900   3.495   1.00 41.23  ? 216 HOH B O   1 
HETATM 1458 O  O   . HOH J 4 .  ? -1.671  -9.954  22.818  1.00 62.30  ? 217 HOH B O   1 
HETATM 1459 O  O   . HOH J 4 .  ? 5.901   -9.649  18.345  1.00 57.30  ? 218 HOH B O   1 
HETATM 1460 O  O   . HOH J 4 .  ? 13.639  -9.275  15.447  1.00 65.06  ? 219 HOH B O   1 
HETATM 1461 O  O   . HOH J 4 .  ? 2.309   7.183   18.705  1.00 42.80  ? 220 HOH B O   1 
HETATM 1462 O  O   . HOH J 4 .  ? 12.901  -9.503  10.136  1.00 56.77  ? 221 HOH B O   1 
HETATM 1463 O  O   . HOH J 4 .  ? 13.403  -15.780 0.846   1.00 62.15  ? 222 HOH B O   1 
HETATM 1464 O  O   . HOH J 4 .  ? 12.058  5.534   5.346   1.00 46.28  ? 223 HOH B O   1 
HETATM 1465 O  O   . HOH J 4 .  ? 4.770   -3.048  26.366  1.00 44.33  ? 224 HOH B O   1 
HETATM 1466 O  O   . HOH J 4 .  ? -8.200  3.194   17.564  1.00 47.97  ? 225 HOH B O   1 
HETATM 1467 O  O   . HOH J 4 .  ? -14.800 2.445   7.332   1.00 61.62  ? 226 HOH B O   1 
HETATM 1468 O  O   . HOH J 4 .  ? -2.215  -11.155 18.354  1.00 57.78  ? 227 HOH B O   1 
HETATM 1469 O  O   . HOH J 4 .  ? 5.604   -4.933  19.507  1.00 51.20  ? 228 HOH B O   1 
HETATM 1470 O  O   . HOH J 4 .  ? 4.289   -13.023 23.169  1.00 59.86  ? 229 HOH B O   1 
HETATM 1471 O  O   . HOH J 4 .  ? -12.607 7.145   2.635   1.00 54.15  ? 230 HOH B O   1 
HETATM 1472 O  O   . HOH J 4 .  ? 4.044   4.322   19.237  1.00 56.51  ? 231 HOH B O   1 
HETATM 1473 O  O   . HOH J 4 .  ? -3.926  9.836   13.606  1.00 48.49  ? 232 HOH B O   1 
HETATM 1474 O  O   . HOH J 4 .  ? -7.992  7.463   14.084  1.00 47.49  ? 233 HOH B O   1 
HETATM 1475 O  O   . HOH J 4 .  ? -5.445  7.763   13.670  1.00 52.52  ? 234 HOH B O   1 
HETATM 1476 O  O   . HOH J 4 .  ? 12.133  3.300   11.722  1.00 61.06  ? 235 HOH B O   1 
HETATM 1477 O  O   . HOH J 4 .  ? -10.453 10.811  1.468   1.00 61.74  ? 236 HOH B O   1 
HETATM 1478 O  O   . HOH J 4 .  ? 7.884   -8.313  18.511  1.00 57.83  ? 237 HOH B O   1 
HETATM 1479 O  O   . HOH J 4 .  ? 11.124  -5.294  14.810  1.00 57.56  ? 238 HOH B O   1 
HETATM 1480 O  O   . HOH J 4 .  ? -12.470 3.963   2.159   1.00 55.07  ? 239 HOH B O   1 
HETATM 1481 O  O   . HOH J 4 .  ? -15.625 3.474   5.286   1.00 63.95  ? 240 HOH B O   1 
HETATM 1482 O  O   . HOH J 4 .  ? -14.085 2.876   0.712   1.00 55.10  ? 241 HOH B O   1 
HETATM 1483 O  O   . HOH J 4 .  ? -8.704  -8.151  16.042  1.00 69.88  ? 242 HOH B O   1 
HETATM 1484 O  O   . HOH J 4 .  ? -7.209  -15.116 6.269   1.00 62.71  ? 243 HOH B O   1 
HETATM 1485 O  O   . HOH J 4 .  ? -7.277  6.206   16.689  1.00 68.40  ? 244 HOH B O   1 
HETATM 1486 O  O   . HOH J 4 .  ? -11.652 -3.147  8.399   1.00 69.25  ? 245 HOH B O   1 
HETATM 1487 O  O   . HOH J 4 .  ? 15.106  -7.284  -7.240  1.00 53.74  ? 246 HOH B O   1 
HETATM 1488 O  O   . HOH J 4 .  ? -14.436 6.613   4.172   1.00 54.69  ? 247 HOH B O   1 
HETATM 1489 O  O   . HOH J 4 .  ? -9.166  -5.972  11.007  1.00 59.20  ? 248 HOH B O   1 
HETATM 1490 O  O   . HOH J 4 .  ? -7.542  -12.527 12.524  1.00 57.12  ? 249 HOH B O   1 
# 
loop_
_pdbx_poly_seq_scheme.asym_id 
_pdbx_poly_seq_scheme.entity_id 
_pdbx_poly_seq_scheme.seq_id 
_pdbx_poly_seq_scheme.mon_id 
_pdbx_poly_seq_scheme.ndb_seq_num 
_pdbx_poly_seq_scheme.pdb_seq_num 
_pdbx_poly_seq_scheme.auth_seq_num 
_pdbx_poly_seq_scheme.pdb_mon_id 
_pdbx_poly_seq_scheme.auth_mon_id 
_pdbx_poly_seq_scheme.pdb_strand_id 
_pdbx_poly_seq_scheme.pdb_ins_code 
_pdbx_poly_seq_scheme.hetero 
A 1 1  MET 1  1  ?  ?   ?   A . n 
A 1 2  ASP 2  2  ?  ?   ?   A . n 
A 1 3  ASP 3  3  ?  ?   ?   A . n 
A 1 4  ILE 4  4  4  ILE ILE A . n 
A 1 5  TYR 5  5  5  TYR TYR A . n 
A 1 6  LYS 6  6  6  LYS LYS A . n 
A 1 7  ALA 7  7  7  ALA ALA A . n 
A 1 8  ALA 8  8  8  ALA ALA A . n 
A 1 9  VAL 9  9  9  VAL VAL A . n 
A 1 10 GLU 10 10 10 GLU GLU A . n 
A 1 11 GLN 11 11 11 GLN GLN A . n 
A 1 12 LEU 12 12 12 LEU LEU A . n 
A 1 13 THR 13 13 13 THR THR A . n 
A 1 14 GLU 14 14 14 GLU GLU A . n 
A 1 15 GLU 15 15 15 GLU GLU A . n 
A 1 16 GLN 16 16 16 GLN GLN A . n 
A 1 17 LYS 17 17 17 LYS LYS A . n 
A 1 18 ASN 18 18 18 ASN ASN A . n 
A 1 19 GLU 19 19 19 GLU GLU A . n 
A 1 20 PHE 20 20 20 PHE PHE A . n 
A 1 21 LYS 21 21 21 LYS LYS A . n 
A 1 22 ALA 22 22 22 ALA ALA A . n 
A 1 23 ALA 23 23 23 ALA ALA A . n 
A 1 24 PHE 24 24 24 PHE PHE A . n 
A 1 25 ASP 25 25 25 ASP ASP A . n 
A 1 26 ILE 26 26 26 ILE ILE A . n 
A 1 27 PHE 27 27 27 PHE PHE A . n 
A 1 28 VAL 28 28 28 VAL VAL A . n 
A 1 29 LEU 29 29 29 LEU LEU A . n 
A 1 30 GLY 30 30 30 GLY GLY A . n 
A 1 31 ALA 31 31 31 ALA ALA A . n 
A 1 32 GLU 32 32 32 GLU GLU A . n 
A 1 33 ASP 33 33 33 ASP ASP A . n 
A 1 34 GLY 34 34 34 GLY GLY A . n 
A 1 35 SER 35 35 35 SER SER A . n 
A 1 36 ILE 36 36 36 ILE ILE A . n 
A 1 37 SER 37 37 37 SER SER A . n 
A 1 38 THR 38 38 38 THR THR A . n 
A 1 39 LYS 39 39 39 LYS LYS A . n 
A 1 40 GLU 40 40 40 GLU GLU A . n 
A 1 41 LEU 41 41 41 LEU LEU A . n 
A 1 42 GLY 42 42 42 GLY GLY A . n 
A 1 43 LYS 43 43 43 LYS LYS A . n 
A 1 44 VAL 44 44 44 VAL VAL A . n 
A 1 45 MET 45 45 45 MET MET A . n 
A 1 46 ARG 46 46 46 ARG ARG A . n 
A 1 47 MET 47 47 47 MET MET A . n 
A 1 48 LEU 48 48 48 LEU LEU A . n 
A 1 49 GLY 49 49 49 GLY GLY A . n 
A 1 50 GLN 50 50 50 GLN GLN A . n 
A 1 51 ASN 51 51 51 ASN ASN A . n 
A 1 52 PRO 52 52 52 PRO PRO A . n 
A 1 53 THR 53 53 53 THR THR A . n 
A 1 54 PRO 54 54 54 PRO PRO A . n 
A 1 55 GLU 55 55 55 GLU GLU A . n 
A 1 56 GLU 56 56 56 GLU GLU A . n 
A 1 57 LEU 57 57 57 LEU LEU A . n 
A 1 58 GLN 58 58 58 GLN GLN A . n 
A 1 59 GLU 59 59 59 GLU GLU A . n 
A 1 60 MET 60 60 60 MET MET A . n 
A 1 61 ILE 61 61 61 ILE ILE A . n 
A 1 62 ASP 62 62 62 ASP ASP A . n 
A 1 63 GLU 63 63 63 GLU GLU A . n 
A 1 64 VAL 64 64 64 VAL VAL A . n 
A 1 65 ASP 65 65 65 ASP ASP A . n 
A 1 66 GLU 66 66 66 GLU GLU A . n 
A 1 67 ASP 67 67 67 ASP ASP A . n 
A 1 68 GLY 68 68 68 GLY GLY A . n 
A 1 69 SER 69 69 69 SER SER A . n 
A 1 70 GLY 70 70 70 GLY GLY A . n 
A 1 71 THR 71 71 71 THR THR A . n 
A 1 72 VAL 72 72 72 VAL VAL A . n 
A 1 73 ASP 73 73 73 ASP ASP A . n 
A 1 74 PHE 74 74 74 PHE PHE A . n 
A 1 75 ASP 75 75 75 ASP ASP A . n 
A 1 76 GLU 76 76 76 GLU GLU A . n 
A 1 77 PHE 77 77 77 PHE PHE A . n 
A 1 78 LEU 78 78 78 LEU LEU A . n 
A 1 79 VAL 79 79 79 VAL VAL A . n 
A 1 80 MET 80 80 80 MET MET A . n 
A 1 81 MET 81 81 81 MET MET A . n 
A 1 82 VAL 82 82 82 VAL VAL A . n 
A 1 83 ARG 83 83 83 ARG ARG A . n 
A 1 84 SER 84 84 84 SER SER A . n 
A 1 85 MET 85 85 85 MET MET A . n 
A 1 86 LYS 86 86 ?  ?   ?   A . n 
A 1 87 ASP 87 87 ?  ?   ?   A . n 
A 1 88 ASP 88 88 ?  ?   ?   A . n 
B 1 1  MET 1  1  ?  ?   ?   B . n 
B 1 2  ASP 2  2  ?  ?   ?   B . n 
B 1 3  ASP 3  3  ?  ?   ?   B . n 
B 1 4  ILE 4  4  4  ILE ILE B . n 
B 1 5  TYR 5  5  5  TYR TYR B . n 
B 1 6  LYS 6  6  6  LYS LYS B . n 
B 1 7  ALA 7  7  7  ALA ALA B . n 
B 1 8  ALA 8  8  8  ALA ALA B . n 
B 1 9  VAL 9  9  9  VAL VAL B . n 
B 1 10 GLU 10 10 10 GLU GLU B . n 
B 1 11 GLN 11 11 11 GLN GLN B . n 
B 1 12 LEU 12 12 12 LEU LEU B . n 
B 1 13 THR 13 13 13 THR THR B . n 
B 1 14 GLU 14 14 14 GLU GLU B . n 
B 1 15 GLU 15 15 15 GLU GLU B . n 
B 1 16 GLN 16 16 16 GLN GLN B . n 
B 1 17 LYS 17 17 17 LYS LYS B . n 
B 1 18 ASN 18 18 18 ASN ASN B . n 
B 1 19 GLU 19 19 19 GLU GLU B . n 
B 1 20 PHE 20 20 20 PHE PHE B . n 
B 1 21 LYS 21 21 21 LYS LYS B . n 
B 1 22 ALA 22 22 22 ALA ALA B . n 
B 1 23 ALA 23 23 23 ALA ALA B . n 
B 1 24 PHE 24 24 24 PHE PHE B . n 
B 1 25 ASP 25 25 25 ASP ASP B . n 
B 1 26 ILE 26 26 26 ILE ILE B . n 
B 1 27 PHE 27 27 27 PHE PHE B . n 
B 1 28 VAL 28 28 28 VAL VAL B . n 
B 1 29 LEU 29 29 29 LEU LEU B . n 
B 1 30 GLY 30 30 30 GLY GLY B . n 
B 1 31 ALA 31 31 31 ALA ALA B . n 
B 1 32 GLU 32 32 32 GLU GLU B . n 
B 1 33 ASP 33 33 33 ASP ASP B . n 
B 1 34 GLY 34 34 34 GLY GLY B . n 
B 1 35 SER 35 35 35 SER SER B . n 
B 1 36 ILE 36 36 36 ILE ILE B . n 
B 1 37 SER 37 37 37 SER SER B . n 
B 1 38 THR 38 38 38 THR THR B . n 
B 1 39 LYS 39 39 39 LYS LYS B . n 
B 1 40 GLU 40 40 40 GLU GLU B . n 
B 1 41 LEU 41 41 41 LEU LEU B . n 
B 1 42 GLY 42 42 42 GLY GLY B . n 
B 1 43 LYS 43 43 43 LYS LYS B . n 
B 1 44 VAL 44 44 44 VAL VAL B . n 
B 1 45 MET 45 45 45 MET MET B . n 
B 1 46 ARG 46 46 46 ARG ARG B . n 
B 1 47 MET 47 47 47 MET MET B . n 
B 1 48 LEU 48 48 48 LEU LEU B . n 
B 1 49 GLY 49 49 49 GLY GLY B . n 
B 1 50 GLN 50 50 50 GLN GLN B . n 
B 1 51 ASN 51 51 51 ASN ASN B . n 
B 1 52 PRO 52 52 52 PRO PRO B . n 
B 1 53 THR 53 53 53 THR THR B . n 
B 1 54 PRO 54 54 54 PRO PRO B . n 
B 1 55 GLU 55 55 55 GLU GLU B . n 
B 1 56 GLU 56 56 56 GLU GLU B . n 
B 1 57 LEU 57 57 57 LEU LEU B . n 
B 1 58 GLN 58 58 58 GLN GLN B . n 
B 1 59 GLU 59 59 59 GLU GLU B . n 
B 1 60 MET 60 60 60 MET MET B . n 
B 1 61 ILE 61 61 61 ILE ILE B . n 
B 1 62 ASP 62 62 62 ASP ASP B . n 
B 1 63 GLU 63 63 63 GLU GLU B . n 
B 1 64 VAL 64 64 64 VAL VAL B . n 
B 1 65 ASP 65 65 65 ASP ASP B . n 
B 1 66 GLU 66 66 66 GLU GLU B . n 
B 1 67 ASP 67 67 67 ASP ASP B . n 
B 1 68 GLY 68 68 68 GLY GLY B . n 
B 1 69 SER 69 69 69 SER SER B . n 
B 1 70 GLY 70 70 70 GLY GLY B . n 
B 1 71 THR 71 71 71 THR THR B . n 
B 1 72 VAL 72 72 72 VAL VAL B . n 
B 1 73 ASP 73 73 73 ASP ASP B . n 
B 1 74 PHE 74 74 74 PHE PHE B . n 
B 1 75 ASP 75 75 75 ASP ASP B . n 
B 1 76 GLU 76 76 76 GLU GLU B . n 
B 1 77 PHE 77 77 77 PHE PHE B . n 
B 1 78 LEU 78 78 78 LEU LEU B . n 
B 1 79 VAL 79 79 79 VAL VAL B . n 
B 1 80 MET 80 80 80 MET MET B . n 
B 1 81 MET 81 81 81 MET MET B . n 
B 1 82 VAL 82 82 82 VAL VAL B . n 
B 1 83 ARG 83 83 83 ARG ARG B . n 
B 1 84 SER 84 84 84 SER SER B . n 
B 1 85 MET 85 85 ?  ?   ?   B . n 
B 1 86 LYS 86 86 ?  ?   ?   B . n 
B 1 87 ASP 87 87 ?  ?   ?   B . n 
B 1 88 ASP 88 88 ?  ?   ?   B . n 
# 
loop_
_pdbx_nonpoly_scheme.asym_id 
_pdbx_nonpoly_scheme.entity_id 
_pdbx_nonpoly_scheme.mon_id 
_pdbx_nonpoly_scheme.ndb_seq_num 
_pdbx_nonpoly_scheme.pdb_seq_num 
_pdbx_nonpoly_scheme.auth_seq_num 
_pdbx_nonpoly_scheme.pdb_mon_id 
_pdbx_nonpoly_scheme.auth_mon_id 
_pdbx_nonpoly_scheme.pdb_strand_id 
_pdbx_nonpoly_scheme.pdb_ins_code 
C 2 CA  1  102 2  CA  CA  A . 
D 3 TFP 1  202 2  TFP TFP A . 
E 3 TFP 1  204 4  TFP TFP A . 
F 2 CA  1  101 1  CA  CA  B . 
G 3 TFP 1  203 3  TFP TFP B . 
H 3 TFP 1  201 1  TFP TFP B . 
I 4 HOH 1  205 1  HOH TIP A . 
I 4 HOH 2  206 3  HOH TIP A . 
I 4 HOH 3  207 4  HOH TIP A . 
I 4 HOH 4  208 5  HOH TIP A . 
I 4 HOH 5  209 6  HOH TIP A . 
I 4 HOH 6  210 9  HOH TIP A . 
I 4 HOH 7  211 11 HOH TIP A . 
I 4 HOH 8  212 14 HOH TIP A . 
I 4 HOH 9  213 17 HOH TIP A . 
I 4 HOH 10 214 18 HOH TIP A . 
I 4 HOH 11 215 20 HOH TIP A . 
I 4 HOH 12 216 21 HOH TIP A . 
I 4 HOH 13 217 23 HOH TIP A . 
I 4 HOH 14 218 26 HOH TIP A . 
I 4 HOH 15 219 27 HOH TIP A . 
I 4 HOH 16 220 28 HOH TIP A . 
I 4 HOH 17 221 29 HOH TIP A . 
I 4 HOH 18 222 30 HOH TIP A . 
I 4 HOH 19 223 31 HOH TIP A . 
I 4 HOH 20 224 35 HOH TIP A . 
I 4 HOH 21 225 36 HOH TIP A . 
I 4 HOH 22 226 37 HOH TIP A . 
I 4 HOH 23 227 38 HOH TIP A . 
I 4 HOH 24 228 39 HOH TIP A . 
I 4 HOH 25 229 40 HOH TIP A . 
I 4 HOH 26 230 41 HOH TIP A . 
I 4 HOH 27 231 43 HOH TIP A . 
I 4 HOH 28 232 46 HOH TIP A . 
I 4 HOH 29 233 47 HOH TIP A . 
I 4 HOH 30 234 48 HOH TIP A . 
I 4 HOH 31 235 50 HOH TIP A . 
I 4 HOH 32 236 51 HOH TIP A . 
I 4 HOH 33 237 53 HOH TIP A . 
I 4 HOH 34 238 54 HOH TIP A . 
I 4 HOH 35 239 55 HOH TIP A . 
I 4 HOH 36 240 56 HOH TIP A . 
I 4 HOH 37 241 57 HOH TIP A . 
I 4 HOH 38 242 58 HOH TIP A . 
I 4 HOH 39 243 69 HOH TIP A . 
I 4 HOH 40 244 70 HOH TIP A . 
I 4 HOH 41 245 71 HOH TIP A . 
I 4 HOH 42 246 72 HOH TIP A . 
I 4 HOH 43 247 75 HOH TIP A . 
I 4 HOH 44 248 76 HOH TIP A . 
I 4 HOH 45 249 82 HOH TIP A . 
I 4 HOH 46 250 83 HOH TIP A . 
I 4 HOH 47 251 85 HOH TIP A . 
I 4 HOH 48 252 87 HOH TIP A . 
I 4 HOH 49 253 90 HOH TIP A . 
I 4 HOH 50 254 91 HOH TIP A . 
I 4 HOH 51 255 92 HOH TIP A . 
I 4 HOH 52 256 93 HOH TIP A . 
I 4 HOH 53 257 94 HOH TIP A . 
I 4 HOH 54 258 95 HOH TIP A . 
J 4 HOH 1  204 0  HOH TIP B . 
J 4 HOH 2  205 2  HOH TIP B . 
J 4 HOH 3  206 7  HOH TIP B . 
J 4 HOH 4  207 8  HOH TIP B . 
J 4 HOH 5  208 10 HOH TIP B . 
J 4 HOH 6  209 12 HOH TIP B . 
J 4 HOH 7  210 13 HOH TIP B . 
J 4 HOH 8  211 15 HOH TIP B . 
J 4 HOH 9  212 16 HOH TIP B . 
J 4 HOH 10 213 19 HOH TIP B . 
J 4 HOH 11 214 22 HOH TIP B . 
J 4 HOH 12 215 24 HOH TIP B . 
J 4 HOH 13 216 25 HOH TIP B . 
J 4 HOH 14 217 32 HOH TIP B . 
J 4 HOH 15 218 33 HOH TIP B . 
J 4 HOH 16 219 34 HOH TIP B . 
J 4 HOH 17 220 42 HOH TIP B . 
J 4 HOH 18 221 44 HOH TIP B . 
J 4 HOH 19 222 45 HOH TIP B . 
J 4 HOH 20 223 49 HOH TIP B . 
J 4 HOH 21 224 52 HOH TIP B . 
J 4 HOH 22 225 59 HOH TIP B . 
J 4 HOH 23 226 60 HOH TIP B . 
J 4 HOH 24 227 61 HOH TIP B . 
J 4 HOH 25 228 62 HOH TIP B . 
J 4 HOH 26 229 63 HOH TIP B . 
J 4 HOH 27 230 64 HOH TIP B . 
J 4 HOH 28 231 65 HOH TIP B . 
J 4 HOH 29 232 66 HOH TIP B . 
J 4 HOH 30 233 67 HOH TIP B . 
J 4 HOH 31 234 68 HOH TIP B . 
J 4 HOH 32 235 73 HOH TIP B . 
J 4 HOH 33 236 74 HOH TIP B . 
J 4 HOH 34 237 77 HOH TIP B . 
J 4 HOH 35 238 78 HOH TIP B . 
J 4 HOH 36 239 79 HOH TIP B . 
J 4 HOH 37 240 80 HOH TIP B . 
J 4 HOH 38 241 81 HOH TIP B . 
J 4 HOH 39 242 84 HOH TIP B . 
J 4 HOH 40 243 86 HOH TIP B . 
J 4 HOH 41 244 88 HOH TIP B . 
J 4 HOH 42 245 89 HOH TIP B . 
J 4 HOH 43 246 96 HOH TIP B . 
J 4 HOH 44 247 97 HOH TIP B . 
J 4 HOH 45 248 98 HOH TIP B . 
J 4 HOH 46 249 99 HOH TIP B . 
# 
_pdbx_struct_assembly.id                   1 
_pdbx_struct_assembly.details              author_defined_assembly 
_pdbx_struct_assembly.method_details       ? 
_pdbx_struct_assembly.oligomeric_details   dimeric 
_pdbx_struct_assembly.oligomeric_count     2 
# 
_pdbx_struct_assembly_gen.assembly_id       1 
_pdbx_struct_assembly_gen.oper_expression   1 
_pdbx_struct_assembly_gen.asym_id_list      A,B,C,D,E,F,G,H,I,J 
# 
_pdbx_struct_oper_list.id                   1 
_pdbx_struct_oper_list.type                 'identity operation' 
_pdbx_struct_oper_list.name                 1_555 
_pdbx_struct_oper_list.symmetry_operation   x,y,z 
_pdbx_struct_oper_list.matrix[1][1]         1.0000000000 
_pdbx_struct_oper_list.matrix[1][2]         0.0000000000 
_pdbx_struct_oper_list.matrix[1][3]         0.0000000000 
_pdbx_struct_oper_list.vector[1]            0.0000000000 
_pdbx_struct_oper_list.matrix[2][1]         0.0000000000 
_pdbx_struct_oper_list.matrix[2][2]         1.0000000000 
_pdbx_struct_oper_list.matrix[2][3]         0.0000000000 
_pdbx_struct_oper_list.vector[2]            0.0000000000 
_pdbx_struct_oper_list.matrix[3][1]         0.0000000000 
_pdbx_struct_oper_list.matrix[3][2]         0.0000000000 
_pdbx_struct_oper_list.matrix[3][3]         1.0000000000 
_pdbx_struct_oper_list.vector[3]            0.0000000000 
# 
loop_
_pdbx_struct_conn_angle.id 
_pdbx_struct_conn_angle.ptnr1_label_atom_id 
_pdbx_struct_conn_angle.ptnr1_label_alt_id 
_pdbx_struct_conn_angle.ptnr1_label_asym_id 
_pdbx_struct_conn_angle.ptnr1_label_comp_id 
_pdbx_struct_conn_angle.ptnr1_label_seq_id 
_pdbx_struct_conn_angle.ptnr1_auth_atom_id 
_pdbx_struct_conn_angle.ptnr1_auth_asym_id 
_pdbx_struct_conn_angle.ptnr1_auth_comp_id 
_pdbx_struct_conn_angle.ptnr1_auth_seq_id 
_pdbx_struct_conn_angle.ptnr1_PDB_ins_code 
_pdbx_struct_conn_angle.ptnr1_symmetry 
_pdbx_struct_conn_angle.ptnr2_label_atom_id 
_pdbx_struct_conn_angle.ptnr2_label_alt_id 
_pdbx_struct_conn_angle.ptnr2_label_asym_id 
_pdbx_struct_conn_angle.ptnr2_label_comp_id 
_pdbx_struct_conn_angle.ptnr2_label_seq_id 
_pdbx_struct_conn_angle.ptnr2_auth_atom_id 
_pdbx_struct_conn_angle.ptnr2_auth_asym_id 
_pdbx_struct_conn_angle.ptnr2_auth_comp_id 
_pdbx_struct_conn_angle.ptnr2_auth_seq_id 
_pdbx_struct_conn_angle.ptnr2_PDB_ins_code 
_pdbx_struct_conn_angle.ptnr2_symmetry 
_pdbx_struct_conn_angle.ptnr3_label_atom_id 
_pdbx_struct_conn_angle.ptnr3_label_alt_id 
_pdbx_struct_conn_angle.ptnr3_label_asym_id 
_pdbx_struct_conn_angle.ptnr3_label_comp_id 
_pdbx_struct_conn_angle.ptnr3_label_seq_id 
_pdbx_struct_conn_angle.ptnr3_auth_atom_id 
_pdbx_struct_conn_angle.ptnr3_auth_asym_id 
_pdbx_struct_conn_angle.ptnr3_auth_comp_id 
_pdbx_struct_conn_angle.ptnr3_auth_seq_id 
_pdbx_struct_conn_angle.ptnr3_PDB_ins_code 
_pdbx_struct_conn_angle.ptnr3_symmetry 
_pdbx_struct_conn_angle.value 
_pdbx_struct_conn_angle.value_esd 
1  OD2 ? A ASP 65 ? A ASP 65 ? 1_555 CA ? C CA . ? A CA 102 ? 1_555 OD1 ? A ASP 67 ? A ASP 67  ? 1_555 80.3  ? 
2  OD2 ? A ASP 65 ? A ASP 65 ? 1_555 CA ? C CA . ? A CA 102 ? 1_555 OG  ? A SER 69 ? A SER 69  ? 1_555 90.5  ? 
3  OD1 ? A ASP 67 ? A ASP 67 ? 1_555 CA ? C CA . ? A CA 102 ? 1_555 OG  ? A SER 69 ? A SER 69  ? 1_555 82.0  ? 
4  OD2 ? A ASP 65 ? A ASP 65 ? 1_555 CA ? C CA . ? A CA 102 ? 1_555 O   ? A THR 71 ? A THR 71  ? 1_555 86.8  ? 
5  OD1 ? A ASP 67 ? A ASP 67 ? 1_555 CA ? C CA . ? A CA 102 ? 1_555 O   ? A THR 71 ? A THR 71  ? 1_555 157.2 ? 
6  OG  ? A SER 69 ? A SER 69 ? 1_555 CA ? C CA . ? A CA 102 ? 1_555 O   ? A THR 71 ? A THR 71  ? 1_555 79.3  ? 
7  OD2 ? A ASP 65 ? A ASP 65 ? 1_555 CA ? C CA . ? A CA 102 ? 1_555 OE1 ? A GLU 76 ? A GLU 76  ? 1_555 116.2 ? 
8  OD1 ? A ASP 67 ? A ASP 67 ? 1_555 CA ? C CA . ? A CA 102 ? 1_555 OE1 ? A GLU 76 ? A GLU 76  ? 1_555 125.4 ? 
9  OG  ? A SER 69 ? A SER 69 ? 1_555 CA ? C CA . ? A CA 102 ? 1_555 OE1 ? A GLU 76 ? A GLU 76  ? 1_555 143.0 ? 
10 O   ? A THR 71 ? A THR 71 ? 1_555 CA ? C CA . ? A CA 102 ? 1_555 OE1 ? A GLU 76 ? A GLU 76  ? 1_555 77.3  ? 
11 OD2 ? A ASP 65 ? A ASP 65 ? 1_555 CA ? C CA . ? A CA 102 ? 1_555 OE2 ? A GLU 76 ? A GLU 76  ? 1_555 89.1  ? 
12 OD1 ? A ASP 67 ? A ASP 67 ? 1_555 CA ? C CA . ? A CA 102 ? 1_555 OE2 ? A GLU 76 ? A GLU 76  ? 1_555 79.4  ? 
13 OG  ? A SER 69 ? A SER 69 ? 1_555 CA ? C CA . ? A CA 102 ? 1_555 OE2 ? A GLU 76 ? A GLU 76  ? 1_555 161.2 ? 
14 O   ? A THR 71 ? A THR 71 ? 1_555 CA ? C CA . ? A CA 102 ? 1_555 OE2 ? A GLU 76 ? A GLU 76  ? 1_555 119.4 ? 
15 OE1 ? A GLU 76 ? A GLU 76 ? 1_555 CA ? C CA . ? A CA 102 ? 1_555 OE2 ? A GLU 76 ? A GLU 76  ? 1_555 51.4  ? 
16 OD2 ? A ASP 65 ? A ASP 65 ? 1_555 CA ? C CA . ? A CA 102 ? 1_555 O   ? I HOH .  ? A HOH 223 ? 1_555 164.5 ? 
17 OD1 ? A ASP 67 ? A ASP 67 ? 1_555 CA ? C CA . ? A CA 102 ? 1_555 O   ? I HOH .  ? A HOH 223 ? 1_555 84.4  ? 
18 OG  ? A SER 69 ? A SER 69 ? 1_555 CA ? C CA . ? A CA 102 ? 1_555 O   ? I HOH .  ? A HOH 223 ? 1_555 84.7  ? 
19 O   ? A THR 71 ? A THR 71 ? 1_555 CA ? C CA . ? A CA 102 ? 1_555 O   ? I HOH .  ? A HOH 223 ? 1_555 106.7 ? 
20 OE1 ? A GLU 76 ? A GLU 76 ? 1_555 CA ? C CA . ? A CA 102 ? 1_555 O   ? I HOH .  ? A HOH 223 ? 1_555 75.2  ? 
21 OE2 ? A GLU 76 ? A GLU 76 ? 1_555 CA ? C CA . ? A CA 102 ? 1_555 O   ? I HOH .  ? A HOH 223 ? 1_555 90.8  ? 
22 OD2 ? B ASP 65 ? B ASP 65 ? 1_555 CA ? F CA . ? B CA 101 ? 1_555 OD1 ? B ASP 67 ? B ASP 67  ? 1_555 79.9  ? 
23 OD2 ? B ASP 65 ? B ASP 65 ? 1_555 CA ? F CA . ? B CA 101 ? 1_555 OG  ? B SER 69 ? B SER 69  ? 1_555 87.1  ? 
24 OD1 ? B ASP 67 ? B ASP 67 ? 1_555 CA ? F CA . ? B CA 101 ? 1_555 OG  ? B SER 69 ? B SER 69  ? 1_555 93.0  ? 
25 OD2 ? B ASP 65 ? B ASP 65 ? 1_555 CA ? F CA . ? B CA 101 ? 1_555 O   ? B THR 71 ? B THR 71  ? 1_555 83.4  ? 
26 OD1 ? B ASP 67 ? B ASP 67 ? 1_555 CA ? F CA . ? B CA 101 ? 1_555 O   ? B THR 71 ? B THR 71  ? 1_555 158.1 ? 
27 OG  ? B SER 69 ? B SER 69 ? 1_555 CA ? F CA . ? B CA 101 ? 1_555 O   ? B THR 71 ? B THR 71  ? 1_555 71.9  ? 
28 OD2 ? B ASP 65 ? B ASP 65 ? 1_555 CA ? F CA . ? B CA 101 ? 1_555 OE1 ? B GLU 76 ? B GLU 76  ? 1_555 107.4 ? 
29 OD1 ? B ASP 67 ? B ASP 67 ? 1_555 CA ? F CA . ? B CA 101 ? 1_555 OE1 ? B GLU 76 ? B GLU 76  ? 1_555 122.1 ? 
30 OG  ? B SER 69 ? B SER 69 ? 1_555 CA ? F CA . ? B CA 101 ? 1_555 OE1 ? B GLU 76 ? B GLU 76  ? 1_555 143.5 ? 
31 O   ? B THR 71 ? B THR 71 ? 1_555 CA ? F CA . ? B CA 101 ? 1_555 OE1 ? B GLU 76 ? B GLU 76  ? 1_555 76.6  ? 
32 OD2 ? B ASP 65 ? B ASP 65 ? 1_555 CA ? F CA . ? B CA 101 ? 1_555 OE2 ? B GLU 76 ? B GLU 76  ? 1_555 93.6  ? 
33 OD1 ? B ASP 67 ? B ASP 67 ? 1_555 CA ? F CA . ? B CA 101 ? 1_555 OE2 ? B GLU 76 ? B GLU 76  ? 1_555 71.3  ? 
34 OG  ? B SER 69 ? B SER 69 ? 1_555 CA ? F CA . ? B CA 101 ? 1_555 OE2 ? B GLU 76 ? B GLU 76  ? 1_555 163.9 ? 
35 O   ? B THR 71 ? B THR 71 ? 1_555 CA ? F CA . ? B CA 101 ? 1_555 OE2 ? B GLU 76 ? B GLU 76  ? 1_555 124.2 ? 
36 OE1 ? B GLU 76 ? B GLU 76 ? 1_555 CA ? F CA . ? B CA 101 ? 1_555 OE2 ? B GLU 76 ? B GLU 76  ? 1_555 51.2  ? 
37 OD2 ? B ASP 65 ? B ASP 65 ? 1_555 CA ? F CA . ? B CA 101 ? 1_555 O   ? J HOH .  ? B HOH 228 ? 1_555 162.2 ? 
38 OD1 ? B ASP 67 ? B ASP 67 ? 1_555 CA ? F CA . ? B CA 101 ? 1_555 O   ? J HOH .  ? B HOH 228 ? 1_555 84.2  ? 
39 OG  ? B SER 69 ? B SER 69 ? 1_555 CA ? F CA . ? B CA 101 ? 1_555 O   ? J HOH .  ? B HOH 228 ? 1_555 85.7  ? 
40 O   ? B THR 71 ? B THR 71 ? 1_555 CA ? F CA . ? B CA 101 ? 1_555 O   ? J HOH .  ? B HOH 228 ? 1_555 109.7 ? 
41 OE1 ? B GLU 76 ? B GLU 76 ? 1_555 CA ? F CA . ? B CA 101 ? 1_555 O   ? J HOH .  ? B HOH 228 ? 1_555 87.8  ? 
42 OE2 ? B GLU 76 ? B GLU 76 ? 1_555 CA ? F CA . ? B CA 101 ? 1_555 O   ? J HOH .  ? B HOH 228 ? 1_555 88.9  ? 
# 
loop_
_pdbx_audit_revision_history.ordinal 
_pdbx_audit_revision_history.data_content_type 
_pdbx_audit_revision_history.major_revision 
_pdbx_audit_revision_history.minor_revision 
_pdbx_audit_revision_history.revision_date 
1 'Structure model' 1 0 2006-01-24 
2 'Structure model' 1 1 2008-04-30 
3 'Structure model' 1 2 2011-07-13 
4 'Structure model' 1 3 2021-11-10 
5 'Structure model' 1 4 2023-10-25 
# 
_pdbx_audit_revision_details.ordinal             1 
_pdbx_audit_revision_details.revision_ordinal    1 
_pdbx_audit_revision_details.data_content_type   'Structure model' 
_pdbx_audit_revision_details.provider            repository 
_pdbx_audit_revision_details.type                'Initial release' 
_pdbx_audit_revision_details.description         ? 
_pdbx_audit_revision_details.details             ? 
# 
loop_
_pdbx_audit_revision_group.ordinal 
_pdbx_audit_revision_group.revision_ordinal 
_pdbx_audit_revision_group.data_content_type 
_pdbx_audit_revision_group.group 
1 2 'Structure model' 'Version format compliance' 
2 3 'Structure model' 'Version format compliance' 
3 4 'Structure model' 'Database references'       
4 4 'Structure model' 'Derived calculations'      
5 5 'Structure model' 'Data collection'           
6 5 'Structure model' 'Refinement description'    
# 
loop_
_pdbx_audit_revision_category.ordinal 
_pdbx_audit_revision_category.revision_ordinal 
_pdbx_audit_revision_category.data_content_type 
_pdbx_audit_revision_category.category 
1 4 'Structure model' database_2                    
2 4 'Structure model' struct_conn                   
3 4 'Structure model' struct_ref_seq_dif            
4 4 'Structure model' struct_site                   
5 5 'Structure model' chem_comp_atom                
6 5 'Structure model' chem_comp_bond                
7 5 'Structure model' pdbx_initial_refinement_model 
# 
loop_
_pdbx_audit_revision_item.ordinal 
_pdbx_audit_revision_item.revision_ordinal 
_pdbx_audit_revision_item.data_content_type 
_pdbx_audit_revision_item.item 
1  4 'Structure model' '_database_2.pdbx_DOI'                
2  4 'Structure model' '_database_2.pdbx_database_accession' 
3  4 'Structure model' '_struct_conn.pdbx_dist_value'        
4  4 'Structure model' '_struct_conn.ptnr1_auth_asym_id'     
5  4 'Structure model' '_struct_conn.ptnr1_auth_comp_id'     
6  4 'Structure model' '_struct_conn.ptnr1_auth_seq_id'      
7  4 'Structure model' '_struct_conn.ptnr1_label_asym_id'    
8  4 'Structure model' '_struct_conn.ptnr1_label_atom_id'    
9  4 'Structure model' '_struct_conn.ptnr1_label_comp_id'    
10 4 'Structure model' '_struct_conn.ptnr1_label_seq_id'     
11 4 'Structure model' '_struct_conn.ptnr2_auth_asym_id'     
12 4 'Structure model' '_struct_conn.ptnr2_auth_comp_id'     
13 4 'Structure model' '_struct_conn.ptnr2_auth_seq_id'      
14 4 'Structure model' '_struct_conn.ptnr2_label_asym_id'    
15 4 'Structure model' '_struct_conn.ptnr2_label_atom_id'    
16 4 'Structure model' '_struct_conn.ptnr2_label_comp_id'    
17 4 'Structure model' '_struct_conn.ptnr2_label_seq_id'     
18 4 'Structure model' '_struct_ref_seq_dif.details'         
19 4 'Structure model' '_struct_site.pdbx_auth_asym_id'      
20 4 'Structure model' '_struct_site.pdbx_auth_comp_id'      
21 4 'Structure model' '_struct_site.pdbx_auth_seq_id'       
# 
loop_
_software.name 
_software.classification 
_software.version 
_software.citation_id 
_software.pdbx_ordinal 
HKL-2000  'data collection' .   ? 1 
SCALEPACK 'data scaling'    .   ? 2 
MOLREP    phasing           .   ? 3 
CNS       refinement        1.0 ? 4 
HKL-2000  'data reduction'  .   ? 5 
# 
loop_
_pdbx_validate_torsion.id 
_pdbx_validate_torsion.PDB_model_num 
_pdbx_validate_torsion.auth_comp_id 
_pdbx_validate_torsion.auth_asym_id 
_pdbx_validate_torsion.auth_seq_id 
_pdbx_validate_torsion.PDB_ins_code 
_pdbx_validate_torsion.label_alt_id 
_pdbx_validate_torsion.phi 
_pdbx_validate_torsion.psi 
1 1 SER A 84 ? ? -54.29 103.41 
2 1 GLU B 32 ? ? -45.13 -78.31 
3 1 ARG B 83 ? ? -48.77 -81.76 
# 
loop_
_pdbx_unobs_or_zero_occ_residues.id 
_pdbx_unobs_or_zero_occ_residues.PDB_model_num 
_pdbx_unobs_or_zero_occ_residues.polymer_flag 
_pdbx_unobs_or_zero_occ_residues.occupancy_flag 
_pdbx_unobs_or_zero_occ_residues.auth_asym_id 
_pdbx_unobs_or_zero_occ_residues.auth_comp_id 
_pdbx_unobs_or_zero_occ_residues.auth_seq_id 
_pdbx_unobs_or_zero_occ_residues.PDB_ins_code 
_pdbx_unobs_or_zero_occ_residues.label_asym_id 
_pdbx_unobs_or_zero_occ_residues.label_comp_id 
_pdbx_unobs_or_zero_occ_residues.label_seq_id 
1  1 Y 1 A MET 1  ? A MET 1  
2  1 Y 1 A ASP 2  ? A ASP 2  
3  1 Y 1 A ASP 3  ? A ASP 3  
4  1 Y 1 A LYS 86 ? A LYS 86 
5  1 Y 1 A ASP 87 ? A ASP 87 
6  1 Y 1 A ASP 88 ? A ASP 88 
7  1 Y 1 B MET 1  ? B MET 1  
8  1 Y 1 B ASP 2  ? B ASP 2  
9  1 Y 1 B ASP 3  ? B ASP 3  
10 1 Y 1 B MET 85 ? B MET 85 
11 1 Y 1 B LYS 86 ? B LYS 86 
12 1 Y 1 B ASP 87 ? B ASP 87 
13 1 Y 1 B ASP 88 ? B ASP 88 
# 
loop_
_chem_comp_atom.comp_id 
_chem_comp_atom.atom_id 
_chem_comp_atom.type_symbol 
_chem_comp_atom.pdbx_aromatic_flag 
_chem_comp_atom.pdbx_stereo_config 
_chem_comp_atom.pdbx_ordinal 
ALA N    N  N N 1   
ALA CA   C  N S 2   
ALA C    C  N N 3   
ALA O    O  N N 4   
ALA CB   C  N N 5   
ALA OXT  O  N N 6   
ALA H    H  N N 7   
ALA H2   H  N N 8   
ALA HA   H  N N 9   
ALA HB1  H  N N 10  
ALA HB2  H  N N 11  
ALA HB3  H  N N 12  
ALA HXT  H  N N 13  
ARG N    N  N N 14  
ARG CA   C  N S 15  
ARG C    C  N N 16  
ARG O    O  N N 17  
ARG CB   C  N N 18  
ARG CG   C  N N 19  
ARG CD   C  N N 20  
ARG NE   N  N N 21  
ARG CZ   C  N N 22  
ARG NH1  N  N N 23  
ARG NH2  N  N N 24  
ARG OXT  O  N N 25  
ARG H    H  N N 26  
ARG H2   H  N N 27  
ARG HA   H  N N 28  
ARG HB2  H  N N 29  
ARG HB3  H  N N 30  
ARG HG2  H  N N 31  
ARG HG3  H  N N 32  
ARG HD2  H  N N 33  
ARG HD3  H  N N 34  
ARG HE   H  N N 35  
ARG HH11 H  N N 36  
ARG HH12 H  N N 37  
ARG HH21 H  N N 38  
ARG HH22 H  N N 39  
ARG HXT  H  N N 40  
ASN N    N  N N 41  
ASN CA   C  N S 42  
ASN C    C  N N 43  
ASN O    O  N N 44  
ASN CB   C  N N 45  
ASN CG   C  N N 46  
ASN OD1  O  N N 47  
ASN ND2  N  N N 48  
ASN OXT  O  N N 49  
ASN H    H  N N 50  
ASN H2   H  N N 51  
ASN HA   H  N N 52  
ASN HB2  H  N N 53  
ASN HB3  H  N N 54  
ASN HD21 H  N N 55  
ASN HD22 H  N N 56  
ASN HXT  H  N N 57  
ASP N    N  N N 58  
ASP CA   C  N S 59  
ASP C    C  N N 60  
ASP O    O  N N 61  
ASP CB   C  N N 62  
ASP CG   C  N N 63  
ASP OD1  O  N N 64  
ASP OD2  O  N N 65  
ASP OXT  O  N N 66  
ASP H    H  N N 67  
ASP H2   H  N N 68  
ASP HA   H  N N 69  
ASP HB2  H  N N 70  
ASP HB3  H  N N 71  
ASP HD2  H  N N 72  
ASP HXT  H  N N 73  
CA  CA   CA N N 74  
CYS N    N  N N 75  
CYS CA   C  N R 76  
CYS C    C  N N 77  
CYS O    O  N N 78  
CYS CB   C  N N 79  
CYS SG   S  N N 80  
CYS OXT  O  N N 81  
CYS H    H  N N 82  
CYS H2   H  N N 83  
CYS HA   H  N N 84  
CYS HB2  H  N N 85  
CYS HB3  H  N N 86  
CYS HG   H  N N 87  
CYS HXT  H  N N 88  
GLN N    N  N N 89  
GLN CA   C  N S 90  
GLN C    C  N N 91  
GLN O    O  N N 92  
GLN CB   C  N N 93  
GLN CG   C  N N 94  
GLN CD   C  N N 95  
GLN OE1  O  N N 96  
GLN NE2  N  N N 97  
GLN OXT  O  N N 98  
GLN H    H  N N 99  
GLN H2   H  N N 100 
GLN HA   H  N N 101 
GLN HB2  H  N N 102 
GLN HB3  H  N N 103 
GLN HG2  H  N N 104 
GLN HG3  H  N N 105 
GLN HE21 H  N N 106 
GLN HE22 H  N N 107 
GLN HXT  H  N N 108 
GLU N    N  N N 109 
GLU CA   C  N S 110 
GLU C    C  N N 111 
GLU O    O  N N 112 
GLU CB   C  N N 113 
GLU CG   C  N N 114 
GLU CD   C  N N 115 
GLU OE1  O  N N 116 
GLU OE2  O  N N 117 
GLU OXT  O  N N 118 
GLU H    H  N N 119 
GLU H2   H  N N 120 
GLU HA   H  N N 121 
GLU HB2  H  N N 122 
GLU HB3  H  N N 123 
GLU HG2  H  N N 124 
GLU HG3  H  N N 125 
GLU HE2  H  N N 126 
GLU HXT  H  N N 127 
GLY N    N  N N 128 
GLY CA   C  N N 129 
GLY C    C  N N 130 
GLY O    O  N N 131 
GLY OXT  O  N N 132 
GLY H    H  N N 133 
GLY H2   H  N N 134 
GLY HA2  H  N N 135 
GLY HA3  H  N N 136 
GLY HXT  H  N N 137 
HOH O    O  N N 138 
HOH H1   H  N N 139 
HOH H2   H  N N 140 
ILE N    N  N N 141 
ILE CA   C  N S 142 
ILE C    C  N N 143 
ILE O    O  N N 144 
ILE CB   C  N S 145 
ILE CG1  C  N N 146 
ILE CG2  C  N N 147 
ILE CD1  C  N N 148 
ILE OXT  O  N N 149 
ILE H    H  N N 150 
ILE H2   H  N N 151 
ILE HA   H  N N 152 
ILE HB   H  N N 153 
ILE HG12 H  N N 154 
ILE HG13 H  N N 155 
ILE HG21 H  N N 156 
ILE HG22 H  N N 157 
ILE HG23 H  N N 158 
ILE HD11 H  N N 159 
ILE HD12 H  N N 160 
ILE HD13 H  N N 161 
ILE HXT  H  N N 162 
LEU N    N  N N 163 
LEU CA   C  N S 164 
LEU C    C  N N 165 
LEU O    O  N N 166 
LEU CB   C  N N 167 
LEU CG   C  N N 168 
LEU CD1  C  N N 169 
LEU CD2  C  N N 170 
LEU OXT  O  N N 171 
LEU H    H  N N 172 
LEU H2   H  N N 173 
LEU HA   H  N N 174 
LEU HB2  H  N N 175 
LEU HB3  H  N N 176 
LEU HG   H  N N 177 
LEU HD11 H  N N 178 
LEU HD12 H  N N 179 
LEU HD13 H  N N 180 
LEU HD21 H  N N 181 
LEU HD22 H  N N 182 
LEU HD23 H  N N 183 
LEU HXT  H  N N 184 
LYS N    N  N N 185 
LYS CA   C  N S 186 
LYS C    C  N N 187 
LYS O    O  N N 188 
LYS CB   C  N N 189 
LYS CG   C  N N 190 
LYS CD   C  N N 191 
LYS CE   C  N N 192 
LYS NZ   N  N N 193 
LYS OXT  O  N N 194 
LYS H    H  N N 195 
LYS H2   H  N N 196 
LYS HA   H  N N 197 
LYS HB2  H  N N 198 
LYS HB3  H  N N 199 
LYS HG2  H  N N 200 
LYS HG3  H  N N 201 
LYS HD2  H  N N 202 
LYS HD3  H  N N 203 
LYS HE2  H  N N 204 
LYS HE3  H  N N 205 
LYS HZ1  H  N N 206 
LYS HZ2  H  N N 207 
LYS HZ3  H  N N 208 
LYS HXT  H  N N 209 
MET N    N  N N 210 
MET CA   C  N S 211 
MET C    C  N N 212 
MET O    O  N N 213 
MET CB   C  N N 214 
MET CG   C  N N 215 
MET SD   S  N N 216 
MET CE   C  N N 217 
MET OXT  O  N N 218 
MET H    H  N N 219 
MET H2   H  N N 220 
MET HA   H  N N 221 
MET HB2  H  N N 222 
MET HB3  H  N N 223 
MET HG2  H  N N 224 
MET HG3  H  N N 225 
MET HE1  H  N N 226 
MET HE2  H  N N 227 
MET HE3  H  N N 228 
MET HXT  H  N N 229 
PHE N    N  N N 230 
PHE CA   C  N S 231 
PHE C    C  N N 232 
PHE O    O  N N 233 
PHE CB   C  N N 234 
PHE CG   C  Y N 235 
PHE CD1  C  Y N 236 
PHE CD2  C  Y N 237 
PHE CE1  C  Y N 238 
PHE CE2  C  Y N 239 
PHE CZ   C  Y N 240 
PHE OXT  O  N N 241 
PHE H    H  N N 242 
PHE H2   H  N N 243 
PHE HA   H  N N 244 
PHE HB2  H  N N 245 
PHE HB3  H  N N 246 
PHE HD1  H  N N 247 
PHE HD2  H  N N 248 
PHE HE1  H  N N 249 
PHE HE2  H  N N 250 
PHE HZ   H  N N 251 
PHE HXT  H  N N 252 
PRO N    N  N N 253 
PRO CA   C  N S 254 
PRO C    C  N N 255 
PRO O    O  N N 256 
PRO CB   C  N N 257 
PRO CG   C  N N 258 
PRO CD   C  N N 259 
PRO OXT  O  N N 260 
PRO H    H  N N 261 
PRO HA   H  N N 262 
PRO HB2  H  N N 263 
PRO HB3  H  N N 264 
PRO HG2  H  N N 265 
PRO HG3  H  N N 266 
PRO HD2  H  N N 267 
PRO HD3  H  N N 268 
PRO HXT  H  N N 269 
SER N    N  N N 270 
SER CA   C  N S 271 
SER C    C  N N 272 
SER O    O  N N 273 
SER CB   C  N N 274 
SER OG   O  N N 275 
SER OXT  O  N N 276 
SER H    H  N N 277 
SER H2   H  N N 278 
SER HA   H  N N 279 
SER HB2  H  N N 280 
SER HB3  H  N N 281 
SER HG   H  N N 282 
SER HXT  H  N N 283 
TFP C1   C  Y N 284 
TFP C2   C  Y N 285 
TFP C3   C  Y N 286 
TFP C4   C  Y N 287 
TFP C5   C  Y N 288 
TFP C6   C  Y N 289 
TFP S    S  N N 290 
TFP C7   C  Y N 291 
TFP C8   C  Y N 292 
TFP C9   C  Y N 293 
TFP C10  C  Y N 294 
TFP C11  C  Y N 295 
TFP C12  C  Y N 296 
TFP N1   N  N N 297 
TFP C13  C  N N 298 
TFP C14  C  N N 299 
TFP C15  C  N N 300 
TFP N2   N  N N 301 
TFP C16  C  N N 302 
TFP C17  C  N N 303 
TFP N3   N  N N 304 
TFP C18  C  N N 305 
TFP C19  C  N N 306 
TFP C20  C  N N 307 
TFP C21  C  N N 308 
TFP F1   F  N N 309 
TFP F2   F  N N 310 
TFP F3   F  N N 311 
TFP H2   H  N N 312 
TFP H3   H  N N 313 
TFP H6   H  N N 314 
TFP H8   H  N N 315 
TFP H9   H  N N 316 
TFP H10  H  N N 317 
TFP H11  H  N N 318 
TFP H131 H  N N 319 
TFP H132 H  N N 320 
TFP H141 H  N N 321 
TFP H142 H  N N 322 
TFP H151 H  N N 323 
TFP H152 H  N N 324 
TFP H161 H  N N 325 
TFP H162 H  N N 326 
TFP H171 H  N N 327 
TFP H172 H  N N 328 
TFP H181 H  N N 329 
TFP H182 H  N N 330 
TFP H191 H  N N 331 
TFP H192 H  N N 332 
TFP H201 H  N N 333 
TFP H202 H  N N 334 
TFP H203 H  N N 335 
THR N    N  N N 336 
THR CA   C  N S 337 
THR C    C  N N 338 
THR O    O  N N 339 
THR CB   C  N R 340 
THR OG1  O  N N 341 
THR CG2  C  N N 342 
THR OXT  O  N N 343 
THR H    H  N N 344 
THR H2   H  N N 345 
THR HA   H  N N 346 
THR HB   H  N N 347 
THR HG1  H  N N 348 
THR HG21 H  N N 349 
THR HG22 H  N N 350 
THR HG23 H  N N 351 
THR HXT  H  N N 352 
TYR N    N  N N 353 
TYR CA   C  N S 354 
TYR C    C  N N 355 
TYR O    O  N N 356 
TYR CB   C  N N 357 
TYR CG   C  Y N 358 
TYR CD1  C  Y N 359 
TYR CD2  C  Y N 360 
TYR CE1  C  Y N 361 
TYR CE2  C  Y N 362 
TYR CZ   C  Y N 363 
TYR OH   O  N N 364 
TYR OXT  O  N N 365 
TYR H    H  N N 366 
TYR H2   H  N N 367 
TYR HA   H  N N 368 
TYR HB2  H  N N 369 
TYR HB3  H  N N 370 
TYR HD1  H  N N 371 
TYR HD2  H  N N 372 
TYR HE1  H  N N 373 
TYR HE2  H  N N 374 
TYR HH   H  N N 375 
TYR HXT  H  N N 376 
VAL N    N  N N 377 
VAL CA   C  N S 378 
VAL C    C  N N 379 
VAL O    O  N N 380 
VAL CB   C  N N 381 
VAL CG1  C  N N 382 
VAL CG2  C  N N 383 
VAL OXT  O  N N 384 
VAL H    H  N N 385 
VAL H2   H  N N 386 
VAL HA   H  N N 387 
VAL HB   H  N N 388 
VAL HG11 H  N N 389 
VAL HG12 H  N N 390 
VAL HG13 H  N N 391 
VAL HG21 H  N N 392 
VAL HG22 H  N N 393 
VAL HG23 H  N N 394 
VAL HXT  H  N N 395 
# 
loop_
_chem_comp_bond.comp_id 
_chem_comp_bond.atom_id_1 
_chem_comp_bond.atom_id_2 
_chem_comp_bond.value_order 
_chem_comp_bond.pdbx_aromatic_flag 
_chem_comp_bond.pdbx_stereo_config 
_chem_comp_bond.pdbx_ordinal 
ALA N   CA   sing N N 1   
ALA N   H    sing N N 2   
ALA N   H2   sing N N 3   
ALA CA  C    sing N N 4   
ALA CA  CB   sing N N 5   
ALA CA  HA   sing N N 6   
ALA C   O    doub N N 7   
ALA C   OXT  sing N N 8   
ALA CB  HB1  sing N N 9   
ALA CB  HB2  sing N N 10  
ALA CB  HB3  sing N N 11  
ALA OXT HXT  sing N N 12  
ARG N   CA   sing N N 13  
ARG N   H    sing N N 14  
ARG N   H2   sing N N 15  
ARG CA  C    sing N N 16  
ARG CA  CB   sing N N 17  
ARG CA  HA   sing N N 18  
ARG C   O    doub N N 19  
ARG C   OXT  sing N N 20  
ARG CB  CG   sing N N 21  
ARG CB  HB2  sing N N 22  
ARG CB  HB3  sing N N 23  
ARG CG  CD   sing N N 24  
ARG CG  HG2  sing N N 25  
ARG CG  HG3  sing N N 26  
ARG CD  NE   sing N N 27  
ARG CD  HD2  sing N N 28  
ARG CD  HD3  sing N N 29  
ARG NE  CZ   sing N N 30  
ARG NE  HE   sing N N 31  
ARG CZ  NH1  sing N N 32  
ARG CZ  NH2  doub N N 33  
ARG NH1 HH11 sing N N 34  
ARG NH1 HH12 sing N N 35  
ARG NH2 HH21 sing N N 36  
ARG NH2 HH22 sing N N 37  
ARG OXT HXT  sing N N 38  
ASN N   CA   sing N N 39  
ASN N   H    sing N N 40  
ASN N   H2   sing N N 41  
ASN CA  C    sing N N 42  
ASN CA  CB   sing N N 43  
ASN CA  HA   sing N N 44  
ASN C   O    doub N N 45  
ASN C   OXT  sing N N 46  
ASN CB  CG   sing N N 47  
ASN CB  HB2  sing N N 48  
ASN CB  HB3  sing N N 49  
ASN CG  OD1  doub N N 50  
ASN CG  ND2  sing N N 51  
ASN ND2 HD21 sing N N 52  
ASN ND2 HD22 sing N N 53  
ASN OXT HXT  sing N N 54  
ASP N   CA   sing N N 55  
ASP N   H    sing N N 56  
ASP N   H2   sing N N 57  
ASP CA  C    sing N N 58  
ASP CA  CB   sing N N 59  
ASP CA  HA   sing N N 60  
ASP C   O    doub N N 61  
ASP C   OXT  sing N N 62  
ASP CB  CG   sing N N 63  
ASP CB  HB2  sing N N 64  
ASP CB  HB3  sing N N 65  
ASP CG  OD1  doub N N 66  
ASP CG  OD2  sing N N 67  
ASP OD2 HD2  sing N N 68  
ASP OXT HXT  sing N N 69  
CYS N   CA   sing N N 70  
CYS N   H    sing N N 71  
CYS N   H2   sing N N 72  
CYS CA  C    sing N N 73  
CYS CA  CB   sing N N 74  
CYS CA  HA   sing N N 75  
CYS C   O    doub N N 76  
CYS C   OXT  sing N N 77  
CYS CB  SG   sing N N 78  
CYS CB  HB2  sing N N 79  
CYS CB  HB3  sing N N 80  
CYS SG  HG   sing N N 81  
CYS OXT HXT  sing N N 82  
GLN N   CA   sing N N 83  
GLN N   H    sing N N 84  
GLN N   H2   sing N N 85  
GLN CA  C    sing N N 86  
GLN CA  CB   sing N N 87  
GLN CA  HA   sing N N 88  
GLN C   O    doub N N 89  
GLN C   OXT  sing N N 90  
GLN CB  CG   sing N N 91  
GLN CB  HB2  sing N N 92  
GLN CB  HB3  sing N N 93  
GLN CG  CD   sing N N 94  
GLN CG  HG2  sing N N 95  
GLN CG  HG3  sing N N 96  
GLN CD  OE1  doub N N 97  
GLN CD  NE2  sing N N 98  
GLN NE2 HE21 sing N N 99  
GLN NE2 HE22 sing N N 100 
GLN OXT HXT  sing N N 101 
GLU N   CA   sing N N 102 
GLU N   H    sing N N 103 
GLU N   H2   sing N N 104 
GLU CA  C    sing N N 105 
GLU CA  CB   sing N N 106 
GLU CA  HA   sing N N 107 
GLU C   O    doub N N 108 
GLU C   OXT  sing N N 109 
GLU CB  CG   sing N N 110 
GLU CB  HB2  sing N N 111 
GLU CB  HB3  sing N N 112 
GLU CG  CD   sing N N 113 
GLU CG  HG2  sing N N 114 
GLU CG  HG3  sing N N 115 
GLU CD  OE1  doub N N 116 
GLU CD  OE2  sing N N 117 
GLU OE2 HE2  sing N N 118 
GLU OXT HXT  sing N N 119 
GLY N   CA   sing N N 120 
GLY N   H    sing N N 121 
GLY N   H2   sing N N 122 
GLY CA  C    sing N N 123 
GLY CA  HA2  sing N N 124 
GLY CA  HA3  sing N N 125 
GLY C   O    doub N N 126 
GLY C   OXT  sing N N 127 
GLY OXT HXT  sing N N 128 
HOH O   H1   sing N N 129 
HOH O   H2   sing N N 130 
ILE N   CA   sing N N 131 
ILE N   H    sing N N 132 
ILE N   H2   sing N N 133 
ILE CA  C    sing N N 134 
ILE CA  CB   sing N N 135 
ILE CA  HA   sing N N 136 
ILE C   O    doub N N 137 
ILE C   OXT  sing N N 138 
ILE CB  CG1  sing N N 139 
ILE CB  CG2  sing N N 140 
ILE CB  HB   sing N N 141 
ILE CG1 CD1  sing N N 142 
ILE CG1 HG12 sing N N 143 
ILE CG1 HG13 sing N N 144 
ILE CG2 HG21 sing N N 145 
ILE CG2 HG22 sing N N 146 
ILE CG2 HG23 sing N N 147 
ILE CD1 HD11 sing N N 148 
ILE CD1 HD12 sing N N 149 
ILE CD1 HD13 sing N N 150 
ILE OXT HXT  sing N N 151 
LEU N   CA   sing N N 152 
LEU N   H    sing N N 153 
LEU N   H2   sing N N 154 
LEU CA  C    sing N N 155 
LEU CA  CB   sing N N 156 
LEU CA  HA   sing N N 157 
LEU C   O    doub N N 158 
LEU C   OXT  sing N N 159 
LEU CB  CG   sing N N 160 
LEU CB  HB2  sing N N 161 
LEU CB  HB3  sing N N 162 
LEU CG  CD1  sing N N 163 
LEU CG  CD2  sing N N 164 
LEU CG  HG   sing N N 165 
LEU CD1 HD11 sing N N 166 
LEU CD1 HD12 sing N N 167 
LEU CD1 HD13 sing N N 168 
LEU CD2 HD21 sing N N 169 
LEU CD2 HD22 sing N N 170 
LEU CD2 HD23 sing N N 171 
LEU OXT HXT  sing N N 172 
LYS N   CA   sing N N 173 
LYS N   H    sing N N 174 
LYS N   H2   sing N N 175 
LYS CA  C    sing N N 176 
LYS CA  CB   sing N N 177 
LYS CA  HA   sing N N 178 
LYS C   O    doub N N 179 
LYS C   OXT  sing N N 180 
LYS CB  CG   sing N N 181 
LYS CB  HB2  sing N N 182 
LYS CB  HB3  sing N N 183 
LYS CG  CD   sing N N 184 
LYS CG  HG2  sing N N 185 
LYS CG  HG3  sing N N 186 
LYS CD  CE   sing N N 187 
LYS CD  HD2  sing N N 188 
LYS CD  HD3  sing N N 189 
LYS CE  NZ   sing N N 190 
LYS CE  HE2  sing N N 191 
LYS CE  HE3  sing N N 192 
LYS NZ  HZ1  sing N N 193 
LYS NZ  HZ2  sing N N 194 
LYS NZ  HZ3  sing N N 195 
LYS OXT HXT  sing N N 196 
MET N   CA   sing N N 197 
MET N   H    sing N N 198 
MET N   H2   sing N N 199 
MET CA  C    sing N N 200 
MET CA  CB   sing N N 201 
MET CA  HA   sing N N 202 
MET C   O    doub N N 203 
MET C   OXT  sing N N 204 
MET CB  CG   sing N N 205 
MET CB  HB2  sing N N 206 
MET CB  HB3  sing N N 207 
MET CG  SD   sing N N 208 
MET CG  HG2  sing N N 209 
MET CG  HG3  sing N N 210 
MET SD  CE   sing N N 211 
MET CE  HE1  sing N N 212 
MET CE  HE2  sing N N 213 
MET CE  HE3  sing N N 214 
MET OXT HXT  sing N N 215 
PHE N   CA   sing N N 216 
PHE N   H    sing N N 217 
PHE N   H2   sing N N 218 
PHE CA  C    sing N N 219 
PHE CA  CB   sing N N 220 
PHE CA  HA   sing N N 221 
PHE C   O    doub N N 222 
PHE C   OXT  sing N N 223 
PHE CB  CG   sing N N 224 
PHE CB  HB2  sing N N 225 
PHE CB  HB3  sing N N 226 
PHE CG  CD1  doub Y N 227 
PHE CG  CD2  sing Y N 228 
PHE CD1 CE1  sing Y N 229 
PHE CD1 HD1  sing N N 230 
PHE CD2 CE2  doub Y N 231 
PHE CD2 HD2  sing N N 232 
PHE CE1 CZ   doub Y N 233 
PHE CE1 HE1  sing N N 234 
PHE CE2 CZ   sing Y N 235 
PHE CE2 HE2  sing N N 236 
PHE CZ  HZ   sing N N 237 
PHE OXT HXT  sing N N 238 
PRO N   CA   sing N N 239 
PRO N   CD   sing N N 240 
PRO N   H    sing N N 241 
PRO CA  C    sing N N 242 
PRO CA  CB   sing N N 243 
PRO CA  HA   sing N N 244 
PRO C   O    doub N N 245 
PRO C   OXT  sing N N 246 
PRO CB  CG   sing N N 247 
PRO CB  HB2  sing N N 248 
PRO CB  HB3  sing N N 249 
PRO CG  CD   sing N N 250 
PRO CG  HG2  sing N N 251 
PRO CG  HG3  sing N N 252 
PRO CD  HD2  sing N N 253 
PRO CD  HD3  sing N N 254 
PRO OXT HXT  sing N N 255 
SER N   CA   sing N N 256 
SER N   H    sing N N 257 
SER N   H2   sing N N 258 
SER CA  C    sing N N 259 
SER CA  CB   sing N N 260 
SER CA  HA   sing N N 261 
SER C   O    doub N N 262 
SER C   OXT  sing N N 263 
SER CB  OG   sing N N 264 
SER CB  HB2  sing N N 265 
SER CB  HB3  sing N N 266 
SER OG  HG   sing N N 267 
SER OXT HXT  sing N N 268 
TFP C1  C2   doub Y N 269 
TFP C1  C6   sing Y N 270 
TFP C1  C21  sing N N 271 
TFP C2  C3   sing Y N 272 
TFP C2  H2   sing N N 273 
TFP C3  C4   doub Y N 274 
TFP C3  H3   sing N N 275 
TFP C4  C5   sing Y N 276 
TFP C4  S    sing N N 277 
TFP C5  C6   doub Y N 278 
TFP C5  N1   sing N N 279 
TFP C6  H6   sing N N 280 
TFP S   C7   sing N N 281 
TFP C7  C8   doub Y N 282 
TFP C7  C12  sing Y N 283 
TFP C8  C9   sing Y N 284 
TFP C8  H8   sing N N 285 
TFP C9  C10  doub Y N 286 
TFP C9  H9   sing N N 287 
TFP C10 C11  sing Y N 288 
TFP C10 H10  sing N N 289 
TFP C11 C12  doub Y N 290 
TFP C11 H11  sing N N 291 
TFP C12 N1   sing N N 292 
TFP N1  C13  sing N N 293 
TFP C13 C14  sing N N 294 
TFP C13 H131 sing N N 295 
TFP C13 H132 sing N N 296 
TFP C14 C15  sing N N 297 
TFP C14 H141 sing N N 298 
TFP C14 H142 sing N N 299 
TFP C15 N2   sing N N 300 
TFP C15 H151 sing N N 301 
TFP C15 H152 sing N N 302 
TFP N2  C16  sing N N 303 
TFP N2  C19  sing N N 304 
TFP C16 C17  sing N N 305 
TFP C16 H161 sing N N 306 
TFP C16 H162 sing N N 307 
TFP C17 N3   sing N N 308 
TFP C17 H171 sing N N 309 
TFP C17 H172 sing N N 310 
TFP N3  C18  sing N N 311 
TFP N3  C20  sing N N 312 
TFP C18 C19  sing N N 313 
TFP C18 H181 sing N N 314 
TFP C18 H182 sing N N 315 
TFP C19 H191 sing N N 316 
TFP C19 H192 sing N N 317 
TFP C20 H201 sing N N 318 
TFP C20 H202 sing N N 319 
TFP C20 H203 sing N N 320 
TFP C21 F1   sing N N 321 
TFP C21 F2   sing N N 322 
TFP C21 F3   sing N N 323 
THR N   CA   sing N N 324 
THR N   H    sing N N 325 
THR N   H2   sing N N 326 
THR CA  C    sing N N 327 
THR CA  CB   sing N N 328 
THR CA  HA   sing N N 329 
THR C   O    doub N N 330 
THR C   OXT  sing N N 331 
THR CB  OG1  sing N N 332 
THR CB  CG2  sing N N 333 
THR CB  HB   sing N N 334 
THR OG1 HG1  sing N N 335 
THR CG2 HG21 sing N N 336 
THR CG2 HG22 sing N N 337 
THR CG2 HG23 sing N N 338 
THR OXT HXT  sing N N 339 
TYR N   CA   sing N N 340 
TYR N   H    sing N N 341 
TYR N   H2   sing N N 342 
TYR CA  C    sing N N 343 
TYR CA  CB   sing N N 344 
TYR CA  HA   sing N N 345 
TYR C   O    doub N N 346 
TYR C   OXT  sing N N 347 
TYR CB  CG   sing N N 348 
TYR CB  HB2  sing N N 349 
TYR CB  HB3  sing N N 350 
TYR CG  CD1  doub Y N 351 
TYR CG  CD2  sing Y N 352 
TYR CD1 CE1  sing Y N 353 
TYR CD1 HD1  sing N N 354 
TYR CD2 CE2  doub Y N 355 
TYR CD2 HD2  sing N N 356 
TYR CE1 CZ   doub Y N 357 
TYR CE1 HE1  sing N N 358 
TYR CE2 CZ   sing Y N 359 
TYR CE2 HE2  sing N N 360 
TYR CZ  OH   sing N N 361 
TYR OH  HH   sing N N 362 
TYR OXT HXT  sing N N 363 
VAL N   CA   sing N N 364 
VAL N   H    sing N N 365 
VAL N   H2   sing N N 366 
VAL CA  C    sing N N 367 
VAL CA  CB   sing N N 368 
VAL CA  HA   sing N N 369 
VAL C   O    doub N N 370 
VAL C   OXT  sing N N 371 
VAL CB  CG1  sing N N 372 
VAL CB  CG2  sing N N 373 
VAL CB  HB   sing N N 374 
VAL CG1 HG11 sing N N 375 
VAL CG1 HG12 sing N N 376 
VAL CG1 HG13 sing N N 377 
VAL CG2 HG21 sing N N 378 
VAL CG2 HG22 sing N N 379 
VAL CG2 HG23 sing N N 380 
VAL OXT HXT  sing N N 381 
# 
loop_
_pdbx_entity_nonpoly.entity_id 
_pdbx_entity_nonpoly.name 
_pdbx_entity_nonpoly.comp_id 
2 'CALCIUM ION'                                                                 CA  
3 '10-[3-(4-METHYL-PIPERAZIN-1-YL)-PROPYL]-2-TRIFLUOROMETHYL-10H-PHENOTHIAZINE' TFP 
4 water                                                                         HOH 
# 
_pdbx_initial_refinement_model.id               1 
_pdbx_initial_refinement_model.entity_id_list   ? 
_pdbx_initial_refinement_model.type             'experimental model' 
_pdbx_initial_refinement_model.source_name      PDB 
_pdbx_initial_refinement_model.accession_code   1DTL 
_pdbx_initial_refinement_model.details          'PDB ENTRY 1DTL' 
# 
